data_8RDI
#
_entry.id   8RDI
#
_cell.length_a   61.671
_cell.length_b   169.978
_cell.length_c   80.074
_cell.angle_alpha   90.00
_cell.angle_beta   97.08
_cell.angle_gamma   90.00
#
_symmetry.space_group_name_H-M   'P 1 21 1'
#
loop_
_entity.id
_entity.type
_entity.pdbx_description
1 polymer 'SDR family NAD(P)-dependent oxidoreductase'
2 non-polymer NICOTINAMIDE-ADENINE-DINUCLEOTIDE
3 non-polymer "GUANOSINE-5'-DIPHOSPHATE-BETA-L-FUCOPYRANOSE"
#
_entity_poly.entity_id   1
_entity_poly.type   'polypeptide(L)'
_entity_poly.pdbx_seq_one_letter_code
;MRVLVTGGAGFIGSHLVDRLMEEGYKVRVLDDLSAGSLKNIEGWLGNENFEFIKGDMRDVEIVSKAVKDVDAVFHLAANP
EVRIGSQSPELLYETNVLITYNLLNAVRNSGVKYLVFTSSSTVYGDAKVIPTPEDYAPLEPISVFGAAKLAAEALISGYA
HTFDFRALIIRLANIIGKRSNHGVIYDFINKLKANPNELEILGDGTQRKSYLHISDTIDGIMKLFEHFLNGEERVDFYNL
GNEDWITVKEIAEIVSEEMNLNPRFKFTGGVDGGRGWKGDVKLMLLSIEKAKRTGWKPRMNSYEAVRKTVREMLEENILE
HHHHHH
;
_entity_poly.pdbx_strand_id   A,B,C,D
#
loop_
_chem_comp.id
_chem_comp.type
_chem_comp.name
_chem_comp.formula
GFB non-polymer GUANOSINE-5'-DIPHOSPHATE-BETA-L-FUCOPYRANOSE 'C16 H25 N5 O15 P2'
NAD non-polymer NICOTINAMIDE-ADENINE-DINUCLEOTIDE 'C21 H27 N7 O14 P2'
#
# COMPACT_ATOMS: atom_id res chain seq x y z
N MET A 1 -25.16 13.31 11.70
CA MET A 1 -23.93 14.11 11.37
C MET A 1 -24.25 15.34 10.55
N ARG A 2 -23.76 16.50 11.00
CA ARG A 2 -23.93 17.74 10.28
C ARG A 2 -22.68 18.02 9.43
N VAL A 3 -22.91 18.37 8.17
CA VAL A 3 -21.83 18.66 7.23
C VAL A 3 -22.11 19.99 6.55
N LEU A 4 -21.04 20.76 6.38
CA LEU A 4 -21.03 21.98 5.57
C LEU A 4 -20.52 21.60 4.19
N VAL A 5 -21.14 22.18 3.15
CA VAL A 5 -20.66 21.99 1.77
C VAL A 5 -20.39 23.38 1.21
N THR A 6 -19.14 23.83 1.30
CA THR A 6 -18.78 25.09 0.68
C THR A 6 -18.80 24.92 -0.83
N GLY A 7 -19.24 25.96 -1.54
CA GLY A 7 -19.45 25.83 -2.97
C GLY A 7 -20.58 24.89 -3.33
N GLY A 8 -21.45 24.57 -2.36
CA GLY A 8 -22.51 23.59 -2.53
C GLY A 8 -23.61 23.99 -3.50
N ALA A 9 -23.57 25.20 -4.04
CA ALA A 9 -24.48 25.61 -5.11
C ALA A 9 -23.86 25.41 -6.49
N GLY A 10 -22.67 24.83 -6.57
CA GLY A 10 -21.99 24.62 -7.83
C GLY A 10 -22.44 23.34 -8.52
N PHE A 11 -21.71 23.02 -9.59
CA PHE A 11 -22.01 21.82 -10.37
C PHE A 11 -21.88 20.57 -9.52
N ILE A 12 -20.66 20.27 -9.06
CA ILE A 12 -20.46 19.10 -8.22
C ILE A 12 -21.08 19.33 -6.85
N GLY A 13 -21.04 20.58 -6.37
CA GLY A 13 -21.53 20.87 -5.04
C GLY A 13 -23.02 20.64 -4.88
N SER A 14 -23.81 21.04 -5.88
CA SER A 14 -25.25 20.90 -5.76
C SER A 14 -25.68 19.44 -5.82
N HIS A 15 -25.01 18.63 -6.64
CA HIS A 15 -25.29 17.19 -6.67
C HIS A 15 -24.87 16.54 -5.37
N LEU A 16 -23.71 16.92 -4.82
CA LEU A 16 -23.33 16.41 -3.50
C LEU A 16 -24.37 16.80 -2.45
N VAL A 17 -24.92 18.00 -2.56
CA VAL A 17 -25.95 18.45 -1.61
C VAL A 17 -27.20 17.60 -1.72
N ASP A 18 -27.69 17.40 -2.96
CA ASP A 18 -28.82 16.51 -3.17
C ASP A 18 -28.56 15.16 -2.51
N ARG A 19 -27.38 14.59 -2.76
CA ARG A 19 -27.04 13.30 -2.20
C ARG A 19 -27.06 13.33 -0.67
N LEU A 20 -26.43 14.33 -0.08
CA LEU A 20 -26.34 14.41 1.37
C LEU A 20 -27.72 14.54 2.00
N MET A 21 -28.57 15.40 1.42
CA MET A 21 -29.94 15.50 1.91
C MET A 21 -30.65 14.16 1.86
N GLU A 22 -30.53 13.46 0.72
CA GLU A 22 -31.26 12.20 0.58
C GLU A 22 -30.79 11.13 1.56
N GLU A 23 -29.50 11.10 1.91
CA GLU A 23 -29.04 10.13 2.90
C GLU A 23 -29.34 10.57 4.33
N GLY A 24 -30.03 11.68 4.53
CA GLY A 24 -30.42 12.13 5.85
C GLY A 24 -29.38 12.96 6.57
N TYR A 25 -28.39 13.49 5.86
CA TYR A 25 -27.46 14.41 6.49
C TYR A 25 -28.12 15.74 6.77
N LYS A 26 -27.61 16.45 7.78
CA LYS A 26 -27.95 17.84 8.03
C LYS A 26 -26.96 18.70 7.25
N VAL A 27 -27.44 19.39 6.22
CA VAL A 27 -26.58 20.06 5.26
C VAL A 27 -26.69 21.57 5.38
N ARG A 28 -25.56 22.21 5.62
CA ARG A 28 -25.40 23.65 5.42
C ARG A 28 -24.61 23.86 4.13
N VAL A 29 -25.04 24.83 3.34
CA VAL A 29 -24.36 25.21 2.10
C VAL A 29 -23.84 26.63 2.28
N LEU A 30 -22.59 26.85 1.91
CA LEU A 30 -21.99 28.18 1.93
C LEU A 30 -21.54 28.50 0.51
N ASP A 31 -22.11 29.54 -0.08
CA ASP A 31 -21.78 29.83 -1.47
C ASP A 31 -22.12 31.28 -1.81
N ASP A 32 -21.16 31.97 -2.40
CA ASP A 32 -21.36 33.37 -2.80
C ASP A 32 -22.10 33.50 -4.12
N LEU A 33 -22.46 32.40 -4.76
CA LEU A 33 -23.23 32.41 -5.99
C LEU A 33 -22.54 33.25 -7.08
N SER A 34 -21.21 33.26 -7.05
CA SER A 34 -20.42 33.90 -8.10
C SER A 34 -20.43 33.08 -9.38
N ALA A 35 -20.62 31.75 -9.26
CA ALA A 35 -20.75 30.85 -10.39
C ALA A 35 -21.91 29.85 -10.26
N GLY A 36 -22.24 29.39 -9.05
CA GLY A 36 -23.41 28.56 -8.84
C GLY A 36 -24.67 29.39 -8.89
N SER A 37 -25.79 28.70 -8.67
CA SER A 37 -27.10 29.32 -8.76
C SER A 37 -28.02 28.74 -7.71
N LEU A 38 -28.89 29.58 -7.15
CA LEU A 38 -29.87 29.09 -6.17
C LEU A 38 -30.79 28.05 -6.79
N LYS A 39 -31.07 28.16 -8.09
CA LYS A 39 -31.87 27.14 -8.75
C LYS A 39 -31.34 25.76 -8.38
N ASN A 40 -30.04 25.56 -8.54
CA ASN A 40 -29.40 24.27 -8.32
C ASN A 40 -29.63 23.71 -6.93
N ILE A 41 -30.12 24.50 -5.97
CA ILE A 41 -30.44 23.93 -4.66
C ILE A 41 -31.72 24.52 -4.08
N GLU A 42 -32.43 25.36 -4.86
CA GLU A 42 -33.62 25.97 -4.26
C GLU A 42 -34.66 24.91 -3.93
N GLY A 43 -34.58 23.75 -4.57
CA GLY A 43 -35.49 22.67 -4.26
C GLY A 43 -35.47 22.26 -2.80
N TRP A 44 -34.34 22.45 -2.12
CA TRP A 44 -34.22 22.02 -0.74
C TRP A 44 -34.63 23.09 0.28
N LEU A 45 -34.78 24.35 -0.14
CA LEU A 45 -35.23 25.41 0.76
C LEU A 45 -36.57 25.07 1.41
N GLY A 46 -36.63 25.24 2.72
CA GLY A 46 -37.80 24.90 3.51
C GLY A 46 -37.69 23.57 4.22
N ASN A 47 -36.71 22.75 3.88
CA ASN A 47 -36.46 21.52 4.62
C ASN A 47 -35.85 21.84 5.99
N GLU A 48 -36.27 21.06 6.99
CA GLU A 48 -35.76 21.25 8.33
C GLU A 48 -34.29 20.90 8.44
N ASN A 49 -33.79 20.11 7.50
CA ASN A 49 -32.41 19.64 7.49
C ASN A 49 -31.50 20.45 6.59
N PHE A 50 -31.98 21.54 5.98
CA PHE A 50 -31.19 22.28 5.00
C PHE A 50 -31.10 23.75 5.37
N GLU A 51 -29.86 24.28 5.33
CA GLU A 51 -29.63 25.71 5.51
C GLU A 51 -28.68 26.21 4.43
N PHE A 52 -29.01 27.37 3.84
CA PHE A 52 -28.17 28.00 2.83
C PHE A 52 -27.66 29.34 3.33
N ILE A 53 -26.40 29.62 3.04
CA ILE A 53 -25.75 30.86 3.44
C ILE A 53 -25.06 31.44 2.21
N LYS A 54 -25.51 32.60 1.76
CA LYS A 54 -24.86 33.33 0.68
C LYS A 54 -23.73 34.16 1.27
N GLY A 55 -22.49 33.81 0.95
CA GLY A 55 -21.33 34.47 1.52
C GLY A 55 -20.04 34.18 0.79
N ASP A 56 -19.14 35.17 0.74
CA ASP A 56 -17.84 35.01 0.12
C ASP A 56 -16.82 34.57 1.18
N MET A 57 -16.13 33.46 0.89
CA MET A 57 -15.20 32.89 1.85
C MET A 57 -13.95 33.74 2.06
N ARG A 58 -13.75 34.80 1.28
CA ARG A 58 -12.72 35.78 1.61
C ARG A 58 -12.98 36.44 2.96
N ASP A 59 -14.25 36.52 3.37
CA ASP A 59 -14.64 37.15 4.62
C ASP A 59 -14.55 36.12 5.74
N VAL A 60 -13.66 36.36 6.71
CA VAL A 60 -13.36 35.35 7.73
C VAL A 60 -14.51 35.13 8.70
N GLU A 61 -15.29 36.17 9.01
CA GLU A 61 -16.42 36.00 9.92
C GLU A 61 -17.46 35.03 9.34
N ILE A 62 -17.78 35.21 8.06
CA ILE A 62 -18.70 34.30 7.39
C ILE A 62 -18.27 32.85 7.60
N VAL A 63 -16.99 32.56 7.31
CA VAL A 63 -16.52 31.18 7.33
C VAL A 63 -16.44 30.66 8.75
N SER A 64 -16.04 31.52 9.70
CA SER A 64 -16.04 31.12 11.10
C SER A 64 -17.45 30.75 11.55
N LYS A 65 -18.45 31.48 11.06
CA LYS A 65 -19.83 31.17 11.43
C LYS A 65 -20.28 29.85 10.82
N ALA A 66 -19.93 29.61 9.55
CA ALA A 66 -20.47 28.44 8.84
C ALA A 66 -19.99 27.13 9.44
N VAL A 67 -18.73 27.07 9.90
CA VAL A 67 -18.22 25.84 10.49
C VAL A 67 -18.68 25.68 11.94
N LYS A 68 -19.44 26.63 12.47
CA LYS A 68 -20.01 26.47 13.79
C LYS A 68 -21.01 25.32 13.78
N ASP A 69 -20.83 24.38 14.71
CA ASP A 69 -21.78 23.28 14.89
C ASP A 69 -21.81 22.35 13.68
N VAL A 70 -20.65 22.11 13.08
CA VAL A 70 -20.52 21.23 11.93
C VAL A 70 -19.49 20.15 12.26
N ASP A 71 -19.83 18.90 11.98
CA ASP A 71 -18.90 17.81 12.21
C ASP A 71 -18.04 17.48 11.01
N ALA A 72 -18.51 17.73 9.79
CA ALA A 72 -17.69 17.48 8.61
C ALA A 72 -17.86 18.61 7.60
N VAL A 73 -16.78 18.93 6.90
CA VAL A 73 -16.77 19.97 5.87
C VAL A 73 -16.39 19.34 4.53
N PHE A 74 -17.17 19.66 3.50
CA PHE A 74 -16.85 19.33 2.11
C PHE A 74 -16.55 20.65 1.43
N HIS A 75 -15.25 20.90 1.17
CA HIS A 75 -14.78 22.18 0.68
C HIS A 75 -14.68 22.13 -0.84
N LEU A 76 -15.81 22.38 -1.50
CA LEU A 76 -15.89 22.39 -2.95
C LEU A 76 -15.85 23.79 -3.54
N ALA A 77 -15.79 24.82 -2.69
CA ALA A 77 -15.78 26.19 -3.18
C ALA A 77 -14.46 26.48 -3.87
N ALA A 78 -14.53 27.01 -5.10
CA ALA A 78 -13.34 27.37 -5.85
C ALA A 78 -13.77 27.94 -7.20
N ASN A 79 -12.79 28.53 -7.89
CA ASN A 79 -12.91 28.81 -9.32
C ASN A 79 -12.15 27.73 -10.04
N PRO A 80 -12.82 26.81 -10.78
CA PRO A 80 -12.13 25.67 -11.37
C PRO A 80 -11.51 25.93 -12.73
N GLU A 81 -11.65 27.13 -13.27
CA GLU A 81 -11.32 27.41 -14.66
C GLU A 81 -9.80 27.55 -14.79
N VAL A 82 -9.16 26.54 -15.40
CA VAL A 82 -7.73 26.65 -15.67
C VAL A 82 -7.46 27.71 -16.74
N ARG A 83 -8.37 27.87 -17.71
CA ARG A 83 -8.08 28.73 -18.85
C ARG A 83 -7.66 30.13 -18.44
N ILE A 84 -8.17 30.63 -17.31
CA ILE A 84 -7.98 32.03 -16.94
C ILE A 84 -6.70 32.21 -16.13
N GLY A 85 -5.87 31.17 -16.07
CA GLY A 85 -4.70 31.22 -15.21
C GLY A 85 -3.63 32.19 -15.67
N SER A 86 -3.46 32.34 -16.99
CA SER A 86 -2.46 33.27 -17.50
C SER A 86 -3.00 34.69 -17.59
N GLN A 87 -4.31 34.86 -17.54
CA GLN A 87 -4.95 36.17 -17.52
C GLN A 87 -5.19 36.63 -16.09
N SER A 88 -5.72 35.74 -15.25
CA SER A 88 -6.20 36.09 -13.91
C SER A 88 -5.63 35.16 -12.85
N PRO A 89 -4.31 35.15 -12.67
CA PRO A 89 -3.75 34.32 -11.59
C PRO A 89 -4.16 34.78 -10.20
N GLU A 90 -4.42 36.08 -10.00
CA GLU A 90 -4.87 36.55 -8.70
C GLU A 90 -6.21 35.91 -8.31
N LEU A 91 -7.11 35.76 -9.28
CA LEU A 91 -8.41 35.16 -8.98
C LEU A 91 -8.28 33.73 -8.50
N LEU A 92 -7.42 32.94 -9.15
CA LEU A 92 -7.21 31.56 -8.74
C LEU A 92 -6.51 31.51 -7.38
N TYR A 93 -5.55 32.40 -7.14
CA TYR A 93 -4.94 32.49 -5.83
C TYR A 93 -6.01 32.68 -4.76
N GLU A 94 -6.92 33.63 -5.00
CA GLU A 94 -7.96 33.96 -4.03
C GLU A 94 -8.90 32.79 -3.79
N THR A 95 -9.52 32.29 -4.87
CA THR A 95 -10.55 31.27 -4.75
C THR A 95 -10.02 29.87 -4.53
N ASN A 96 -8.70 29.67 -4.47
CA ASN A 96 -8.17 28.35 -4.16
C ASN A 96 -7.33 28.32 -2.89
N VAL A 97 -6.32 29.19 -2.78
CA VAL A 97 -5.46 29.17 -1.60
C VAL A 97 -6.04 30.01 -0.47
N LEU A 98 -6.46 31.24 -0.79
CA LEU A 98 -6.87 32.17 0.25
C LEU A 98 -8.08 31.67 1.02
N ILE A 99 -9.15 31.29 0.30
CA ILE A 99 -10.37 30.87 1.00
C ILE A 99 -10.17 29.51 1.65
N THR A 100 -9.28 28.67 1.11
CA THR A 100 -8.91 27.45 1.80
C THR A 100 -8.16 27.76 3.10
N TYR A 101 -7.24 28.72 3.04
CA TYR A 101 -6.53 29.16 4.24
C TYR A 101 -7.52 29.66 5.29
N ASN A 102 -8.50 30.47 4.88
CA ASN A 102 -9.50 30.97 5.81
C ASN A 102 -10.37 29.85 6.37
N LEU A 103 -10.82 28.93 5.51
CA LEU A 103 -11.56 27.77 6.01
C LEU A 103 -10.76 27.06 7.10
N LEU A 104 -9.46 26.85 6.86
CA LEU A 104 -8.63 26.13 7.82
C LEU A 104 -8.51 26.89 9.14
N ASN A 105 -8.32 28.21 9.07
CA ASN A 105 -8.27 29.00 10.29
C ASN A 105 -9.59 28.91 11.05
N ALA A 106 -10.70 28.91 10.32
CA ALA A 106 -12.00 28.70 10.95
C ALA A 106 -12.07 27.32 11.60
N VAL A 107 -11.63 26.29 10.88
CA VAL A 107 -11.72 24.92 11.37
C VAL A 107 -10.95 24.77 12.67
N ARG A 108 -9.84 25.49 12.80
CA ARG A 108 -9.02 25.37 14.00
C ARG A 108 -9.81 25.71 15.25
N ASN A 109 -10.69 26.71 15.15
CA ASN A 109 -11.50 27.17 16.29
C ASN A 109 -12.89 26.59 16.26
N SER A 110 -13.03 25.31 15.88
CA SER A 110 -14.34 24.69 15.74
C SER A 110 -14.24 23.24 16.16
N GLY A 111 -15.32 22.50 15.92
CA GLY A 111 -15.35 21.08 16.22
C GLY A 111 -15.43 20.24 14.97
N VAL A 112 -15.04 20.81 13.83
CA VAL A 112 -14.99 20.03 12.59
C VAL A 112 -13.97 18.91 12.77
N LYS A 113 -14.42 17.68 12.55
CA LYS A 113 -13.56 16.51 12.67
C LYS A 113 -13.01 16.05 11.33
N TYR A 114 -13.74 16.32 10.25
CA TYR A 114 -13.37 15.82 8.92
C TYR A 114 -13.43 16.96 7.92
N LEU A 115 -12.43 17.02 7.04
CA LEU A 115 -12.42 17.97 5.93
C LEU A 115 -12.14 17.19 4.66
N VAL A 116 -13.07 17.24 3.71
CA VAL A 116 -12.93 16.60 2.41
C VAL A 116 -12.72 17.70 1.38
N PHE A 117 -11.66 17.58 0.59
CA PHE A 117 -11.29 18.60 -0.37
C PHE A 117 -11.29 18.00 -1.77
N THR A 118 -11.92 18.72 -2.70
CA THR A 118 -11.96 18.34 -4.11
C THR A 118 -10.73 18.92 -4.79
N SER A 119 -9.65 18.15 -4.81
CA SER A 119 -8.44 18.53 -5.53
C SER A 119 -8.58 18.11 -6.99
N SER A 120 -7.53 18.34 -7.77
CA SER A 120 -7.59 18.14 -9.21
C SER A 120 -6.39 17.36 -9.71
N SER A 121 -6.59 16.67 -10.83
CA SER A 121 -5.48 16.00 -11.51
C SER A 121 -4.34 16.96 -11.84
N THR A 122 -4.66 18.25 -12.01
CA THR A 122 -3.66 19.21 -12.47
C THR A 122 -2.49 19.35 -11.50
N VAL A 123 -2.64 18.89 -10.26
CA VAL A 123 -1.52 18.93 -9.32
C VAL A 123 -0.35 18.12 -9.86
N TYR A 124 -0.62 17.05 -10.62
CA TYR A 124 0.47 16.28 -11.22
C TYR A 124 1.06 16.99 -12.43
N GLY A 125 0.36 17.99 -12.97
CA GLY A 125 0.84 18.66 -14.17
C GLY A 125 0.91 17.68 -15.33
N ASP A 126 1.97 17.82 -16.13
CA ASP A 126 2.27 16.86 -17.19
C ASP A 126 2.97 15.65 -16.56
N ALA A 127 2.15 14.76 -16.01
CA ALA A 127 2.66 13.59 -15.33
C ALA A 127 3.34 12.66 -16.33
N LYS A 128 4.55 12.23 -15.99
CA LYS A 128 5.32 11.35 -16.86
C LYS A 128 4.97 9.88 -16.65
N VAL A 129 4.22 9.55 -15.61
CA VAL A 129 3.74 8.20 -15.33
C VAL A 129 2.23 8.19 -15.55
N ILE A 130 1.77 7.27 -16.40
CA ILE A 130 0.33 7.15 -16.67
C ILE A 130 -0.06 5.68 -16.68
N PRO A 131 -1.13 5.27 -15.99
CA PRO A 131 -2.05 6.09 -15.17
C PRO A 131 -1.30 6.65 -13.97
N THR A 132 -1.62 7.87 -13.57
CA THR A 132 -0.83 8.54 -12.55
C THR A 132 -1.31 8.06 -11.17
N PRO A 133 -0.47 7.41 -10.38
CA PRO A 133 -0.86 7.03 -9.03
C PRO A 133 -0.80 8.20 -8.05
N GLU A 134 -1.41 8.00 -6.89
CA GLU A 134 -1.47 9.05 -5.88
C GLU A 134 -0.10 9.44 -5.36
N ASP A 135 0.92 8.60 -5.52
CA ASP A 135 2.25 8.90 -5.01
C ASP A 135 3.20 9.43 -6.08
N TYR A 136 2.70 9.71 -7.29
CA TYR A 136 3.55 10.29 -8.31
C TYR A 136 4.14 11.61 -7.81
N ALA A 137 5.40 11.85 -8.14
CA ALA A 137 6.13 13.01 -7.64
C ALA A 137 7.52 13.06 -8.26
N PRO A 138 8.23 14.20 -8.19
CA PRO A 138 7.84 15.48 -7.55
C PRO A 138 6.64 16.11 -8.24
N LEU A 139 5.73 16.69 -7.47
CA LEU A 139 4.55 17.33 -8.05
C LEU A 139 4.97 18.67 -8.62
N GLU A 140 4.89 18.79 -9.95
CA GLU A 140 5.35 19.98 -10.67
C GLU A 140 4.19 20.48 -11.52
N PRO A 141 3.19 21.08 -10.89
CA PRO A 141 2.06 21.61 -11.66
C PRO A 141 2.53 22.66 -12.64
N ILE A 142 1.90 22.68 -13.81
CA ILE A 142 2.24 23.56 -14.91
C ILE A 142 1.23 24.69 -15.08
N SER A 143 0.22 24.75 -14.23
CA SER A 143 -0.78 25.81 -14.28
C SER A 143 -0.83 26.50 -12.93
N VAL A 144 -1.16 27.80 -12.96
CA VAL A 144 -1.44 28.50 -11.72
C VAL A 144 -2.55 27.79 -10.96
N PHE A 145 -3.56 27.28 -11.68
CA PHE A 145 -4.67 26.60 -11.01
C PHE A 145 -4.19 25.35 -10.29
N GLY A 146 -3.47 24.46 -11.00
CA GLY A 146 -2.96 23.26 -10.36
C GLY A 146 -2.04 23.57 -9.20
N ALA A 147 -1.23 24.62 -9.33
CA ALA A 147 -0.36 25.05 -8.23
C ALA A 147 -1.18 25.51 -7.02
N ALA A 148 -2.26 26.25 -7.27
CA ALA A 148 -3.10 26.71 -6.16
C ALA A 148 -3.81 25.53 -5.50
N LYS A 149 -4.23 24.55 -6.31
CA LYS A 149 -4.87 23.37 -5.74
C LYS A 149 -3.88 22.59 -4.88
N LEU A 150 -2.64 22.43 -5.36
CA LEU A 150 -1.62 21.75 -4.56
C LEU A 150 -1.33 22.50 -3.28
N ALA A 151 -1.19 23.82 -3.36
CA ALA A 151 -0.97 24.61 -2.15
C ALA A 151 -2.10 24.43 -1.16
N ALA A 152 -3.34 24.43 -1.64
CA ALA A 152 -4.47 24.13 -0.78
C ALA A 152 -4.32 22.78 -0.12
N GLU A 153 -3.94 21.76 -0.90
CA GLU A 153 -3.69 20.44 -0.30
C GLU A 153 -2.68 20.55 0.82
N ALA A 154 -1.58 21.25 0.56
CA ALA A 154 -0.50 21.35 1.55
C ALA A 154 -1.01 21.98 2.83
N LEU A 155 -1.74 23.10 2.73
CA LEU A 155 -2.26 23.74 3.93
C LEU A 155 -3.25 22.81 4.64
N ILE A 156 -4.08 22.10 3.89
CA ILE A 156 -5.00 21.14 4.50
C ILE A 156 -4.24 20.14 5.34
N SER A 157 -3.19 19.56 4.78
CA SER A 157 -2.43 18.54 5.50
C SER A 157 -1.76 19.13 6.74
N GLY A 158 -1.11 20.28 6.58
CA GLY A 158 -0.41 20.89 7.70
C GLY A 158 -1.34 21.23 8.84
N TYR A 159 -2.49 21.83 8.53
CA TYR A 159 -3.46 22.15 9.57
C TYR A 159 -4.08 20.88 10.17
N ALA A 160 -4.32 19.86 9.34
CA ALA A 160 -4.89 18.62 9.85
C ALA A 160 -3.99 18.00 10.91
N HIS A 161 -2.68 17.94 10.64
CA HIS A 161 -1.77 17.39 11.63
C HIS A 161 -1.61 18.33 12.82
N THR A 162 -1.53 19.63 12.56
CA THR A 162 -1.23 20.58 13.64
C THR A 162 -2.37 20.73 14.62
N PHE A 163 -3.61 20.85 14.14
CA PHE A 163 -4.76 21.15 14.98
C PHE A 163 -5.74 19.99 15.09
N ASP A 164 -5.30 18.77 14.80
CA ASP A 164 -6.03 17.55 15.12
C ASP A 164 -7.44 17.54 14.53
N PHE A 165 -7.50 17.69 13.21
CA PHE A 165 -8.63 17.19 12.44
C PHE A 165 -8.08 16.30 11.34
N ARG A 166 -8.97 15.52 10.74
CA ARG A 166 -8.61 14.60 9.67
C ARG A 166 -9.03 15.17 8.32
N ALA A 167 -8.26 14.83 7.28
CA ALA A 167 -8.44 15.41 5.97
C ALA A 167 -8.41 14.33 4.89
N LEU A 168 -9.39 14.39 3.99
CA LEU A 168 -9.52 13.49 2.84
C LEU A 168 -9.40 14.33 1.58
N ILE A 169 -8.31 14.13 0.85
CA ILE A 169 -8.00 14.89 -0.36
C ILE A 169 -8.30 13.98 -1.54
N ILE A 170 -9.18 14.42 -2.43
CA ILE A 170 -9.67 13.58 -3.53
C ILE A 170 -9.31 14.29 -4.81
N ARG A 171 -8.34 13.74 -5.55
CA ARG A 171 -7.89 14.35 -6.79
C ARG A 171 -8.83 13.90 -7.91
N LEU A 172 -9.72 14.80 -8.31
CA LEU A 172 -10.72 14.51 -9.32
C LEU A 172 -10.11 14.73 -10.70
N ALA A 173 -10.45 13.85 -11.63
CA ALA A 173 -10.21 14.09 -13.04
C ALA A 173 -11.28 15.04 -13.57
N ASN A 174 -11.38 15.15 -14.89
CA ASN A 174 -12.43 15.97 -15.49
C ASN A 174 -13.81 15.39 -15.17
N ILE A 175 -14.67 16.21 -14.59
CA ILE A 175 -16.02 15.82 -14.19
C ILE A 175 -17.01 16.47 -15.14
N ILE A 176 -17.98 15.70 -15.62
CA ILE A 176 -18.97 16.17 -16.59
C ILE A 176 -20.35 15.70 -16.15
N GLY A 177 -21.36 16.51 -16.46
CA GLY A 177 -22.73 16.12 -16.18
C GLY A 177 -23.65 17.32 -16.07
N LYS A 178 -24.89 17.00 -15.71
CA LYS A 178 -25.95 17.99 -15.60
C LYS A 178 -25.56 19.08 -14.59
N ARG A 179 -25.87 20.33 -14.92
CA ARG A 179 -25.58 21.55 -14.16
C ARG A 179 -24.15 22.04 -14.41
N SER A 180 -23.35 21.34 -15.21
CA SER A 180 -22.01 21.83 -15.51
C SER A 180 -22.12 23.05 -16.39
N ASN A 181 -21.58 24.18 -15.91
CA ASN A 181 -21.57 25.43 -16.66
C ASN A 181 -20.18 25.83 -17.13
N HIS A 182 -19.25 24.88 -17.17
CA HIS A 182 -17.92 25.12 -17.68
C HIS A 182 -17.41 23.83 -18.33
N GLY A 183 -16.32 23.95 -19.07
CA GLY A 183 -15.68 22.81 -19.69
C GLY A 183 -15.86 22.81 -21.20
N VAL A 184 -15.32 21.75 -21.81
CA VAL A 184 -15.21 21.69 -23.27
C VAL A 184 -16.54 21.34 -23.91
N ILE A 185 -17.34 20.48 -23.27
CA ILE A 185 -18.65 20.14 -23.81
C ILE A 185 -19.57 21.36 -23.80
N TYR A 186 -19.64 22.04 -22.65
CA TYR A 186 -20.42 23.27 -22.53
C TYR A 186 -20.04 24.26 -23.64
N ASP A 187 -18.73 24.51 -23.78
CA ASP A 187 -18.27 25.53 -24.72
C ASP A 187 -18.50 25.10 -26.17
N PHE A 188 -18.31 23.82 -26.48
CA PHE A 188 -18.57 23.34 -27.84
C PHE A 188 -20.06 23.45 -28.17
N ILE A 189 -20.93 23.09 -27.23
CA ILE A 189 -22.36 23.18 -27.48
C ILE A 189 -22.75 24.63 -27.74
N ASN A 190 -22.21 25.56 -26.95
CA ASN A 190 -22.60 26.96 -27.15
C ASN A 190 -21.99 27.53 -28.42
N LYS A 191 -20.78 27.09 -28.76
CA LYS A 191 -20.16 27.45 -30.03
C LYS A 191 -21.03 27.03 -31.21
N LEU A 192 -21.56 25.81 -31.17
CA LEU A 192 -22.43 25.33 -32.24
C LEU A 192 -23.84 25.90 -32.16
N LYS A 193 -24.27 26.38 -30.98
CA LYS A 193 -25.49 27.19 -30.92
C LYS A 193 -25.32 28.48 -31.70
N ALA A 194 -24.16 29.13 -31.58
CA ALA A 194 -23.97 30.39 -32.30
C ALA A 194 -23.70 30.17 -33.80
N ASN A 195 -23.01 29.09 -34.15
CA ASN A 195 -22.77 28.75 -35.56
C ASN A 195 -22.72 27.24 -35.71
N PRO A 196 -23.75 26.62 -36.30
CA PRO A 196 -23.73 25.15 -36.44
C PRO A 196 -22.80 24.64 -37.54
N ASN A 197 -22.25 25.53 -38.35
CA ASN A 197 -21.51 25.11 -39.53
C ASN A 197 -20.06 24.80 -39.25
N GLU A 198 -19.48 25.40 -38.20
CA GLU A 198 -18.05 25.30 -37.92
C GLU A 198 -17.84 25.19 -36.43
N LEU A 199 -16.71 24.58 -36.04
CA LEU A 199 -16.34 24.46 -34.64
C LEU A 199 -14.86 24.78 -34.45
N GLU A 200 -14.59 25.86 -33.71
CA GLU A 200 -13.23 26.20 -33.30
C GLU A 200 -12.82 25.31 -32.13
N ILE A 201 -11.78 24.51 -32.33
CA ILE A 201 -11.25 23.63 -31.29
C ILE A 201 -9.94 24.23 -30.84
N LEU A 202 -9.84 24.56 -29.55
CA LEU A 202 -8.62 25.17 -29.02
C LEU A 202 -7.52 24.12 -28.90
N GLY A 203 -6.34 24.45 -29.41
CA GLY A 203 -5.23 23.51 -29.41
C GLY A 203 -5.19 22.73 -30.71
N ASP A 204 -4.60 21.55 -30.65
CA ASP A 204 -4.50 20.66 -31.80
C ASP A 204 -5.54 19.53 -31.76
N GLY A 205 -6.41 19.51 -30.76
CA GLY A 205 -7.47 18.51 -30.66
C GLY A 205 -7.05 17.17 -30.14
N THR A 206 -5.77 16.97 -29.83
CA THR A 206 -5.27 15.68 -29.42
C THR A 206 -5.18 15.55 -27.90
N GLN A 207 -5.58 16.58 -27.16
CA GLN A 207 -5.59 16.51 -25.70
C GLN A 207 -6.48 15.36 -25.26
N ARG A 208 -5.90 14.41 -24.52
CA ARG A 208 -6.58 13.18 -24.12
C ARG A 208 -6.74 13.19 -22.60
N LYS A 209 -7.97 13.07 -22.13
CA LYS A 209 -8.24 13.19 -20.70
C LYS A 209 -9.31 12.19 -20.27
N SER A 210 -9.27 11.86 -18.97
CA SER A 210 -10.21 10.95 -18.35
C SER A 210 -11.41 11.74 -17.83
N TYR A 211 -12.61 11.38 -18.29
CA TYR A 211 -13.85 12.05 -17.91
C TYR A 211 -14.71 11.12 -17.08
N LEU A 212 -15.24 11.65 -15.98
CA LEU A 212 -16.14 10.94 -15.08
C LEU A 212 -17.47 11.67 -15.09
N HIS A 213 -18.55 10.92 -15.26
CA HIS A 213 -19.86 11.53 -15.14
C HIS A 213 -20.14 11.88 -13.68
N ILE A 214 -20.90 12.95 -13.49
CA ILE A 214 -21.13 13.46 -12.14
C ILE A 214 -21.77 12.39 -11.26
N SER A 215 -22.54 11.48 -11.86
CA SER A 215 -23.15 10.41 -11.07
C SER A 215 -22.08 9.52 -10.45
N ASP A 216 -21.17 9.02 -11.28
CA ASP A 216 -20.04 8.25 -10.76
C ASP A 216 -19.22 9.07 -9.79
N THR A 217 -19.09 10.37 -10.07
CA THR A 217 -18.29 11.25 -9.22
C THR A 217 -18.86 11.31 -7.80
N ILE A 218 -20.17 11.47 -7.67
CA ILE A 218 -20.76 11.58 -6.33
C ILE A 218 -20.78 10.21 -5.65
N ASP A 219 -21.07 9.15 -6.41
CA ASP A 219 -20.98 7.80 -5.86
C ASP A 219 -19.61 7.56 -5.24
N GLY A 220 -18.56 7.94 -5.98
CA GLY A 220 -17.21 7.73 -5.49
C GLY A 220 -16.87 8.63 -4.31
N ILE A 221 -17.26 9.90 -4.37
CA ILE A 221 -17.00 10.79 -3.23
C ILE A 221 -17.61 10.20 -1.96
N MET A 222 -18.84 9.69 -2.05
CA MET A 222 -19.47 9.14 -0.85
C MET A 222 -18.80 7.84 -0.40
N LYS A 223 -18.45 6.96 -1.35
CA LYS A 223 -17.75 5.73 -0.95
C LYS A 223 -16.45 6.08 -0.23
N LEU A 224 -15.68 7.01 -0.78
CA LEU A 224 -14.42 7.39 -0.18
C LEU A 224 -14.62 8.04 1.18
N PHE A 225 -15.62 8.92 1.30
CA PHE A 225 -15.89 9.54 2.59
C PHE A 225 -16.22 8.51 3.65
N GLU A 226 -17.10 7.57 3.33
CA GLU A 226 -17.46 6.52 4.30
C GLU A 226 -16.24 5.69 4.68
N HIS A 227 -15.49 5.22 3.68
CA HIS A 227 -14.29 4.44 3.97
C HIS A 227 -13.30 5.22 4.82
N PHE A 228 -13.14 6.52 4.53
CA PHE A 228 -12.23 7.36 5.28
C PHE A 228 -12.68 7.51 6.72
N LEU A 229 -13.99 7.64 6.93
CA LEU A 229 -14.51 7.64 8.28
C LEU A 229 -14.15 6.34 8.99
N ASN A 230 -14.14 5.23 8.26
CA ASN A 230 -13.77 3.95 8.87
C ASN A 230 -12.26 3.75 9.03
N GLY A 231 -11.42 4.57 8.39
CA GLY A 231 -9.97 4.36 8.44
C GLY A 231 -9.25 5.08 9.57
N GLU A 232 -7.91 4.94 9.58
CA GLU A 232 -7.08 5.60 10.59
C GLU A 232 -6.23 6.75 10.06
N GLU A 233 -6.12 6.95 8.75
CA GLU A 233 -5.22 7.97 8.25
C GLU A 233 -5.67 9.36 8.66
N ARG A 234 -4.75 10.13 9.25
CA ARG A 234 -5.02 11.53 9.54
C ARG A 234 -5.28 12.30 8.25
N VAL A 235 -4.48 12.04 7.22
CA VAL A 235 -4.69 12.62 5.90
C VAL A 235 -4.51 11.52 4.87
N ASP A 236 -5.46 11.40 3.95
CA ASP A 236 -5.48 10.33 2.95
C ASP A 236 -5.73 10.92 1.57
N PHE A 237 -5.09 10.35 0.56
CA PHE A 237 -5.14 10.85 -0.81
C PHE A 237 -5.74 9.80 -1.73
N TYR A 238 -6.71 10.22 -2.56
CA TYR A 238 -7.34 9.35 -3.54
C TYR A 238 -7.46 10.08 -4.87
N ASN A 239 -7.12 9.38 -5.95
CA ASN A 239 -7.57 9.81 -7.26
C ASN A 239 -9.04 9.44 -7.44
N LEU A 240 -9.74 10.20 -8.26
CA LEU A 240 -11.12 9.87 -8.65
C LEU A 240 -11.29 10.26 -10.11
N GLY A 241 -11.24 9.26 -10.99
CA GLY A 241 -11.43 9.48 -12.40
C GLY A 241 -12.01 8.24 -13.06
N ASN A 242 -12.01 8.22 -14.39
CA ASN A 242 -12.49 7.05 -15.11
C ASN A 242 -11.35 6.12 -15.46
N GLU A 243 -11.73 4.94 -15.97
CA GLU A 243 -10.77 3.92 -16.36
C GLU A 243 -10.06 4.25 -17.68
N ASP A 244 -10.64 5.10 -18.51
CA ASP A 244 -10.10 5.36 -19.85
C ASP A 244 -9.97 6.86 -20.05
N TRP A 245 -9.82 7.28 -21.31
CA TRP A 245 -9.70 8.69 -21.65
C TRP A 245 -10.13 8.86 -23.10
N ILE A 246 -10.23 10.12 -23.53
CA ILE A 246 -10.79 10.48 -24.83
C ILE A 246 -10.20 11.82 -25.24
N THR A 247 -10.04 12.02 -26.55
CA THR A 247 -9.45 13.25 -27.07
C THR A 247 -10.52 14.33 -27.21
N VAL A 248 -10.05 15.58 -27.34
CA VAL A 248 -10.95 16.69 -27.58
C VAL A 248 -11.65 16.54 -28.93
N LYS A 249 -10.95 15.95 -29.91
CA LYS A 249 -11.55 15.77 -31.22
C LYS A 249 -12.69 14.76 -31.18
N GLU A 250 -12.53 13.67 -30.44
CA GLU A 250 -13.62 12.71 -30.29
C GLU A 250 -14.79 13.33 -29.52
N ILE A 251 -14.51 14.19 -28.55
CA ILE A 251 -15.57 14.89 -27.84
C ILE A 251 -16.32 15.81 -28.79
N ALA A 252 -15.59 16.52 -29.65
CA ALA A 252 -16.22 17.34 -30.68
C ALA A 252 -17.11 16.48 -31.57
N GLU A 253 -16.62 15.30 -31.94
CA GLU A 253 -17.39 14.42 -32.81
C GLU A 253 -18.68 13.97 -32.12
N ILE A 254 -18.60 13.61 -30.84
CA ILE A 254 -19.78 13.19 -30.09
C ILE A 254 -20.77 14.33 -29.95
N VAL A 255 -20.29 15.54 -29.68
CA VAL A 255 -21.20 16.68 -29.53
C VAL A 255 -21.90 16.96 -30.85
N SER A 256 -21.15 16.90 -31.96
CA SER A 256 -21.76 17.05 -33.27
C SER A 256 -22.81 15.97 -33.50
N GLU A 257 -22.45 14.72 -33.19
CA GLU A 257 -23.38 13.60 -33.32
C GLU A 257 -24.69 13.88 -32.59
N GLU A 258 -24.62 14.25 -31.31
CA GLU A 258 -25.84 14.44 -30.53
C GLU A 258 -26.60 15.68 -30.97
N MET A 259 -25.93 16.69 -31.50
CA MET A 259 -26.63 17.85 -32.03
C MET A 259 -27.08 17.64 -33.47
N ASN A 260 -26.83 16.46 -34.04
CA ASN A 260 -27.14 16.17 -35.43
C ASN A 260 -26.54 17.24 -36.35
N LEU A 261 -25.36 17.71 -35.99
CA LEU A 261 -24.56 18.58 -36.84
C LEU A 261 -23.33 17.80 -37.27
N ASN A 262 -22.73 18.22 -38.39
CA ASN A 262 -21.46 17.67 -38.86
C ASN A 262 -20.62 18.84 -39.35
N PRO A 263 -20.14 19.67 -38.43
CA PRO A 263 -19.45 20.91 -38.82
C PRO A 263 -18.01 20.67 -39.25
N ARG A 264 -17.41 21.74 -39.75
CA ARG A 264 -15.99 21.76 -40.09
C ARG A 264 -15.18 22.09 -38.84
N PHE A 265 -14.36 21.16 -38.39
CA PHE A 265 -13.51 21.37 -37.23
C PHE A 265 -12.33 22.26 -37.63
N LYS A 266 -12.08 23.30 -36.83
CA LYS A 266 -10.98 24.23 -37.07
C LYS A 266 -10.15 24.32 -35.80
N PHE A 267 -9.04 23.57 -35.76
CA PHE A 267 -8.17 23.56 -34.60
C PHE A 267 -7.24 24.77 -34.66
N THR A 268 -7.06 25.44 -33.52
CA THR A 268 -6.30 26.67 -33.48
C THR A 268 -4.79 26.45 -33.35
N GLY A 269 -4.34 25.21 -33.23
CA GLY A 269 -2.93 24.92 -33.13
C GLY A 269 -2.31 25.16 -31.77
N GLY A 270 -2.92 26.02 -30.95
CA GLY A 270 -2.54 26.06 -29.56
C GLY A 270 -1.20 26.73 -29.32
N VAL A 271 -0.61 26.39 -28.17
CA VAL A 271 0.68 26.91 -27.74
C VAL A 271 1.42 25.78 -27.05
N ASP A 272 2.71 26.01 -26.78
CA ASP A 272 3.55 25.03 -26.12
C ASP A 272 3.36 23.63 -26.68
N GLY A 273 3.08 23.53 -27.97
CA GLY A 273 2.91 22.25 -28.62
C GLY A 273 1.47 21.80 -28.75
N GLY A 274 0.56 22.72 -29.03
CA GLY A 274 -0.83 22.38 -29.28
C GLY A 274 -1.73 22.39 -28.09
N ARG A 275 -1.27 22.86 -26.93
CA ARG A 275 -2.13 23.01 -25.78
C ARG A 275 -3.22 24.03 -26.05
N GLY A 276 -4.35 23.87 -25.34
CA GLY A 276 -5.42 24.86 -25.44
C GLY A 276 -5.04 26.20 -24.85
N TRP A 277 -4.17 26.21 -23.84
CA TRP A 277 -3.69 27.45 -23.25
C TRP A 277 -2.44 27.18 -22.42
N LYS A 278 -1.81 28.26 -22.00
CA LYS A 278 -0.71 28.19 -21.04
C LYS A 278 -1.16 27.44 -19.79
N GLY A 279 -0.51 26.30 -19.51
CA GLY A 279 -0.83 25.51 -18.35
C GLY A 279 -1.85 24.42 -18.55
N ASP A 280 -2.30 24.19 -19.78
CA ASP A 280 -3.25 23.13 -20.08
C ASP A 280 -2.49 21.82 -20.24
N VAL A 281 -2.64 20.91 -19.27
CA VAL A 281 -2.04 19.59 -19.40
C VAL A 281 -2.63 18.86 -20.59
N LYS A 282 -1.78 18.16 -21.33
CA LYS A 282 -2.20 17.51 -22.57
C LYS A 282 -2.76 16.12 -22.35
N LEU A 283 -2.13 15.32 -21.50
CA LEU A 283 -2.56 13.96 -21.22
C LEU A 283 -2.83 13.80 -19.74
N MET A 284 -4.01 13.27 -19.40
CA MET A 284 -4.37 13.01 -18.01
C MET A 284 -5.12 11.69 -17.90
N LEU A 285 -4.68 10.84 -16.97
CA LEU A 285 -5.37 9.58 -16.68
C LEU A 285 -4.87 9.08 -15.32
N LEU A 286 -5.73 9.13 -14.31
CA LEU A 286 -5.36 8.79 -12.95
C LEU A 286 -5.59 7.31 -12.69
N SER A 287 -4.66 6.69 -11.97
CA SER A 287 -4.84 5.33 -11.48
C SER A 287 -5.87 5.33 -10.36
N ILE A 288 -6.96 4.60 -10.56
CA ILE A 288 -8.04 4.56 -9.58
C ILE A 288 -8.08 3.23 -8.83
N GLU A 289 -6.95 2.50 -8.82
CA GLU A 289 -6.89 1.27 -8.05
C GLU A 289 -7.20 1.54 -6.57
N LYS A 290 -6.61 2.59 -6.02
CA LYS A 290 -6.85 2.91 -4.61
C LYS A 290 -8.32 3.20 -4.37
N ALA A 291 -8.95 3.95 -5.29
CA ALA A 291 -10.38 4.21 -5.17
C ALA A 291 -11.19 2.92 -5.33
N LYS A 292 -10.77 2.05 -6.24
CA LYS A 292 -11.52 0.83 -6.50
C LYS A 292 -11.43 -0.17 -5.36
N ARG A 293 -10.38 -0.11 -4.54
CA ARG A 293 -10.31 -0.99 -3.37
C ARG A 293 -11.38 -0.70 -2.34
N THR A 294 -12.08 0.43 -2.45
CA THR A 294 -13.20 0.75 -1.59
C THR A 294 -14.51 0.15 -2.07
N GLY A 295 -14.50 -0.50 -3.24
CA GLY A 295 -15.70 -1.01 -3.85
C GLY A 295 -16.24 -0.15 -4.97
N TRP A 296 -15.91 1.14 -4.97
CA TRP A 296 -16.37 2.04 -6.02
C TRP A 296 -15.84 1.60 -7.37
N LYS A 297 -16.58 1.97 -8.42
CA LYS A 297 -16.10 1.86 -9.79
C LYS A 297 -17.06 2.62 -10.70
N PRO A 298 -16.56 3.33 -11.71
CA PRO A 298 -17.45 4.04 -12.62
C PRO A 298 -18.35 3.08 -13.39
N ARG A 299 -19.64 3.41 -13.44
CA ARG A 299 -20.60 2.69 -14.25
C ARG A 299 -20.55 3.10 -15.72
N MET A 300 -19.90 4.22 -16.04
CA MET A 300 -19.72 4.69 -17.41
C MET A 300 -18.26 4.91 -17.69
N ASN A 301 -17.85 4.69 -18.94
CA ASN A 301 -16.52 5.08 -19.35
C ASN A 301 -16.57 6.51 -19.90
N SER A 302 -15.42 7.02 -20.36
CA SER A 302 -15.35 8.43 -20.76
C SER A 302 -16.31 8.74 -21.90
N TYR A 303 -16.39 7.85 -22.91
CA TYR A 303 -17.27 8.12 -24.05
C TYR A 303 -18.74 8.09 -23.64
N GLU A 304 -19.14 7.10 -22.83
CA GLU A 304 -20.50 7.05 -22.33
C GLU A 304 -20.83 8.28 -21.49
N ALA A 305 -19.92 8.68 -20.61
CA ALA A 305 -20.15 9.86 -19.78
C ALA A 305 -20.31 11.12 -20.62
N VAL A 306 -19.46 11.28 -21.63
CA VAL A 306 -19.55 12.46 -22.49
C VAL A 306 -20.88 12.47 -23.22
N ARG A 307 -21.29 11.32 -23.76
CA ARG A 307 -22.57 11.26 -24.47
C ARG A 307 -23.73 11.57 -23.53
N LYS A 308 -23.72 10.98 -22.32
CA LYS A 308 -24.78 11.24 -21.35
C LYS A 308 -24.84 12.71 -20.97
N THR A 309 -23.67 13.33 -20.78
CA THR A 309 -23.64 14.75 -20.44
C THR A 309 -24.24 15.59 -21.57
N VAL A 310 -23.83 15.31 -22.82
CA VAL A 310 -24.37 16.07 -23.95
C VAL A 310 -25.88 15.94 -24.01
N ARG A 311 -26.40 14.72 -23.86
CA ARG A 311 -27.84 14.51 -23.93
C ARG A 311 -28.56 15.27 -22.82
N GLU A 312 -28.16 15.03 -21.56
CA GLU A 312 -28.76 15.76 -20.45
C GLU A 312 -28.78 17.26 -20.72
N MET A 313 -27.65 17.81 -21.21
CA MET A 313 -27.57 19.24 -21.46
C MET A 313 -28.54 19.67 -22.55
N LEU A 314 -28.70 18.84 -23.58
CA LEU A 314 -29.58 19.21 -24.69
C LEU A 314 -31.05 19.10 -24.33
N GLU A 315 -31.42 18.33 -23.30
CA GLU A 315 -32.82 18.39 -22.87
C GLU A 315 -33.18 19.81 -22.47
N GLU A 316 -32.26 20.51 -21.81
CA GLU A 316 -32.48 21.88 -21.40
C GLU A 316 -32.27 22.85 -22.56
N MET B 1 26.11 39.18 -13.99
CA MET B 1 24.68 38.78 -13.81
C MET B 1 24.16 39.49 -12.58
N ARG B 2 23.00 40.14 -12.70
CA ARG B 2 22.39 40.82 -11.56
C ARG B 2 21.40 39.90 -10.87
N VAL B 3 21.49 39.85 -9.54
CA VAL B 3 20.62 38.99 -8.75
C VAL B 3 20.01 39.78 -7.62
N LEU B 4 18.75 39.50 -7.35
CA LEU B 4 18.06 39.93 -6.15
C LEU B 4 18.21 38.80 -5.14
N VAL B 5 18.53 39.12 -3.91
CA VAL B 5 18.59 38.12 -2.83
C VAL B 5 17.60 38.61 -1.79
N THR B 6 16.37 38.13 -1.87
CA THR B 6 15.41 38.47 -0.84
C THR B 6 15.80 37.77 0.46
N GLY B 7 15.62 38.48 1.57
CA GLY B 7 16.13 37.98 2.83
C GLY B 7 17.63 37.94 2.91
N GLY B 8 18.32 38.65 2.02
CA GLY B 8 19.76 38.57 1.95
C GLY B 8 20.49 39.13 3.15
N ALA B 9 19.78 39.72 4.11
CA ALA B 9 20.37 40.12 5.37
C ALA B 9 20.21 39.06 6.44
N GLY B 10 19.66 37.90 6.09
CA GLY B 10 19.45 36.83 7.05
C GLY B 10 20.68 35.98 7.22
N PHE B 11 20.52 34.90 7.97
CA PHE B 11 21.64 34.00 8.24
C PHE B 11 22.14 33.40 6.93
N ILE B 12 21.33 32.58 6.26
CA ILE B 12 21.78 32.00 5.00
C ILE B 12 21.87 33.07 3.92
N GLY B 13 20.98 34.07 3.97
CA GLY B 13 20.93 35.05 2.90
C GLY B 13 22.20 35.88 2.81
N SER B 14 22.74 36.29 3.96
CA SER B 14 23.93 37.12 3.94
C SER B 14 25.15 36.33 3.48
N HIS B 15 25.21 35.03 3.79
CA HIS B 15 26.30 34.21 3.28
C HIS B 15 26.20 34.02 1.77
N LEU B 16 24.99 33.78 1.26
CA LEU B 16 24.84 33.74 -0.19
C LEU B 16 25.26 35.08 -0.79
N VAL B 17 24.95 36.17 -0.09
CA VAL B 17 25.32 37.51 -0.57
C VAL B 17 26.83 37.65 -0.64
N ASP B 18 27.53 37.29 0.44
CA ASP B 18 28.99 37.30 0.44
C ASP B 18 29.54 36.53 -0.75
N ARG B 19 29.03 35.31 -0.97
CA ARG B 19 29.50 34.49 -2.07
C ARG B 19 29.27 35.19 -3.41
N LEU B 20 28.03 35.65 -3.65
CA LEU B 20 27.70 36.26 -4.93
C LEU B 20 28.51 37.51 -5.20
N MET B 21 28.67 38.37 -4.17
CA MET B 21 29.49 39.56 -4.31
C MET B 21 30.92 39.19 -4.66
N GLU B 22 31.49 38.21 -3.95
CA GLU B 22 32.89 37.84 -4.18
C GLU B 22 33.09 37.28 -5.59
N GLU B 23 32.11 36.56 -6.13
CA GLU B 23 32.21 36.02 -7.48
C GLU B 23 31.91 37.06 -8.55
N GLY B 24 31.71 38.31 -8.15
CA GLY B 24 31.50 39.39 -9.10
C GLY B 24 30.09 39.60 -9.57
N TYR B 25 29.10 39.04 -8.89
CA TYR B 25 27.71 39.37 -9.21
C TYR B 25 27.40 40.78 -8.70
N LYS B 26 26.45 41.44 -9.35
CA LYS B 26 25.84 42.65 -8.80
C LYS B 26 24.61 42.23 -8.00
N VAL B 27 24.68 42.43 -6.69
CA VAL B 27 23.70 41.87 -5.75
C VAL B 27 22.86 43.00 -5.18
N ARG B 28 21.54 42.86 -5.33
CA ARG B 28 20.58 43.63 -4.55
C ARG B 28 20.00 42.73 -3.47
N VAL B 29 19.81 43.30 -2.29
CA VAL B 29 19.18 42.63 -1.15
C VAL B 29 17.85 43.31 -0.90
N LEU B 30 16.81 42.52 -0.69
CA LEU B 30 15.50 43.03 -0.27
C LEU B 30 15.17 42.36 1.06
N ASP B 31 15.05 43.16 2.11
CA ASP B 31 14.88 42.58 3.44
C ASP B 31 14.26 43.61 4.37
N ASP B 32 13.21 43.21 5.08
CA ASP B 32 12.53 44.10 6.01
C ASP B 32 13.23 44.15 7.37
N LEU B 33 14.32 43.41 7.55
CA LEU B 33 15.07 43.42 8.80
C LEU B 33 14.20 43.06 10.00
N SER B 34 13.19 42.22 9.77
CA SER B 34 12.39 41.69 10.87
C SER B 34 13.12 40.61 11.65
N ALA B 35 14.05 39.91 11.01
CA ALA B 35 14.89 38.91 11.66
C ALA B 35 16.35 39.00 11.28
N GLY B 36 16.67 39.40 10.06
CA GLY B 36 18.06 39.61 9.68
C GLY B 36 18.60 40.89 10.29
N SER B 37 19.85 41.18 9.96
CA SER B 37 20.55 42.30 10.56
C SER B 37 21.40 42.99 9.51
N LEU B 38 21.44 44.33 9.57
CA LEU B 38 22.28 45.08 8.65
C LEU B 38 23.75 44.77 8.85
N LYS B 39 24.16 44.54 10.10
CA LYS B 39 25.54 44.18 10.38
C LYS B 39 25.96 42.95 9.57
N ASN B 40 25.08 41.95 9.46
CA ASN B 40 25.41 40.74 8.72
C ASN B 40 25.87 41.02 7.29
N ILE B 41 25.68 42.24 6.82
CA ILE B 41 26.10 42.61 5.47
C ILE B 41 26.75 43.98 5.44
N GLU B 42 27.11 44.53 6.61
CA GLU B 42 27.62 45.90 6.61
C GLU B 42 28.89 46.04 5.79
N GLY B 43 29.64 44.95 5.61
CA GLY B 43 30.83 45.02 4.77
C GLY B 43 30.51 45.37 3.34
N TRP B 44 29.34 45.00 2.86
CA TRP B 44 28.96 45.23 1.48
C TRP B 44 28.22 46.54 1.30
N LEU B 45 27.68 47.09 2.38
CA LEU B 45 27.09 48.42 2.30
C LEU B 45 28.20 49.36 1.85
N GLY B 46 27.97 50.10 0.77
CA GLY B 46 29.00 50.95 0.22
C GLY B 46 29.81 50.35 -0.91
N ASN B 47 29.71 49.06 -1.16
CA ASN B 47 30.32 48.49 -2.36
C ASN B 47 29.50 48.92 -3.58
N GLU B 48 30.18 49.25 -4.67
CA GLU B 48 29.48 49.72 -5.86
C GLU B 48 28.66 48.63 -6.54
N ASN B 49 28.94 47.37 -6.24
CA ASN B 49 28.17 46.24 -6.78
C ASN B 49 27.09 45.77 -5.82
N PHE B 50 26.83 46.50 -4.74
CA PHE B 50 25.88 46.11 -3.72
C PHE B 50 24.81 47.19 -3.59
N GLU B 51 23.56 46.76 -3.57
CA GLU B 51 22.43 47.64 -3.31
C GLU B 51 21.55 46.98 -2.26
N PHE B 52 21.14 47.75 -1.25
CA PHE B 52 20.29 47.23 -0.20
C PHE B 52 18.96 47.97 -0.22
N ILE B 53 17.88 47.22 -0.01
CA ILE B 53 16.54 47.77 0.07
C ILE B 53 15.87 47.20 1.31
N LYS B 54 15.49 48.08 2.23
CA LYS B 54 14.68 47.67 3.37
C LYS B 54 13.23 47.67 2.88
N GLY B 55 12.61 46.50 2.86
CA GLY B 55 11.28 46.39 2.32
C GLY B 55 10.60 45.11 2.73
N ASP B 56 9.28 45.22 2.94
CA ASP B 56 8.44 44.08 3.27
C ASP B 56 7.86 43.50 1.99
N MET B 57 8.11 42.22 1.76
CA MET B 57 7.61 41.59 0.54
C MET B 57 6.10 41.42 0.55
N ARG B 58 5.43 41.71 1.68
CA ARG B 58 3.99 41.85 1.64
C ARG B 58 3.58 43.01 0.74
N ASP B 59 4.44 44.01 0.61
CA ASP B 59 4.14 45.20 -0.19
C ASP B 59 4.49 44.90 -1.63
N VAL B 60 3.47 44.84 -2.49
CA VAL B 60 3.69 44.41 -3.86
C VAL B 60 4.47 45.46 -4.66
N GLU B 61 4.29 46.75 -4.33
CA GLU B 61 5.03 47.79 -5.03
C GLU B 61 6.53 47.56 -4.87
N ILE B 62 6.96 47.35 -3.62
CA ILE B 62 8.35 47.06 -3.32
C ILE B 62 8.84 45.89 -4.17
N VAL B 63 8.05 44.80 -4.22
CA VAL B 63 8.52 43.58 -4.86
C VAL B 63 8.60 43.76 -6.37
N SER B 64 7.64 44.46 -6.97
CA SER B 64 7.75 44.76 -8.39
C SER B 64 8.99 45.60 -8.66
N LYS B 65 9.30 46.51 -7.75
CA LYS B 65 10.46 47.38 -7.92
C LYS B 65 11.76 46.59 -7.81
N ALA B 66 11.85 45.70 -6.82
CA ALA B 66 13.13 45.04 -6.54
C ALA B 66 13.55 44.13 -7.68
N VAL B 67 12.60 43.45 -8.32
CA VAL B 67 12.95 42.54 -9.41
C VAL B 67 13.20 43.26 -10.72
N LYS B 68 12.99 44.58 -10.74
CA LYS B 68 13.25 45.35 -11.95
C LYS B 68 14.76 45.40 -12.20
N ASP B 69 15.17 45.06 -13.42
CA ASP B 69 16.57 45.03 -13.82
C ASP B 69 17.34 43.95 -13.07
N VAL B 70 16.71 42.79 -12.90
CA VAL B 70 17.31 41.64 -12.24
C VAL B 70 17.25 40.45 -13.17
N ASP B 71 18.36 39.74 -13.31
CA ASP B 71 18.40 38.55 -14.14
C ASP B 71 18.09 37.28 -13.36
N ALA B 72 18.39 37.27 -12.06
CA ALA B 72 18.10 36.10 -11.23
C ALA B 72 17.61 36.57 -9.87
N VAL B 73 16.69 35.81 -9.28
CA VAL B 73 16.20 36.07 -7.93
C VAL B 73 16.49 34.85 -7.08
N PHE B 74 17.10 35.06 -5.92
CA PHE B 74 17.30 34.06 -4.89
C PHE B 74 16.36 34.44 -3.75
N HIS B 75 15.27 33.69 -3.63
CA HIS B 75 14.17 34.02 -2.73
C HIS B 75 14.34 33.28 -1.39
N LEU B 76 15.10 33.88 -0.49
CA LEU B 76 15.33 33.32 0.83
C LEU B 76 14.51 33.98 1.94
N ALA B 77 13.75 35.03 1.63
CA ALA B 77 12.98 35.70 2.67
C ALA B 77 11.84 34.81 3.15
N ALA B 78 11.73 34.67 4.46
CA ALA B 78 10.68 33.86 5.07
C ALA B 78 10.83 33.93 6.58
N ASN B 79 9.81 33.43 7.27
CA ASN B 79 9.95 33.09 8.67
C ASN B 79 10.19 31.60 8.76
N PRO B 80 11.39 31.15 9.12
CA PRO B 80 11.70 29.71 9.10
C PRO B 80 11.28 28.97 10.35
N GLU B 81 10.69 29.65 11.32
CA GLU B 81 10.48 29.10 12.66
C GLU B 81 9.29 28.16 12.64
N VAL B 82 9.57 26.86 12.73
CA VAL B 82 8.48 25.89 12.84
C VAL B 82 7.76 26.04 14.18
N ARG B 83 8.48 26.43 15.24
CA ARG B 83 7.89 26.45 16.57
C ARG B 83 6.62 27.27 16.65
N ILE B 84 6.53 28.32 15.84
CA ILE B 84 5.47 29.30 15.97
C ILE B 84 4.26 28.87 15.15
N GLY B 85 4.29 27.66 14.62
CA GLY B 85 3.24 27.22 13.73
C GLY B 85 1.91 26.98 14.43
N SER B 86 1.95 26.55 15.70
CA SER B 86 0.71 26.27 16.41
C SER B 86 0.09 27.52 17.02
N GLN B 87 0.88 28.56 17.28
CA GLN B 87 0.38 29.85 17.72
C GLN B 87 0.22 30.86 16.59
N SER B 88 1.17 30.91 15.65
CA SER B 88 1.20 31.98 14.64
C SER B 88 1.23 31.40 13.23
N PRO B 89 0.20 30.66 12.84
CA PRO B 89 0.11 30.21 11.44
C PRO B 89 -0.09 31.36 10.45
N GLU B 90 -0.74 32.46 10.86
CA GLU B 90 -0.90 33.59 9.95
C GLU B 90 0.45 34.16 9.54
N LEU B 91 1.39 34.23 10.49
CA LEU B 91 2.71 34.74 10.17
C LEU B 91 3.42 33.84 9.17
N LEU B 92 3.33 32.53 9.36
CA LEU B 92 3.97 31.61 8.43
C LEU B 92 3.29 31.65 7.06
N TYR B 93 1.96 31.73 7.03
CA TYR B 93 1.27 31.88 5.75
C TYR B 93 1.78 33.10 5.01
N GLU B 94 1.86 34.24 5.69
CA GLU B 94 2.27 35.48 5.03
C GLU B 94 3.72 35.41 4.56
N THR B 95 4.64 35.11 5.47
CA THR B 95 6.07 35.15 5.15
C THR B 95 6.54 33.93 4.35
N ASN B 96 5.67 32.97 4.05
CA ASN B 96 6.04 31.85 3.20
C ASN B 96 5.19 31.78 1.93
N VAL B 97 3.87 31.81 2.05
CA VAL B 97 3.02 31.72 0.86
C VAL B 97 2.78 33.09 0.26
N LEU B 98 2.38 34.05 1.08
CA LEU B 98 1.94 35.35 0.55
C LEU B 98 3.07 36.08 -0.16
N ILE B 99 4.22 36.22 0.50
CA ILE B 99 5.30 37.01 -0.09
C ILE B 99 5.92 36.29 -1.28
N THR B 100 5.90 34.97 -1.29
CA THR B 100 6.32 34.25 -2.48
C THR B 100 5.35 34.48 -3.62
N TYR B 101 4.05 34.47 -3.32
CA TYR B 101 3.02 34.78 -4.32
C TYR B 101 3.24 36.17 -4.91
N ASN B 102 3.51 37.16 -4.06
CA ASN B 102 3.75 38.51 -4.55
C ASN B 102 5.03 38.57 -5.38
N LEU B 103 6.11 37.92 -4.90
CA LEU B 103 7.35 37.84 -5.66
C LEU B 103 7.09 37.29 -7.05
N LEU B 104 6.31 36.21 -7.13
CA LEU B 104 6.04 35.59 -8.43
C LEU B 104 5.23 36.51 -9.32
N ASN B 105 4.22 37.19 -8.77
CA ASN B 105 3.46 38.14 -9.58
C ASN B 105 4.35 39.25 -10.11
N ALA B 106 5.28 39.74 -9.28
CA ALA B 106 6.26 40.72 -9.76
C ALA B 106 7.10 40.10 -10.88
N VAL B 107 7.58 38.88 -10.65
CA VAL B 107 8.47 38.20 -11.60
C VAL B 107 7.80 38.07 -12.95
N ARG B 108 6.48 37.89 -12.95
CA ARG B 108 5.76 37.69 -14.21
C ARG B 108 5.94 38.86 -15.15
N ASN B 109 5.94 40.08 -14.62
CA ASN B 109 6.00 41.30 -15.42
C ASN B 109 7.40 41.89 -15.47
N SER B 110 8.42 41.04 -15.58
CA SER B 110 9.81 41.48 -15.56
C SER B 110 10.61 40.60 -16.52
N GLY B 111 11.93 40.74 -16.48
CA GLY B 111 12.81 39.93 -17.29
C GLY B 111 13.63 39.00 -16.43
N VAL B 112 13.16 38.74 -15.21
CA VAL B 112 13.83 37.78 -14.33
C VAL B 112 13.81 36.44 -15.03
N LYS B 113 14.99 35.84 -15.22
CA LYS B 113 15.12 34.59 -15.94
C LYS B 113 15.20 33.37 -15.03
N TYR B 114 15.71 33.52 -13.81
CA TYR B 114 15.91 32.39 -12.92
C TYR B 114 15.36 32.72 -11.54
N LEU B 115 14.72 31.74 -10.92
CA LEU B 115 14.24 31.83 -9.54
C LEU B 115 14.81 30.66 -8.77
N VAL B 116 15.57 30.94 -7.73
CA VAL B 116 16.08 29.91 -6.83
C VAL B 116 15.37 30.08 -5.50
N PHE B 117 14.68 29.03 -5.05
CA PHE B 117 13.87 29.08 -3.84
C PHE B 117 14.36 28.05 -2.83
N THR B 118 14.54 28.50 -1.58
CA THR B 118 14.96 27.64 -0.48
C THR B 118 13.74 27.02 0.19
N SER B 119 13.34 25.85 -0.30
CA SER B 119 12.30 25.10 0.38
C SER B 119 12.95 24.26 1.50
N SER B 120 12.14 23.46 2.18
CA SER B 120 12.61 22.78 3.37
C SER B 120 12.27 21.30 3.33
N SER B 121 13.05 20.52 4.08
CA SER B 121 12.75 19.11 4.28
C SER B 121 11.34 18.90 4.83
N THR B 122 10.79 19.91 5.51
CA THR B 122 9.50 19.75 6.16
C THR B 122 8.37 19.44 5.18
N VAL B 123 8.58 19.71 3.89
CA VAL B 123 7.54 19.38 2.91
C VAL B 123 7.27 17.88 2.95
N TYR B 124 8.28 17.07 3.28
CA TYR B 124 8.06 15.63 3.41
C TYR B 124 7.37 15.27 4.71
N GLY B 125 7.32 16.19 5.67
CA GLY B 125 6.73 15.85 6.96
C GLY B 125 7.50 14.71 7.60
N ASP B 126 6.76 13.79 8.20
CA ASP B 126 7.35 12.55 8.73
C ASP B 126 7.50 11.56 7.57
N ALA B 127 8.56 11.74 6.79
CA ALA B 127 8.80 10.90 5.62
C ALA B 127 9.13 9.47 6.04
N LYS B 128 8.44 8.51 5.44
CA LYS B 128 8.66 7.11 5.77
C LYS B 128 9.80 6.47 4.99
N VAL B 129 10.33 7.15 3.98
CA VAL B 129 11.46 6.64 3.20
C VAL B 129 12.69 7.41 3.65
N ILE B 130 13.70 6.66 4.08
CA ILE B 130 14.93 7.26 4.60
C ILE B 130 16.11 6.54 3.98
N PRO B 131 17.07 7.25 3.36
CA PRO B 131 17.13 8.71 3.13
C PRO B 131 16.01 9.12 2.16
N THR B 132 15.41 10.29 2.35
CA THR B 132 14.22 10.67 1.59
C THR B 132 14.62 11.24 0.23
N PRO B 133 14.19 10.66 -0.87
CA PRO B 133 14.46 11.24 -2.18
C PRO B 133 13.53 12.41 -2.49
N GLU B 134 13.91 13.19 -3.50
CA GLU B 134 13.10 14.34 -3.91
C GLU B 134 11.76 13.94 -4.50
N ASP B 135 11.61 12.68 -4.92
CA ASP B 135 10.36 12.20 -5.51
C ASP B 135 9.48 11.47 -4.51
N TYR B 136 9.83 11.52 -3.22
CA TYR B 136 8.97 10.96 -2.18
C TYR B 136 7.58 11.60 -2.24
N ALA B 137 6.56 10.79 -1.97
CA ALA B 137 5.19 11.25 -2.04
C ALA B 137 4.25 10.13 -1.62
N PRO B 138 3.00 10.43 -1.26
CA PRO B 138 2.36 11.76 -1.22
C PRO B 138 2.97 12.67 -0.16
N LEU B 139 3.14 13.94 -0.48
CA LEU B 139 3.71 14.90 0.47
C LEU B 139 2.62 15.31 1.45
N GLU B 140 2.79 14.92 2.71
CA GLU B 140 1.80 15.15 3.76
C GLU B 140 2.52 15.89 4.89
N PRO B 141 2.84 17.17 4.68
CA PRO B 141 3.51 17.94 5.73
C PRO B 141 2.64 18.02 6.97
N ILE B 142 3.30 17.96 8.13
CA ILE B 142 2.62 17.91 9.41
C ILE B 142 2.71 19.21 10.18
N SER B 143 3.35 20.23 9.61
CA SER B 143 3.46 21.54 10.24
C SER B 143 2.91 22.59 9.29
N VAL B 144 2.34 23.65 9.85
CA VAL B 144 1.92 24.77 9.04
C VAL B 144 3.09 25.29 8.21
N PHE B 145 4.28 25.31 8.81
CA PHE B 145 5.45 25.80 8.08
C PHE B 145 5.74 24.94 6.86
N GLY B 146 5.89 23.62 7.05
CA GLY B 146 6.19 22.77 5.92
C GLY B 146 5.14 22.87 4.83
N ALA B 147 3.88 22.98 5.24
CA ALA B 147 2.81 23.18 4.26
C ALA B 147 2.98 24.49 3.51
N ALA B 148 3.38 25.56 4.19
CA ALA B 148 3.56 26.84 3.53
C ALA B 148 4.72 26.79 2.55
N LYS B 149 5.79 26.08 2.91
CA LYS B 149 6.91 25.88 1.99
C LYS B 149 6.50 25.05 0.78
N LEU B 150 5.67 24.02 1.01
CA LEU B 150 5.16 23.21 -0.10
C LEU B 150 4.31 24.06 -1.04
N ALA B 151 3.43 24.90 -0.47
CA ALA B 151 2.62 25.81 -1.26
C ALA B 151 3.49 26.76 -2.07
N ALA B 152 4.53 27.32 -1.44
CA ALA B 152 5.48 28.16 -2.17
C ALA B 152 6.08 27.41 -3.34
N GLU B 153 6.54 26.17 -3.11
CA GLU B 153 7.07 25.35 -4.19
C GLU B 153 6.05 25.26 -5.33
N ALA B 154 4.81 24.92 -4.98
CA ALA B 154 3.77 24.68 -5.99
C ALA B 154 3.53 25.93 -6.82
N LEU B 155 3.36 27.07 -6.16
CA LEU B 155 3.13 28.31 -6.90
C LEU B 155 4.34 28.69 -7.74
N ILE B 156 5.55 28.50 -7.21
CA ILE B 156 6.75 28.79 -8.00
C ILE B 156 6.71 27.99 -9.29
N SER B 157 6.44 26.69 -9.19
CA SER B 157 6.43 25.85 -10.39
C SER B 157 5.34 26.29 -11.36
N GLY B 158 4.14 26.55 -10.83
CA GLY B 158 3.04 26.95 -11.70
C GLY B 158 3.33 28.23 -12.46
N TYR B 159 3.86 29.24 -11.75
CA TYR B 159 4.23 30.48 -12.41
C TYR B 159 5.38 30.27 -13.38
N ALA B 160 6.34 29.41 -13.03
CA ALA B 160 7.45 29.13 -13.93
C ALA B 160 6.93 28.58 -15.25
N HIS B 161 5.99 27.65 -15.18
CA HIS B 161 5.46 27.06 -16.41
C HIS B 161 4.59 28.04 -17.17
N THR B 162 3.72 28.78 -16.46
CA THR B 162 2.75 29.64 -17.14
C THR B 162 3.43 30.86 -17.76
N PHE B 163 4.35 31.50 -17.03
CA PHE B 163 4.95 32.76 -17.46
C PHE B 163 6.42 32.60 -17.83
N ASP B 164 6.85 31.38 -18.13
CA ASP B 164 8.10 31.09 -18.84
C ASP B 164 9.32 31.71 -18.15
N PHE B 165 9.53 31.33 -16.90
CA PHE B 165 10.87 31.40 -16.30
C PHE B 165 11.25 30.04 -15.74
N ARG B 166 12.54 29.90 -15.37
CA ARG B 166 13.07 28.66 -14.83
C ARG B 166 13.19 28.78 -13.31
N ALA B 167 12.95 27.67 -12.63
CA ALA B 167 12.88 27.66 -11.17
C ALA B 167 13.64 26.48 -10.61
N LEU B 168 14.47 26.74 -9.60
CA LEU B 168 15.28 25.74 -8.91
C LEU B 168 14.85 25.69 -7.46
N ILE B 169 14.26 24.58 -7.04
CA ILE B 169 13.73 24.41 -5.70
C ILE B 169 14.72 23.55 -4.90
N ILE B 170 15.19 24.08 -3.77
CA ILE B 170 16.24 23.43 -3.00
C ILE B 170 15.69 23.15 -1.62
N ARG B 171 15.42 21.87 -1.32
CA ARG B 171 14.86 21.47 -0.02
C ARG B 171 16.03 21.27 0.93
N LEU B 172 16.25 22.23 1.81
CA LEU B 172 17.39 22.22 2.72
C LEU B 172 17.11 21.43 3.99
N ALA B 173 18.14 20.74 4.48
CA ALA B 173 18.11 20.14 5.81
C ALA B 173 18.29 21.25 6.85
N ASN B 174 18.54 20.89 8.10
CA ASN B 174 18.88 21.90 9.09
C ASN B 174 20.24 22.52 8.74
N ILE B 175 20.26 23.83 8.58
CA ILE B 175 21.47 24.57 8.25
C ILE B 175 21.88 25.36 9.48
N ILE B 176 23.15 25.24 9.86
CA ILE B 176 23.66 25.82 11.09
C ILE B 176 24.98 26.50 10.80
N GLY B 177 25.27 27.54 11.57
CA GLY B 177 26.54 28.21 11.43
C GLY B 177 26.51 29.63 11.94
N LYS B 178 27.63 30.32 11.70
CA LYS B 178 27.81 31.69 12.17
C LYS B 178 26.70 32.59 11.61
N ARG B 179 26.22 33.50 12.45
CA ARG B 179 25.16 34.48 12.18
C ARG B 179 23.76 33.92 12.36
N SER B 180 23.60 32.64 12.68
CA SER B 180 22.27 32.08 12.92
C SER B 180 21.73 32.59 14.25
N ASN B 181 20.54 33.20 14.23
CA ASN B 181 19.89 33.64 15.44
C ASN B 181 18.67 32.78 15.78
N HIS B 182 18.60 31.57 15.24
CA HIS B 182 17.53 30.65 15.56
C HIS B 182 18.06 29.22 15.52
N GLY B 183 17.25 28.31 16.07
CA GLY B 183 17.57 26.90 16.08
C GLY B 183 17.96 26.41 17.47
N VAL B 184 18.28 25.12 17.52
CA VAL B 184 18.47 24.43 18.79
C VAL B 184 19.85 24.71 19.37
N ILE B 185 20.86 24.85 18.52
CA ILE B 185 22.21 25.15 19.00
C ILE B 185 22.25 26.54 19.60
N TYR B 186 21.74 27.52 18.86
CA TYR B 186 21.62 28.89 19.36
C TYR B 186 20.92 28.91 20.70
N ASP B 187 19.75 28.28 20.79
CA ASP B 187 18.96 28.36 22.00
C ASP B 187 19.63 27.64 23.15
N PHE B 188 20.32 26.52 22.89
CA PHE B 188 21.03 25.83 23.96
C PHE B 188 22.13 26.71 24.53
N ILE B 189 22.92 27.33 23.64
CA ILE B 189 24.02 28.16 24.08
C ILE B 189 23.52 29.33 24.91
N ASN B 190 22.41 29.95 24.48
CA ASN B 190 21.92 31.11 25.23
C ASN B 190 21.22 30.72 26.53
N LYS B 191 20.50 29.59 26.54
CA LYS B 191 19.95 29.08 27.80
C LYS B 191 21.08 28.84 28.81
N LEU B 192 22.19 28.28 28.36
CA LEU B 192 23.31 28.07 29.26
C LEU B 192 24.07 29.37 29.53
N LYS B 193 23.90 30.38 28.67
CA LYS B 193 24.38 31.72 29.00
C LYS B 193 23.66 32.23 30.24
N ALA B 194 22.35 32.00 30.31
CA ALA B 194 21.57 32.49 31.45
C ALA B 194 21.74 31.62 32.70
N ASN B 195 21.92 30.29 32.53
CA ASN B 195 22.13 29.40 33.66
C ASN B 195 23.01 28.20 33.29
N PRO B 196 24.23 28.10 33.84
CA PRO B 196 25.09 26.96 33.49
C PRO B 196 24.69 25.64 34.13
N ASN B 197 23.74 25.62 35.07
CA ASN B 197 23.48 24.43 35.87
C ASN B 197 22.46 23.47 35.26
N GLU B 198 21.57 23.96 34.40
CA GLU B 198 20.50 23.13 33.86
C GLU B 198 20.33 23.45 32.38
N LEU B 199 19.79 22.49 31.64
CA LEU B 199 19.46 22.66 30.23
C LEU B 199 18.07 22.09 30.00
N GLU B 200 17.11 22.98 29.77
CA GLU B 200 15.75 22.61 29.43
C GLU B 200 15.72 22.20 27.97
N ILE B 201 15.44 20.92 27.72
CA ILE B 201 15.44 20.36 26.37
C ILE B 201 14.01 20.08 25.98
N LEU B 202 13.58 20.67 24.85
CA LEU B 202 12.22 20.46 24.36
C LEU B 202 12.12 19.08 23.72
N GLY B 203 11.12 18.31 24.13
CA GLY B 203 10.95 16.95 23.66
C GLY B 203 11.63 15.93 24.56
N ASP B 204 11.91 14.76 23.97
CA ASP B 204 12.57 13.67 24.67
C ASP B 204 14.05 13.51 24.30
N GLY B 205 14.59 14.39 23.46
CA GLY B 205 15.99 14.33 23.11
C GLY B 205 16.37 13.32 22.03
N THR B 206 15.41 12.58 21.47
CA THR B 206 15.70 11.54 20.49
C THR B 206 15.48 11.99 19.04
N GLN B 207 15.03 13.22 18.82
CA GLN B 207 14.85 13.73 17.46
C GLN B 207 16.16 13.68 16.69
N ARG B 208 16.17 12.99 15.55
CA ARG B 208 17.38 12.81 14.77
C ARG B 208 17.21 13.46 13.41
N LYS B 209 18.12 14.39 13.08
CA LYS B 209 18.00 15.22 11.89
C LYS B 209 19.36 15.41 11.24
N SER B 210 19.33 15.72 9.94
CA SER B 210 20.54 15.96 9.16
C SER B 210 20.93 17.43 9.22
N TYR B 211 22.15 17.71 9.68
CA TYR B 211 22.65 19.08 9.83
C TYR B 211 23.80 19.34 8.86
N LEU B 212 23.73 20.47 8.17
CA LEU B 212 24.74 20.91 7.21
C LEU B 212 25.30 22.25 7.68
N HIS B 213 26.63 22.38 7.66
CA HIS B 213 27.22 23.67 7.96
C HIS B 213 26.97 24.66 6.82
N ILE B 214 26.85 25.94 7.19
CA ILE B 214 26.47 26.97 6.23
C ILE B 214 27.46 27.05 5.06
N SER B 215 28.73 26.68 5.30
CA SER B 215 29.73 26.68 4.23
C SER B 215 29.35 25.67 3.14
N ASP B 216 29.11 24.42 3.54
CA ASP B 216 28.64 23.42 2.60
C ASP B 216 27.31 23.82 1.99
N THR B 217 26.46 24.47 2.78
CA THR B 217 25.16 24.90 2.28
C THR B 217 25.32 25.84 1.09
N ILE B 218 26.17 26.86 1.23
CA ILE B 218 26.31 27.84 0.15
C ILE B 218 27.08 27.24 -1.02
N ASP B 219 28.11 26.43 -0.74
CA ASP B 219 28.78 25.74 -1.84
C ASP B 219 27.78 24.93 -2.66
N GLY B 220 26.89 24.19 -1.99
CA GLY B 220 25.93 23.37 -2.70
C GLY B 220 24.88 24.19 -3.44
N ILE B 221 24.40 25.26 -2.80
CA ILE B 221 23.46 26.14 -3.48
C ILE B 221 24.08 26.67 -4.77
N MET B 222 25.34 27.09 -4.70
CA MET B 222 25.99 27.64 -5.89
C MET B 222 26.24 26.56 -6.93
N LYS B 223 26.66 25.36 -6.51
CA LYS B 223 26.85 24.28 -7.46
C LYS B 223 25.56 23.94 -8.18
N LEU B 224 24.45 23.88 -7.45
CA LEU B 224 23.16 23.60 -8.07
C LEU B 224 22.77 24.73 -9.01
N PHE B 225 22.99 25.98 -8.61
CA PHE B 225 22.69 27.11 -9.50
C PHE B 225 23.49 27.00 -10.79
N GLU B 226 24.77 26.67 -10.67
CA GLU B 226 25.65 26.45 -11.82
C GLU B 226 25.11 25.36 -12.73
N HIS B 227 24.85 24.19 -12.17
CA HIS B 227 24.37 23.07 -12.97
C HIS B 227 23.04 23.41 -13.64
N PHE B 228 22.16 24.08 -12.89
CA PHE B 228 20.83 24.42 -13.38
C PHE B 228 20.90 25.42 -14.54
N LEU B 229 21.81 26.39 -14.45
CA LEU B 229 22.01 27.27 -15.59
C LEU B 229 22.44 26.49 -16.83
N ASN B 230 23.28 25.48 -16.65
CA ASN B 230 23.72 24.66 -17.78
C ASN B 230 22.68 23.64 -18.22
N GLY B 231 21.66 23.38 -17.41
CA GLY B 231 20.66 22.38 -17.73
C GLY B 231 19.51 22.95 -18.54
N GLU B 232 18.54 22.08 -18.82
CA GLU B 232 17.36 22.45 -19.59
C GLU B 232 16.08 22.45 -18.79
N GLU B 233 16.07 21.91 -17.57
CA GLU B 233 14.83 21.73 -16.84
C GLU B 233 14.19 23.07 -16.48
N ARG B 234 12.90 23.20 -16.78
CA ARG B 234 12.14 24.37 -16.36
C ARG B 234 12.12 24.49 -14.85
N VAL B 235 11.84 23.37 -14.16
CA VAL B 235 11.78 23.33 -12.71
C VAL B 235 12.54 22.08 -12.26
N ASP B 236 13.43 22.25 -11.29
CA ASP B 236 14.28 21.17 -10.81
C ASP B 236 14.24 21.18 -9.29
N PHE B 237 14.25 19.99 -8.71
CA PHE B 237 14.14 19.80 -7.28
C PHE B 237 15.40 19.09 -6.79
N TYR B 238 16.02 19.64 -5.75
CA TYR B 238 17.18 19.02 -5.12
C TYR B 238 17.02 19.06 -3.61
N ASN B 239 17.32 17.95 -2.95
CA ASN B 239 17.57 17.95 -1.52
C ASN B 239 18.97 18.48 -1.27
N LEU B 240 19.17 19.08 -0.10
CA LEU B 240 20.49 19.54 0.30
C LEU B 240 20.61 19.35 1.80
N GLY B 241 21.32 18.30 2.20
CA GLY B 241 21.57 18.01 3.59
C GLY B 241 22.88 17.26 3.76
N ASN B 242 23.14 16.75 4.95
CA ASN B 242 24.35 16.00 5.20
C ASN B 242 24.10 14.50 5.02
N GLU B 243 25.20 13.73 5.02
CA GLU B 243 25.12 12.29 4.82
C GLU B 243 24.58 11.56 6.04
N ASP B 244 24.65 12.17 7.22
CA ASP B 244 24.29 11.49 8.45
C ASP B 244 23.32 12.37 9.25
N TRP B 245 23.15 12.05 10.52
CA TRP B 245 22.28 12.82 11.39
C TRP B 245 22.72 12.65 12.84
N ILE B 246 22.08 13.43 13.72
CA ILE B 246 22.47 13.54 15.12
C ILE B 246 21.24 13.92 15.93
N THR B 247 21.19 13.46 17.17
CA THR B 247 20.04 13.66 18.05
C THR B 247 20.13 14.99 18.80
N VAL B 248 18.98 15.41 19.33
CA VAL B 248 18.92 16.60 20.16
C VAL B 248 19.78 16.45 21.40
N LYS B 249 19.80 15.26 21.99
CA LYS B 249 20.58 15.06 23.22
C LYS B 249 22.07 15.13 22.91
N GLU B 250 22.49 14.56 21.78
CA GLU B 250 23.89 14.67 21.40
C GLU B 250 24.27 16.11 21.07
N ILE B 251 23.35 16.87 20.50
CA ILE B 251 23.61 18.29 20.25
C ILE B 251 23.77 19.04 21.57
N ALA B 252 22.89 18.76 22.54
CA ALA B 252 23.05 19.34 23.86
C ALA B 252 24.41 18.96 24.45
N GLU B 253 24.84 17.72 24.25
CA GLU B 253 26.11 17.27 24.78
C GLU B 253 27.29 18.01 24.13
N ILE B 254 27.26 18.19 22.81
CA ILE B 254 28.35 18.93 22.16
C ILE B 254 28.35 20.39 22.59
N VAL B 255 27.17 21.00 22.72
CA VAL B 255 27.12 22.40 23.15
C VAL B 255 27.66 22.55 24.56
N SER B 256 27.31 21.63 25.46
CA SER B 256 27.87 21.65 26.81
C SER B 256 29.39 21.44 26.77
N GLU B 257 29.85 20.46 25.99
CA GLU B 257 31.28 20.22 25.84
C GLU B 257 32.01 21.48 25.46
N GLU B 258 31.51 22.18 24.43
CA GLU B 258 32.21 23.34 23.92
C GLU B 258 32.09 24.55 24.83
N MET B 259 31.02 24.62 25.63
CA MET B 259 30.87 25.68 26.63
C MET B 259 31.56 25.36 27.96
N ASN B 260 32.24 24.21 28.05
CA ASN B 260 32.89 23.79 29.30
C ASN B 260 31.89 23.77 30.46
N LEU B 261 30.65 23.39 30.17
CA LEU B 261 29.64 23.16 31.19
C LEU B 261 29.25 21.68 31.18
N ASN B 262 28.70 21.23 32.30
CA ASN B 262 28.14 19.88 32.41
C ASN B 262 26.83 19.97 33.20
N PRO B 263 25.79 20.52 32.59
CA PRO B 263 24.54 20.80 33.31
C PRO B 263 23.67 19.55 33.48
N ARG B 264 22.62 19.72 34.27
CA ARG B 264 21.60 18.69 34.45
C ARG B 264 20.57 18.81 33.35
N PHE B 265 20.43 17.76 32.54
CA PHE B 265 19.46 17.78 31.44
C PHE B 265 18.05 17.61 31.99
N LYS B 266 17.14 18.48 31.55
CA LYS B 266 15.74 18.48 31.98
C LYS B 266 14.84 18.52 30.74
N PHE B 267 14.36 17.35 30.32
CA PHE B 267 13.53 17.24 29.13
C PHE B 267 12.06 17.54 29.44
N THR B 268 11.39 18.22 28.51
CA THR B 268 9.98 18.54 28.68
C THR B 268 9.05 17.41 28.24
N GLY B 269 9.58 16.35 27.64
CA GLY B 269 8.77 15.21 27.24
C GLY B 269 7.98 15.39 25.95
N GLY B 270 7.70 16.63 25.55
CA GLY B 270 7.16 16.90 24.23
C GLY B 270 5.68 16.58 24.07
N VAL B 271 5.28 16.42 22.80
CA VAL B 271 3.90 16.13 22.42
C VAL B 271 3.91 15.17 21.23
N ASP B 272 2.72 14.68 20.88
CA ASP B 272 2.56 13.73 19.79
C ASP B 272 3.60 12.63 19.84
N GLY B 273 4.01 12.25 21.05
CA GLY B 273 4.97 11.17 21.21
C GLY B 273 6.40 11.66 21.35
N GLY B 274 6.58 12.78 22.03
CA GLY B 274 7.90 13.30 22.32
C GLY B 274 8.45 14.31 21.33
N ARG B 275 7.64 14.78 20.39
CA ARG B 275 8.09 15.85 19.52
C ARG B 275 8.37 17.11 20.34
N GLY B 276 9.26 17.95 19.83
CA GLY B 276 9.49 19.23 20.47
C GLY B 276 8.28 20.12 20.40
N TRP B 277 7.47 19.98 19.35
CA TRP B 277 6.23 20.73 19.19
C TRP B 277 5.37 20.05 18.12
N LYS B 278 4.12 20.48 18.06
CA LYS B 278 3.21 20.04 16.99
C LYS B 278 3.86 20.29 15.63
N GLY B 279 4.08 19.23 14.88
CA GLY B 279 4.66 19.37 13.55
C GLY B 279 6.17 19.28 13.51
N ASP B 280 6.82 18.99 14.62
CA ASP B 280 8.26 18.80 14.64
C ASP B 280 8.56 17.38 14.16
N VAL B 281 9.06 17.26 12.93
CA VAL B 281 9.40 15.94 12.43
C VAL B 281 10.47 15.32 13.32
N LYS B 282 10.31 14.05 13.62
CA LYS B 282 11.22 13.41 14.57
C LYS B 282 12.45 12.84 13.88
N LEU B 283 12.27 12.26 12.69
CA LEU B 283 13.38 11.75 11.90
C LEU B 283 13.41 12.47 10.56
N MET B 284 14.58 13.01 10.23
CA MET B 284 14.80 13.66 8.95
C MET B 284 16.20 13.29 8.48
N LEU B 285 16.30 12.83 7.24
CA LEU B 285 17.59 12.51 6.63
C LEU B 285 17.35 12.45 5.12
N LEU B 286 17.87 13.42 4.40
CA LEU B 286 17.58 13.56 2.99
C LEU B 286 18.55 12.76 2.14
N SER B 287 18.03 12.10 1.12
CA SER B 287 18.86 11.49 0.10
C SER B 287 19.47 12.60 -0.75
N ILE B 288 20.79 12.73 -0.75
CA ILE B 288 21.47 13.78 -1.48
C ILE B 288 22.23 13.22 -2.68
N GLU B 289 21.86 12.02 -3.14
CA GLU B 289 22.48 11.45 -4.33
C GLU B 289 22.30 12.35 -5.54
N LYS B 290 21.07 12.87 -5.73
CA LYS B 290 20.82 13.75 -6.86
C LYS B 290 21.67 15.01 -6.78
N ALA B 291 21.79 15.59 -5.59
CA ALA B 291 22.64 16.75 -5.41
C ALA B 291 24.11 16.39 -5.60
N LYS B 292 24.52 15.22 -5.11
CA LYS B 292 25.92 14.84 -5.22
C LYS B 292 26.33 14.55 -6.66
N ARG B 293 25.37 14.21 -7.53
CA ARG B 293 25.71 14.00 -8.93
C ARG B 293 26.20 15.28 -9.64
N THR B 294 26.06 16.45 -9.02
CA THR B 294 26.61 17.69 -9.57
C THR B 294 28.07 17.92 -9.18
N GLY B 295 28.65 17.05 -8.37
CA GLY B 295 29.98 17.21 -7.83
C GLY B 295 30.02 17.65 -6.38
N TRP B 296 28.97 18.30 -5.90
CA TRP B 296 28.94 18.74 -4.52
C TRP B 296 28.98 17.54 -3.56
N LYS B 297 29.49 17.80 -2.35
CA LYS B 297 29.33 16.89 -1.22
C LYS B 297 29.77 17.62 0.04
N PRO B 298 29.08 17.44 1.17
CA PRO B 298 29.47 18.15 2.40
C PRO B 298 30.86 17.72 2.87
N ARG B 299 31.68 18.71 3.21
CA ARG B 299 32.99 18.44 3.79
C ARG B 299 32.90 18.17 5.29
N MET B 300 31.79 18.51 5.92
CA MET B 300 31.57 18.23 7.33
C MET B 300 30.30 17.41 7.48
N ASN B 301 30.30 16.51 8.45
CA ASN B 301 29.11 15.74 8.81
C ASN B 301 28.34 16.51 9.89
N SER B 302 27.23 15.94 10.33
CA SER B 302 26.36 16.64 11.27
C SER B 302 27.10 16.95 12.57
N TYR B 303 27.89 15.99 13.07
CA TYR B 303 28.62 16.20 14.31
C TYR B 303 29.68 17.29 14.16
N GLU B 304 30.46 17.21 13.07
CA GLU B 304 31.45 18.25 12.80
C GLU B 304 30.77 19.60 12.59
N ALA B 305 29.68 19.61 11.84
CA ALA B 305 28.98 20.87 11.60
C ALA B 305 28.51 21.50 12.91
N VAL B 306 27.93 20.68 13.79
CA VAL B 306 27.44 21.21 15.06
C VAL B 306 28.57 21.76 15.90
N ARG B 307 29.68 21.01 16.00
CA ARG B 307 30.78 21.47 16.84
C ARG B 307 31.39 22.77 16.28
N LYS B 308 31.63 22.81 14.97
CA LYS B 308 32.17 24.02 14.35
C LYS B 308 31.23 25.20 14.58
N THR B 309 29.92 24.96 14.49
CA THR B 309 28.95 26.03 14.70
C THR B 309 29.04 26.57 16.11
N VAL B 310 29.11 25.68 17.11
CA VAL B 310 29.21 26.13 18.49
C VAL B 310 30.45 26.99 18.67
N ARG B 311 31.59 26.55 18.13
CA ARG B 311 32.82 27.32 18.28
C ARG B 311 32.70 28.70 17.65
N GLU B 312 32.36 28.73 16.35
CA GLU B 312 32.15 30.00 15.65
C GLU B 312 31.25 30.92 16.45
N MET B 313 30.13 30.40 16.96
CA MET B 313 29.18 31.23 17.67
C MET B 313 29.74 31.77 18.97
N LEU B 314 30.51 30.95 19.70
CA LEU B 314 31.01 31.40 20.98
C LEU B 314 32.13 32.43 20.81
N GLU B 315 32.78 32.48 19.64
CA GLU B 315 33.72 33.59 19.41
C GLU B 315 33.02 34.94 19.51
N GLU B 316 31.79 35.05 18.99
CA GLU B 316 31.04 36.31 19.08
C GLU B 316 30.41 36.44 20.46
N MET C 1 21.75 -5.44 -9.67
CA MET C 1 20.45 -5.98 -9.21
C MET C 1 19.93 -5.26 -7.99
N ARG C 2 18.68 -4.80 -8.04
CA ARG C 2 18.03 -4.23 -6.88
C ARG C 2 17.22 -5.32 -6.19
N VAL C 3 17.34 -5.39 -4.87
CA VAL C 3 16.63 -6.37 -4.07
C VAL C 3 15.94 -5.65 -2.92
N LEU C 4 14.70 -6.06 -2.65
CA LEU C 4 13.93 -5.67 -1.48
C LEU C 4 14.08 -6.74 -0.42
N VAL C 5 14.23 -6.31 0.84
CA VAL C 5 14.27 -7.23 1.97
C VAL C 5 13.15 -6.81 2.91
N THR C 6 11.99 -7.43 2.78
CA THR C 6 10.91 -7.15 3.72
C THR C 6 11.29 -7.74 5.08
N GLY C 7 10.90 -7.04 6.14
CA GLY C 7 11.33 -7.46 7.46
C GLY C 7 12.81 -7.32 7.72
N GLY C 8 13.52 -6.54 6.89
CA GLY C 8 14.96 -6.41 6.91
C GLY C 8 15.58 -5.73 8.13
N ALA C 9 14.78 -5.23 9.07
CA ALA C 9 15.32 -4.73 10.33
C ALA C 9 15.30 -5.77 11.44
N GLY C 10 14.88 -7.00 11.13
CA GLY C 10 14.79 -8.06 12.11
C GLY C 10 16.10 -8.81 12.26
N PHE C 11 16.02 -9.91 13.01
CA PHE C 11 17.18 -10.74 13.29
C PHE C 11 17.75 -11.30 12.00
N ILE C 12 17.03 -12.18 11.32
CA ILE C 12 17.56 -12.73 10.08
C ILE C 12 17.61 -11.65 9.00
N GLY C 13 16.62 -10.76 8.98
CA GLY C 13 16.55 -9.77 7.91
C GLY C 13 17.71 -8.81 7.89
N SER C 14 18.13 -8.32 9.07
CA SER C 14 19.22 -7.35 9.11
C SER C 14 20.56 -7.99 8.76
N HIS C 15 20.76 -9.25 9.11
CA HIS C 15 21.98 -9.92 8.69
C HIS C 15 21.99 -10.13 7.18
N LEU C 16 20.85 -10.54 6.61
CA LEU C 16 20.79 -10.64 5.15
C LEU C 16 21.04 -9.28 4.51
N VAL C 17 20.54 -8.20 5.14
CA VAL C 17 20.77 -6.86 4.60
C VAL C 17 22.26 -6.54 4.62
N ASP C 18 22.93 -6.79 5.76
CA ASP C 18 24.36 -6.61 5.84
C ASP C 18 25.07 -7.34 4.72
N ARG C 19 24.70 -8.61 4.51
CA ARG C 19 25.32 -9.42 3.46
C ARG C 19 25.09 -8.82 2.08
N LEU C 20 23.84 -8.51 1.75
CA LEU C 20 23.53 -8.00 0.42
C LEU C 20 24.28 -6.70 0.17
N MET C 21 24.30 -5.82 1.16
CA MET C 21 25.05 -4.57 1.07
C MET C 21 26.53 -4.84 0.81
N GLU C 22 27.11 -5.78 1.57
CA GLU C 22 28.53 -6.05 1.45
C GLU C 22 28.89 -6.56 0.06
N GLU C 23 28.00 -7.35 -0.56
CA GLU C 23 28.26 -7.84 -1.91
C GLU C 23 27.91 -6.82 -2.99
N GLY C 24 27.51 -5.61 -2.60
CA GLY C 24 27.23 -4.58 -3.59
C GLY C 24 25.83 -4.56 -4.17
N TYR C 25 24.87 -5.22 -3.52
CA TYR C 25 23.50 -5.10 -3.98
C TYR C 25 22.94 -3.71 -3.67
N LYS C 26 21.93 -3.32 -4.44
CA LYS C 26 21.08 -2.18 -4.13
C LYS C 26 19.94 -2.70 -3.27
N VAL C 27 19.94 -2.34 -1.98
CA VAL C 27 19.02 -2.93 -1.01
C VAL C 27 18.04 -1.87 -0.53
N ARG C 28 16.76 -2.16 -0.72
CA ARG C 28 15.67 -1.47 -0.05
C ARG C 28 15.13 -2.40 1.04
N VAL C 29 14.87 -1.84 2.21
CA VAL C 29 14.31 -2.58 3.34
C VAL C 29 12.91 -2.05 3.61
N LEU C 30 11.96 -2.96 3.80
CA LEU C 30 10.60 -2.61 4.21
C LEU C 30 10.30 -3.32 5.52
N ASP C 31 10.06 -2.55 6.57
CA ASP C 31 9.87 -3.12 7.90
C ASP C 31 9.11 -2.12 8.78
N ASP C 32 8.02 -2.59 9.38
CA ASP C 32 7.17 -1.77 10.24
C ASP C 32 7.72 -1.64 11.65
N LEU C 33 8.86 -2.25 11.94
CA LEU C 33 9.51 -2.15 13.25
C LEU C 33 8.61 -2.62 14.38
N SER C 34 7.74 -3.60 14.11
CA SER C 34 6.97 -4.23 15.17
C SER C 34 7.84 -5.20 15.97
N ALA C 35 8.87 -5.75 15.35
CA ALA C 35 9.82 -6.62 16.04
C ALA C 35 11.27 -6.32 15.71
N GLY C 36 11.58 -5.89 14.49
CA GLY C 36 12.90 -5.43 14.16
C GLY C 36 13.15 -4.06 14.72
N SER C 37 14.36 -3.54 14.47
CA SER C 37 14.77 -2.27 15.02
C SER C 37 15.64 -1.55 14.00
N LEU C 38 15.50 -0.22 13.94
CA LEU C 38 16.35 0.56 13.05
C LEU C 38 17.82 0.40 13.43
N LYS C 39 18.10 0.25 14.72
CA LYS C 39 19.47 0.02 15.16
C LYS C 39 20.10 -1.11 14.37
N ASN C 40 19.37 -2.22 14.21
CA ASN C 40 19.89 -3.40 13.52
C ASN C 40 20.39 -3.10 12.11
N ILE C 41 20.05 -1.93 11.53
CA ILE C 41 20.52 -1.59 10.20
C ILE C 41 20.91 -0.13 10.12
N GLU C 42 20.94 0.56 11.27
CA GLU C 42 21.19 2.00 11.24
C GLU C 42 22.53 2.34 10.61
N GLY C 43 23.48 1.39 10.63
CA GLY C 43 24.78 1.61 10.02
C GLY C 43 24.72 1.91 8.54
N TRP C 44 23.66 1.46 7.85
CA TRP C 44 23.61 1.60 6.40
C TRP C 44 22.96 2.90 5.94
N LEU C 45 22.23 3.60 6.79
CA LEU C 45 21.63 4.87 6.39
C LEU C 45 22.68 5.85 5.92
N GLY C 46 22.42 6.46 4.77
CA GLY C 46 23.34 7.34 4.09
C GLY C 46 24.14 6.68 3.00
N ASN C 47 24.13 5.35 2.95
CA ASN C 47 24.74 4.64 1.85
C ASN C 47 23.89 4.81 0.59
N GLU C 48 24.57 4.96 -0.54
CA GLU C 48 23.90 5.16 -1.81
C GLU C 48 23.18 3.91 -2.28
N ASN C 49 23.55 2.74 -1.75
CA ASN C 49 22.92 1.49 -2.10
C ASN C 49 21.85 1.06 -1.11
N PHE C 50 21.51 1.90 -0.14
CA PHE C 50 20.58 1.52 0.92
C PHE C 50 19.42 2.50 0.99
N GLU C 51 18.21 1.95 1.02
CA GLU C 51 16.99 2.71 1.23
C GLU C 51 16.14 1.98 2.27
N PHE C 52 15.61 2.72 3.24
CA PHE C 52 14.76 2.15 4.28
C PHE C 52 13.37 2.75 4.21
N ILE C 53 12.36 1.91 4.38
CA ILE C 53 10.97 2.34 4.39
C ILE C 53 10.30 1.75 5.63
N LYS C 54 9.81 2.61 6.51
CA LYS C 54 8.99 2.18 7.64
C LYS C 54 7.55 2.04 7.17
N GLY C 55 7.03 0.82 7.20
CA GLY C 55 5.69 0.57 6.71
C GLY C 55 5.11 -0.78 7.12
N ASP C 56 3.81 -0.81 7.35
CA ASP C 56 3.09 -2.04 7.68
C ASP C 56 2.61 -2.65 6.38
N MET C 57 2.99 -3.90 6.13
CA MET C 57 2.67 -4.54 4.86
C MET C 57 1.19 -4.85 4.73
N ARG C 58 0.39 -4.65 5.79
CA ARG C 58 -1.06 -4.64 5.61
C ARG C 58 -1.48 -3.50 4.71
N ASP C 59 -0.68 -2.43 4.64
CA ASP C 59 -0.99 -1.27 3.83
C ASP C 59 -0.54 -1.55 2.40
N VAL C 60 -1.49 -1.60 1.47
CA VAL C 60 -1.20 -2.04 0.11
C VAL C 60 -0.35 -1.01 -0.63
N GLU C 61 -0.57 0.27 -0.36
CA GLU C 61 0.21 1.31 -1.02
C GLU C 61 1.69 1.16 -0.69
N ILE C 62 2.00 0.98 0.60
CA ILE C 62 3.38 0.77 1.04
C ILE C 62 4.03 -0.33 0.22
N VAL C 63 3.36 -1.48 0.12
CA VAL C 63 3.98 -2.64 -0.50
C VAL C 63 4.14 -2.44 -2.00
N SER C 64 3.15 -1.84 -2.65
CA SER C 64 3.32 -1.52 -4.07
C SER C 64 4.49 -0.59 -4.29
N LYS C 65 4.70 0.35 -3.38
CA LYS C 65 5.83 1.25 -3.52
C LYS C 65 7.14 0.49 -3.37
N ALA C 66 7.22 -0.42 -2.39
CA ALA C 66 8.50 -1.04 -2.07
C ALA C 66 9.02 -1.89 -3.24
N VAL C 67 8.12 -2.57 -3.97
CA VAL C 67 8.56 -3.39 -5.09
C VAL C 67 8.80 -2.59 -6.36
N LYS C 68 8.57 -1.28 -6.34
CA LYS C 68 8.86 -0.46 -7.51
C LYS C 68 10.37 -0.44 -7.76
N ASP C 69 10.76 -0.78 -8.98
CA ASP C 69 12.16 -0.76 -9.39
C ASP C 69 12.98 -1.82 -8.64
N VAL C 70 12.42 -2.99 -8.40
CA VAL C 70 13.11 -4.05 -7.68
C VAL C 70 13.14 -5.31 -8.54
N ASP C 71 14.32 -5.93 -8.60
CA ASP C 71 14.49 -7.16 -9.36
C ASP C 71 14.28 -8.41 -8.52
N ALA C 72 14.54 -8.34 -7.21
CA ALA C 72 14.40 -9.51 -6.35
C ALA C 72 13.74 -9.11 -5.04
N VAL C 73 12.93 -10.01 -4.49
CA VAL C 73 12.28 -9.81 -3.20
C VAL C 73 12.71 -10.93 -2.26
N PHE C 74 13.16 -10.57 -1.07
CA PHE C 74 13.40 -11.51 0.03
C PHE C 74 12.38 -11.19 1.11
N HIS C 75 11.37 -12.06 1.21
CA HIS C 75 10.18 -11.81 2.04
C HIS C 75 10.35 -12.45 3.41
N LEU C 76 11.02 -11.72 4.30
CA LEU C 76 11.28 -12.18 5.67
C LEU C 76 10.33 -11.57 6.69
N ALA C 77 9.44 -10.68 6.29
CA ALA C 77 8.52 -10.07 7.23
C ALA C 77 7.50 -11.11 7.70
N ALA C 78 7.31 -11.21 9.01
CA ALA C 78 6.34 -12.11 9.60
C ALA C 78 6.42 -11.97 11.12
N ASN C 79 5.44 -12.55 11.82
CA ASN C 79 5.56 -12.79 13.25
C ASN C 79 5.90 -14.26 13.43
N PRO C 80 7.10 -14.61 13.90
CA PRO C 80 7.51 -16.02 13.94
C PRO C 80 7.05 -16.80 15.16
N GLU C 81 6.34 -16.18 16.10
CA GLU C 81 6.07 -16.81 17.38
C GLU C 81 4.95 -17.83 17.23
N VAL C 82 5.32 -19.12 17.24
CA VAL C 82 4.32 -20.18 17.28
C VAL C 82 3.61 -20.15 18.63
N ARG C 83 4.34 -19.72 19.67
CA ARG C 83 3.86 -19.76 21.04
C ARG C 83 2.53 -19.03 21.20
N ILE C 84 2.29 -17.99 20.41
CA ILE C 84 1.13 -17.12 20.56
C ILE C 84 -0.03 -17.58 19.70
N GLY C 85 0.12 -18.76 19.06
CA GLY C 85 -0.85 -19.19 18.07
C GLY C 85 -2.21 -19.58 18.64
N SER C 86 -2.24 -20.13 19.86
CA SER C 86 -3.50 -20.50 20.47
C SER C 86 -4.17 -19.34 21.17
N GLN C 87 -3.42 -18.27 21.46
CA GLN C 87 -4.01 -17.05 21.99
C GLN C 87 -4.38 -16.09 20.88
N SER C 88 -3.47 -15.91 19.91
CA SER C 88 -3.59 -14.86 18.91
C SER C 88 -3.39 -15.43 17.51
N PRO C 89 -4.28 -16.34 17.08
CA PRO C 89 -4.21 -16.81 15.69
C PRO C 89 -4.46 -15.71 14.69
N GLU C 90 -5.23 -14.69 15.07
CA GLU C 90 -5.50 -13.58 14.16
C GLU C 90 -4.21 -12.87 13.74
N LEU C 91 -3.31 -12.67 14.71
CA LEU C 91 -2.04 -11.99 14.42
C LEU C 91 -1.20 -12.78 13.44
N LEU C 92 -1.11 -14.09 13.64
CA LEU C 92 -0.36 -14.92 12.71
C LEU C 92 -1.01 -14.94 11.35
N TYR C 93 -2.35 -15.01 11.31
CA TYR C 93 -3.03 -14.97 10.03
C TYR C 93 -2.63 -13.72 9.26
N GLU C 94 -2.69 -12.57 9.92
CA GLU C 94 -2.40 -11.32 9.21
C GLU C 94 -0.94 -11.30 8.76
N THR C 95 -0.01 -11.41 9.71
CA THR C 95 1.41 -11.23 9.41
C THR C 95 2.03 -12.39 8.64
N ASN C 96 1.29 -13.45 8.34
CA ASN C 96 1.82 -14.51 7.48
C ASN C 96 1.04 -14.66 6.19
N VAL C 97 -0.28 -14.79 6.26
CA VAL C 97 -1.07 -14.99 5.06
C VAL C 97 -1.40 -13.64 4.41
N LEU C 98 -1.90 -12.69 5.19
CA LEU C 98 -2.42 -11.47 4.60
C LEU C 98 -1.31 -10.67 3.92
N ILE C 99 -0.18 -10.47 4.61
CA ILE C 99 0.88 -9.63 4.04
C ILE C 99 1.57 -10.34 2.88
N THR C 100 1.62 -11.68 2.88
CA THR C 100 2.11 -12.40 1.71
C THR C 100 1.15 -12.23 0.52
N TYR C 101 -0.15 -12.29 0.79
CA TYR C 101 -1.14 -12.04 -0.25
C TYR C 101 -0.95 -10.65 -0.84
N ASN C 102 -0.74 -9.65 0.02
CA ASN C 102 -0.53 -8.28 -0.44
C ASN C 102 0.76 -8.17 -1.24
N LEU C 103 1.85 -8.75 -0.73
CA LEU C 103 3.11 -8.76 -1.45
C LEU C 103 2.94 -9.33 -2.86
N LEU C 104 2.26 -10.47 -2.97
CA LEU C 104 2.12 -11.12 -4.27
C LEU C 104 1.28 -10.28 -5.22
N ASN C 105 0.18 -9.70 -4.72
CA ASN C 105 -0.63 -8.83 -5.56
C ASN C 105 0.18 -7.62 -6.04
N ALA C 106 1.03 -7.07 -5.17
CA ALA C 106 1.93 -6.01 -5.60
C ALA C 106 2.88 -6.51 -6.68
N VAL C 107 3.47 -7.69 -6.46
CA VAL C 107 4.49 -8.21 -7.37
C VAL C 107 3.91 -8.38 -8.77
N ARG C 108 2.63 -8.72 -8.84
CA ARG C 108 2.02 -9.00 -10.15
C ARG C 108 2.16 -7.80 -11.08
N ASN C 109 2.03 -6.59 -10.54
CA ASN C 109 2.05 -5.35 -11.33
C ASN C 109 3.41 -4.66 -11.29
N SER C 110 4.50 -5.42 -11.35
CA SER C 110 5.84 -4.85 -11.20
C SER C 110 6.80 -5.60 -12.11
N GLY C 111 8.09 -5.35 -11.94
CA GLY C 111 9.13 -6.01 -12.68
C GLY C 111 9.93 -6.95 -11.79
N VAL C 112 9.33 -7.35 -10.67
CA VAL C 112 9.97 -8.34 -9.80
C VAL C 112 10.13 -9.65 -10.56
N LYS C 113 11.36 -10.14 -10.62
CA LYS C 113 11.69 -11.37 -11.33
C LYS C 113 11.80 -12.58 -10.40
N TYR C 114 12.25 -12.38 -9.16
CA TYR C 114 12.54 -13.46 -8.24
C TYR C 114 11.97 -13.14 -6.86
N LEU C 115 11.35 -14.15 -6.23
CA LEU C 115 10.85 -14.05 -4.87
C LEU C 115 11.43 -15.18 -4.05
N VAL C 116 12.16 -14.84 -2.99
CA VAL C 116 12.71 -15.81 -2.05
C VAL C 116 11.95 -15.65 -0.73
N PHE C 117 11.33 -16.72 -0.27
CA PHE C 117 10.50 -16.68 0.92
C PHE C 117 11.02 -17.65 1.98
N THR C 118 11.13 -17.16 3.21
CA THR C 118 11.58 -17.93 4.36
C THR C 118 10.40 -18.66 4.99
N SER C 119 10.13 -19.86 4.52
CA SER C 119 9.14 -20.72 5.14
C SER C 119 9.80 -21.50 6.27
N SER C 120 9.04 -22.40 6.90
CA SER C 120 9.51 -23.05 8.11
C SER C 120 9.29 -24.55 8.05
N SER C 121 10.09 -25.27 8.86
CA SER C 121 9.88 -26.69 9.06
C SER C 121 8.47 -26.98 9.56
N THR C 122 7.83 -26.01 10.22
CA THR C 122 6.51 -26.25 10.82
C THR C 122 5.48 -26.64 9.78
N VAL C 123 5.74 -26.38 8.50
CA VAL C 123 4.81 -26.80 7.46
C VAL C 123 4.62 -28.32 7.50
N TYR C 124 5.65 -29.04 7.93
CA TYR C 124 5.52 -30.49 8.09
C TYR C 124 4.77 -30.88 9.35
N GLY C 125 4.61 -29.96 10.29
CA GLY C 125 4.00 -30.34 11.56
C GLY C 125 4.84 -31.40 12.24
N ASP C 126 4.16 -32.39 12.81
CA ASP C 126 4.82 -33.56 13.38
C ASP C 126 5.20 -34.49 12.25
N ALA C 127 6.34 -34.21 11.62
CA ALA C 127 6.77 -35.01 10.49
C ALA C 127 7.07 -36.42 10.97
N LYS C 128 6.50 -37.41 10.29
CA LYS C 128 6.66 -38.81 10.64
C LYS C 128 7.89 -39.44 10.01
N VAL C 129 8.53 -38.76 9.06
CA VAL C 129 9.80 -39.19 8.46
C VAL C 129 10.88 -38.22 8.92
N ILE C 130 11.94 -38.74 9.55
CA ILE C 130 13.04 -37.89 10.00
C ILE C 130 14.37 -38.52 9.65
N PRO C 131 15.31 -37.79 9.04
CA PRO C 131 15.22 -36.37 8.63
C PRO C 131 14.16 -36.18 7.56
N THR C 132 13.46 -35.06 7.63
CA THR C 132 12.29 -34.83 6.78
C THR C 132 12.74 -34.31 5.43
N PRO C 133 12.45 -35.00 4.33
CA PRO C 133 12.77 -34.47 3.01
C PRO C 133 11.81 -33.36 2.61
N GLU C 134 12.22 -32.61 1.58
CA GLU C 134 11.41 -31.50 1.10
C GLU C 134 10.09 -31.99 0.50
N ASP C 135 10.00 -33.26 0.13
CA ASP C 135 8.79 -33.82 -0.45
C ASP C 135 7.96 -34.58 0.57
N TYR C 136 8.32 -34.51 1.85
CA TYR C 136 7.50 -35.14 2.87
C TYR C 136 6.08 -34.55 2.83
N ALA C 137 5.11 -35.41 3.05
CA ALA C 137 3.69 -35.05 2.93
C ALA C 137 2.85 -36.26 3.31
N PRO C 138 1.54 -36.10 3.55
CA PRO C 138 0.74 -34.87 3.48
C PRO C 138 1.17 -33.86 4.53
N LEU C 139 1.21 -32.58 4.18
CA LEU C 139 1.60 -31.53 5.12
C LEU C 139 0.41 -31.25 6.03
N GLU C 140 0.55 -31.61 7.30
CA GLU C 140 -0.51 -31.52 8.30
C GLU C 140 0.02 -30.71 9.47
N PRO C 141 0.19 -29.40 9.27
CA PRO C 141 0.71 -28.56 10.37
C PRO C 141 -0.21 -28.58 11.57
N ILE C 142 0.38 -28.53 12.75
CA ILE C 142 -0.34 -28.60 14.01
C ILE C 142 -0.40 -27.26 14.72
N SER C 143 0.15 -26.21 14.12
CA SER C 143 0.14 -24.87 14.68
C SER C 143 -0.48 -23.90 13.68
N VAL C 144 -1.15 -22.87 14.21
CA VAL C 144 -1.63 -21.80 13.35
C VAL C 144 -0.47 -21.19 12.56
N PHE C 145 0.70 -21.06 13.20
CA PHE C 145 1.86 -20.51 12.51
C PHE C 145 2.28 -21.39 11.34
N GLY C 146 2.48 -22.69 11.59
CA GLY C 146 2.88 -23.58 10.51
C GLY C 146 1.86 -23.61 9.39
N ALA C 147 0.58 -23.57 9.75
CA ALA C 147 -0.48 -23.53 8.74
C ALA C 147 -0.40 -22.25 7.91
N ALA C 148 -0.16 -21.11 8.56
CA ALA C 148 -0.08 -19.86 7.83
C ALA C 148 1.15 -19.84 6.92
N LYS C 149 2.25 -20.42 7.38
CA LYS C 149 3.45 -20.51 6.54
C LYS C 149 3.19 -21.40 5.33
N LEU C 150 2.48 -22.53 5.54
CA LEU C 150 2.13 -23.38 4.41
C LEU C 150 1.24 -22.62 3.42
N ALA C 151 0.25 -21.89 3.92
CA ALA C 151 -0.61 -21.09 3.07
C ALA C 151 0.19 -20.05 2.27
N ALA C 152 1.13 -19.38 2.94
CA ALA C 152 2.02 -18.45 2.23
C ALA C 152 2.77 -19.18 1.12
N GLU C 153 3.31 -20.36 1.40
CA GLU C 153 3.97 -21.14 0.36
C GLU C 153 3.04 -21.33 -0.83
N ALA C 154 1.81 -21.77 -0.54
CA ALA C 154 0.86 -22.08 -1.59
C ALA C 154 0.56 -20.86 -2.46
N LEU C 155 0.32 -19.71 -1.81
CA LEU C 155 0.03 -18.49 -2.56
C LEU C 155 1.23 -18.06 -3.40
N ILE C 156 2.44 -18.19 -2.86
CA ILE C 156 3.63 -17.88 -3.64
C ILE C 156 3.66 -18.73 -4.89
N SER C 157 3.39 -20.04 -4.74
CA SER C 157 3.44 -20.94 -5.88
C SER C 157 2.39 -20.56 -6.92
N GLY C 158 1.16 -20.33 -6.47
CA GLY C 158 0.09 -20.00 -7.40
C GLY C 158 0.37 -18.72 -8.17
N TYR C 159 0.82 -17.68 -7.47
CA TYR C 159 1.14 -16.44 -8.16
C TYR C 159 2.37 -16.57 -9.06
N ALA C 160 3.37 -17.34 -8.62
CA ALA C 160 4.56 -17.55 -9.44
C ALA C 160 4.19 -18.18 -10.79
N HIS C 161 3.36 -19.22 -10.75
CA HIS C 161 2.96 -19.86 -11.99
C HIS C 161 2.02 -18.99 -12.81
N THR C 162 1.06 -18.31 -12.15
CA THR C 162 0.05 -17.57 -12.90
C THR C 162 0.65 -16.32 -13.54
N PHE C 163 1.46 -15.58 -12.79
CA PHE C 163 1.95 -14.27 -13.20
C PHE C 163 3.45 -14.25 -13.50
N ASP C 164 4.04 -15.41 -13.78
CA ASP C 164 5.36 -15.52 -14.40
C ASP C 164 6.45 -14.77 -13.62
N PHE C 165 6.62 -15.13 -12.36
CA PHE C 165 7.88 -14.90 -11.67
C PHE C 165 8.36 -16.22 -11.09
N ARG C 166 9.61 -16.24 -10.68
CA ARG C 166 10.22 -17.43 -10.10
C ARG C 166 10.29 -17.29 -8.59
N ALA C 167 10.15 -18.42 -7.89
CA ALA C 167 10.04 -18.40 -6.44
C ALA C 167 10.89 -19.49 -5.81
N LEU C 168 11.66 -19.10 -4.79
CA LEU C 168 12.54 -19.98 -4.03
C LEU C 168 12.03 -20.03 -2.59
N ILE C 169 11.50 -21.17 -2.18
CA ILE C 169 10.91 -21.34 -0.87
C ILE C 169 11.90 -22.12 -0.02
N ILE C 170 12.31 -21.56 1.11
CA ILE C 170 13.36 -22.13 1.94
C ILE C 170 12.78 -22.43 3.31
N ARG C 171 12.64 -23.71 3.64
CA ARG C 171 12.07 -24.13 4.91
C ARG C 171 13.20 -24.18 5.95
N LEU C 172 13.24 -23.18 6.82
CA LEU C 172 14.31 -23.05 7.80
C LEU C 172 13.98 -23.83 9.07
N ALA C 173 15.00 -24.42 9.67
CA ALA C 173 14.90 -24.95 11.02
C ALA C 173 14.96 -23.79 12.01
N ASN C 174 15.17 -24.08 13.29
CA ASN C 174 15.38 -23.05 14.30
C ASN C 174 16.68 -22.30 14.03
N ILE C 175 16.59 -20.98 13.90
CA ILE C 175 17.74 -20.13 13.59
C ILE C 175 18.11 -19.35 14.84
N ILE C 176 19.40 -19.35 15.17
CA ILE C 176 19.90 -18.73 16.39
C ILE C 176 21.16 -17.92 16.07
N GLY C 177 21.37 -16.86 16.83
CA GLY C 177 22.56 -16.06 16.67
C GLY C 177 22.35 -14.65 17.18
N LYS C 178 23.38 -13.83 16.96
CA LYS C 178 23.35 -12.45 17.42
C LYS C 178 22.17 -11.71 16.80
N ARG C 179 21.52 -10.87 17.61
CA ARG C 179 20.34 -10.07 17.31
C ARG C 179 19.01 -10.83 17.50
N SER C 180 19.03 -12.11 17.82
CA SER C 180 17.78 -12.85 18.05
C SER C 180 17.16 -12.39 19.36
N ASN C 181 15.92 -11.91 19.31
CA ASN C 181 15.20 -11.47 20.50
C ASN C 181 14.04 -12.40 20.84
N HIS C 182 14.05 -13.63 20.33
CA HIS C 182 13.01 -14.59 20.66
C HIS C 182 13.64 -15.98 20.66
N GLY C 183 12.90 -16.94 21.20
CA GLY C 183 13.33 -18.32 21.21
C GLY C 183 13.79 -18.77 22.59
N VAL C 184 14.26 -20.02 22.62
CA VAL C 184 14.53 -20.70 23.87
C VAL C 184 15.87 -20.27 24.48
N ILE C 185 16.88 -19.96 23.65
CA ILE C 185 18.15 -19.47 24.19
C ILE C 185 17.98 -18.09 24.80
N TYR C 186 17.35 -17.17 24.06
CA TYR C 186 17.04 -15.85 24.58
C TYR C 186 16.28 -15.96 25.90
N ASP C 187 15.21 -16.75 25.91
CA ASP C 187 14.36 -16.82 27.08
C ASP C 187 15.06 -17.51 28.25
N PHE C 188 15.88 -18.53 27.98
CA PHE C 188 16.62 -19.18 29.05
C PHE C 188 17.66 -18.24 29.66
N ILE C 189 18.40 -17.52 28.81
CA ILE C 189 19.40 -16.60 29.33
C ILE C 189 18.73 -15.54 30.18
N ASN C 190 17.57 -15.04 29.75
CA ASN C 190 16.90 -14.00 30.51
C ASN C 190 16.28 -14.55 31.80
N LYS C 191 15.78 -15.79 31.76
CA LYS C 191 15.30 -16.45 32.97
C LYS C 191 16.41 -16.56 34.01
N LEU C 192 17.60 -16.96 33.59
CA LEU C 192 18.71 -17.04 34.53
C LEU C 192 19.29 -15.67 34.87
N LYS C 193 19.05 -14.67 34.01
CA LYS C 193 19.34 -13.29 34.39
C LYS C 193 18.53 -12.90 35.61
N ALA C 194 17.25 -13.29 35.63
CA ALA C 194 16.39 -12.90 36.74
C ALA C 194 16.61 -13.74 38.00
N ASN C 195 16.92 -15.04 37.86
CA ASN C 195 17.22 -15.89 39.01
C ASN C 195 18.20 -17.00 38.65
N PRO C 196 19.42 -16.97 39.18
CA PRO C 196 20.40 -18.04 38.84
C PRO C 196 20.11 -19.38 39.49
N ASN C 197 19.17 -19.47 40.43
CA ASN C 197 19.00 -20.67 41.23
C ASN C 197 18.09 -21.71 40.61
N GLU C 198 17.19 -21.31 39.71
CA GLU C 198 16.21 -22.22 39.13
C GLU C 198 16.06 -21.91 37.65
N LEU C 199 15.66 -22.92 36.87
CA LEU C 199 15.39 -22.75 35.45
C LEU C 199 14.09 -23.47 35.11
N GLU C 200 13.04 -22.71 34.80
CA GLU C 200 11.78 -23.26 34.34
C GLU C 200 11.86 -23.59 32.85
N ILE C 201 11.74 -24.88 32.53
CA ILE C 201 11.80 -25.37 31.15
C ILE C 201 10.39 -25.76 30.71
N LEU C 202 9.92 -25.17 29.62
CA LEU C 202 8.58 -25.46 29.12
C LEU C 202 8.56 -26.84 28.46
N GLY C 203 7.59 -27.66 28.84
CA GLY C 203 7.50 -29.00 28.33
C GLY C 203 8.22 -29.99 29.23
N ASP C 204 8.60 -31.11 28.62
CA ASP C 204 9.31 -32.17 29.30
C ASP C 204 10.82 -32.16 29.02
N GLY C 205 11.31 -31.18 28.26
CA GLY C 205 12.74 -31.06 28.00
C GLY C 205 13.27 -31.99 26.94
N THR C 206 12.43 -32.82 26.34
CA THR C 206 12.87 -33.81 25.35
C THR C 206 12.66 -33.34 23.92
N GLN C 207 12.11 -32.15 23.71
CA GLN C 207 11.97 -31.64 22.36
C GLN C 207 13.35 -31.54 21.72
N ARG C 208 13.52 -32.21 20.58
CA ARG C 208 14.81 -32.32 19.89
C ARG C 208 14.68 -31.63 18.54
N LYS C 209 15.54 -30.64 18.29
CA LYS C 209 15.41 -29.81 17.11
C LYS C 209 16.77 -29.49 16.53
N SER C 210 16.77 -29.18 15.23
CA SER C 210 17.97 -28.78 14.51
C SER C 210 18.11 -27.26 14.58
N TYR C 211 19.22 -26.79 15.12
CA TYR C 211 19.49 -25.36 15.26
C TYR C 211 20.63 -24.96 14.34
N LEU C 212 20.44 -23.88 13.61
CA LEU C 212 21.42 -23.36 12.68
C LEU C 212 21.83 -21.97 13.15
N HIS C 213 23.13 -21.72 13.19
CA HIS C 213 23.59 -20.38 13.52
C HIS C 213 23.29 -19.43 12.37
N ILE C 214 23.05 -18.17 12.71
CA ILE C 214 22.64 -17.17 11.72
C ILE C 214 23.67 -17.01 10.61
N SER C 215 24.94 -17.23 10.92
CA SER C 215 25.99 -17.12 9.90
C SER C 215 25.82 -18.19 8.82
N ASP C 216 25.72 -19.45 9.25
CA ASP C 216 25.46 -20.54 8.30
C ASP C 216 24.15 -20.32 7.56
N THR C 217 23.15 -19.79 8.27
CA THR C 217 21.84 -19.56 7.66
C THR C 217 21.91 -18.55 6.52
N ILE C 218 22.64 -17.44 6.71
CA ILE C 218 22.72 -16.45 5.64
C ILE C 218 23.60 -16.96 4.51
N ASP C 219 24.71 -17.64 4.83
CA ASP C 219 25.49 -18.26 3.77
C ASP C 219 24.64 -19.19 2.92
N GLY C 220 23.78 -19.99 3.57
CA GLY C 220 22.93 -20.91 2.83
C GLY C 220 21.86 -20.21 2.02
N ILE C 221 21.24 -19.17 2.60
CA ILE C 221 20.26 -18.38 1.86
C ILE C 221 20.88 -17.83 0.59
N MET C 222 22.09 -17.30 0.70
CA MET C 222 22.72 -16.70 -0.47
C MET C 222 23.12 -17.77 -1.48
N LYS C 223 23.66 -18.90 -1.02
CA LYS C 223 24.02 -19.98 -1.95
C LYS C 223 22.79 -20.51 -2.70
N LEU C 224 21.69 -20.73 -1.98
CA LEU C 224 20.48 -21.18 -2.63
C LEU C 224 19.97 -20.14 -3.62
N PHE C 225 19.99 -18.86 -3.23
CA PHE C 225 19.57 -17.80 -4.16
C PHE C 225 20.43 -17.81 -5.42
N GLU C 226 21.75 -17.97 -5.26
CA GLU C 226 22.65 -18.07 -6.39
C GLU C 226 22.28 -19.21 -7.31
N HIS C 227 22.16 -20.40 -6.73
CA HIS C 227 21.85 -21.59 -7.52
C HIS C 227 20.50 -21.44 -8.21
N PHE C 228 19.52 -20.89 -7.50
CA PHE C 228 18.19 -20.72 -8.07
C PHE C 228 18.23 -19.76 -9.25
N LEU C 229 19.03 -18.69 -9.12
CA LEU C 229 19.24 -17.80 -10.27
C LEU C 229 19.83 -18.58 -11.44
N ASN C 230 20.72 -19.54 -11.15
CA ASN C 230 21.26 -20.36 -12.22
C ASN C 230 20.29 -21.42 -12.73
N GLY C 231 19.19 -21.68 -12.01
CA GLY C 231 18.26 -22.72 -12.39
C GLY C 231 17.16 -22.26 -13.32
N GLU C 232 16.31 -23.21 -13.68
CA GLU C 232 15.18 -22.99 -14.57
C GLU C 232 13.82 -23.12 -13.88
N GLU C 233 13.79 -23.64 -12.65
CA GLU C 233 12.53 -23.92 -11.97
C GLU C 233 11.75 -22.64 -11.67
N ARG C 234 10.47 -22.67 -12.03
CA ARG C 234 9.58 -21.58 -11.65
C ARG C 234 9.46 -21.51 -10.13
N VAL C 235 9.32 -22.67 -9.47
CA VAL C 235 9.26 -22.74 -8.01
C VAL C 235 10.12 -23.90 -7.53
N ASP C 236 10.96 -23.66 -6.52
CA ASP C 236 11.88 -24.65 -5.99
C ASP C 236 11.85 -24.64 -4.46
N PHE C 237 11.96 -25.82 -3.85
CA PHE C 237 11.84 -25.99 -2.41
C PHE C 237 13.14 -26.55 -1.82
N TYR C 238 13.62 -25.91 -0.76
CA TYR C 238 14.81 -26.36 -0.05
C TYR C 238 14.58 -26.31 1.45
N ASN C 239 14.95 -27.37 2.15
CA ASN C 239 15.14 -27.29 3.59
C ASN C 239 16.48 -26.63 3.89
N LEU C 240 16.55 -25.95 5.03
CA LEU C 240 17.79 -25.35 5.49
C LEU C 240 17.83 -25.49 7.01
N GLY C 241 18.62 -26.45 7.48
CA GLY C 241 18.80 -26.69 8.90
C GLY C 241 20.17 -27.28 9.13
N ASN C 242 20.43 -27.76 10.34
CA ASN C 242 21.72 -28.37 10.63
C ASN C 242 21.65 -29.89 10.45
N GLU C 243 22.82 -30.53 10.48
CA GLU C 243 22.89 -31.97 10.29
C GLU C 243 22.41 -32.76 11.51
N ASP C 244 22.40 -32.13 12.68
CA ASP C 244 22.09 -32.84 13.91
C ASP C 244 21.00 -32.12 14.67
N TRP C 245 20.81 -32.46 15.93
CA TRP C 245 19.80 -31.81 16.75
C TRP C 245 20.20 -31.93 18.21
N ILE C 246 19.46 -31.23 19.06
CA ILE C 246 19.80 -31.08 20.47
C ILE C 246 18.51 -30.85 21.24
N THR C 247 18.46 -31.36 22.46
CA THR C 247 17.24 -31.28 23.25
C THR C 247 17.17 -29.97 24.01
N VAL C 248 15.97 -29.64 24.46
CA VAL C 248 15.81 -28.45 25.30
C VAL C 248 16.63 -28.60 26.57
N LYS C 249 16.75 -29.84 27.09
CA LYS C 249 17.53 -30.03 28.30
C LYS C 249 19.02 -29.78 28.06
N GLU C 250 19.55 -30.25 26.92
CA GLU C 250 20.94 -29.98 26.60
C GLU C 250 21.16 -28.49 26.31
N ILE C 251 20.17 -27.82 25.73
CA ILE C 251 20.27 -26.38 25.53
C ILE C 251 20.31 -25.66 26.88
N ALA C 252 19.46 -26.08 27.81
CA ALA C 252 19.51 -25.54 29.17
C ALA C 252 20.87 -25.80 29.81
N GLU C 253 21.43 -26.98 29.59
CA GLU C 253 22.74 -27.29 30.16
C GLU C 253 23.83 -26.40 29.58
N ILE C 254 23.81 -26.18 28.27
CA ILE C 254 24.80 -25.33 27.64
C ILE C 254 24.67 -23.89 28.12
N VAL C 255 23.43 -23.40 28.23
CA VAL C 255 23.20 -22.03 28.66
C VAL C 255 23.65 -21.84 30.11
N SER C 256 23.35 -22.81 30.98
CA SER C 256 23.85 -22.75 32.34
C SER C 256 25.37 -22.76 32.37
N GLU C 257 25.96 -23.67 31.60
CA GLU C 257 27.42 -23.77 31.52
C GLU C 257 28.05 -22.42 31.15
N GLU C 258 27.54 -21.80 30.08
CA GLU C 258 28.17 -20.57 29.59
C GLU C 258 27.89 -19.37 30.49
N MET C 259 26.78 -19.37 31.23
CA MET C 259 26.51 -18.30 32.18
C MET C 259 27.20 -18.52 33.52
N ASN C 260 28.03 -19.56 33.62
CA ASN C 260 28.73 -19.90 34.86
C ASN C 260 27.73 -20.10 36.01
N LEU C 261 26.56 -20.64 35.67
CA LEU C 261 25.57 -21.09 36.63
C LEU C 261 25.36 -22.60 36.47
N ASN C 262 24.79 -23.20 37.52
CA ASN C 262 24.32 -24.59 37.46
C ASN C 262 22.97 -24.69 38.15
N PRO C 263 21.92 -24.19 37.51
CA PRO C 263 20.63 -24.08 38.18
C PRO C 263 19.94 -25.44 38.26
N ARG C 264 18.85 -25.45 39.03
CA ARG C 264 17.98 -26.61 39.17
C ARG C 264 16.92 -26.57 38.08
N PHE C 265 16.90 -27.60 37.22
CA PHE C 265 15.94 -27.62 36.13
C PHE C 265 14.54 -27.95 36.65
N LYS C 266 13.55 -27.16 36.24
CA LYS C 266 12.16 -27.31 36.67
C LYS C 266 11.30 -27.43 35.41
N PHE C 267 10.98 -28.65 35.01
CA PHE C 267 10.18 -28.87 33.81
C PHE C 267 8.69 -28.73 34.13
N THR C 268 7.96 -28.08 33.21
CA THR C 268 6.53 -27.85 33.39
C THR C 268 5.66 -29.01 32.93
N GLY C 269 6.24 -30.03 32.30
CA GLY C 269 5.49 -31.17 31.83
C GLY C 269 4.68 -30.95 30.57
N GLY C 270 4.31 -29.71 30.25
CA GLY C 270 3.75 -29.40 28.95
C GLY C 270 2.31 -29.84 28.75
N VAL C 271 1.97 -30.01 27.47
CA VAL C 271 0.65 -30.42 27.02
C VAL C 271 0.82 -31.40 25.88
N ASP C 272 -0.28 -32.05 25.51
CA ASP C 272 -0.28 -33.03 24.43
C ASP C 272 0.93 -33.95 24.46
N GLY C 273 1.42 -34.28 25.65
CA GLY C 273 2.53 -35.20 25.76
C GLY C 273 3.90 -34.54 25.90
N GLY C 274 3.95 -33.45 26.65
CA GLY C 274 5.22 -32.80 26.94
C GLY C 274 5.62 -31.67 26.02
N ARG C 275 4.74 -31.24 25.11
CA ARG C 275 5.04 -30.06 24.30
C ARG C 275 5.14 -28.85 25.21
N GLY C 276 5.91 -27.85 24.77
CA GLY C 276 5.94 -26.60 25.49
C GLY C 276 4.62 -25.86 25.43
N TRP C 277 3.88 -26.04 24.33
CA TRP C 277 2.57 -25.41 24.15
C TRP C 277 1.84 -26.13 23.03
N LYS C 278 0.56 -25.79 22.88
CA LYS C 278 -0.22 -26.23 21.73
C LYS C 278 0.51 -25.93 20.43
N GLY C 279 0.82 -26.96 19.67
CA GLY C 279 1.44 -26.81 18.37
C GLY C 279 2.95 -26.82 18.35
N ASP C 280 3.60 -27.09 19.48
CA ASP C 280 5.06 -27.18 19.51
C ASP C 280 5.48 -28.56 19.05
N VAL C 281 6.04 -28.64 17.84
CA VAL C 281 6.55 -29.92 17.36
C VAL C 281 7.70 -30.36 18.27
N LYS C 282 7.72 -31.65 18.59
CA LYS C 282 8.68 -32.22 19.52
C LYS C 282 9.95 -32.67 18.82
N LEU C 283 9.83 -33.25 17.62
CA LEU C 283 10.98 -33.71 16.86
C LEU C 283 11.05 -32.95 15.54
N MET C 284 12.20 -32.34 15.27
CA MET C 284 12.44 -31.64 14.01
C MET C 284 13.87 -31.90 13.56
N LEU C 285 14.01 -32.33 12.31
CA LEU C 285 15.33 -32.52 11.70
C LEU C 285 15.13 -32.59 10.19
N LEU C 286 15.55 -31.56 9.49
CA LEU C 286 15.32 -31.47 8.05
C LEU C 286 16.46 -32.13 7.27
N SER C 287 16.10 -32.89 6.25
CA SER C 287 17.08 -33.40 5.30
C SER C 287 17.56 -32.27 4.40
N ILE C 288 18.85 -31.97 4.48
CA ILE C 288 19.41 -30.85 3.72
C ILE C 288 20.28 -31.34 2.57
N GLU C 289 20.11 -32.59 2.14
CA GLU C 289 20.87 -33.10 1.01
C GLU C 289 20.65 -32.23 -0.23
N LYS C 290 19.40 -31.83 -0.47
CA LYS C 290 19.11 -30.99 -1.63
C LYS C 290 19.84 -29.67 -1.53
N ALA C 291 19.87 -29.06 -0.34
CA ALA C 291 20.61 -27.82 -0.17
C ALA C 291 22.11 -28.05 -0.31
N LYS C 292 22.61 -29.18 0.21
CA LYS C 292 24.04 -29.46 0.19
C LYS C 292 24.57 -29.78 -1.21
N ARG C 293 23.70 -30.23 -2.12
CA ARG C 293 24.14 -30.44 -3.50
C ARG C 293 24.51 -29.13 -4.19
N THR C 294 24.15 -27.99 -3.62
CA THR C 294 24.54 -26.68 -4.14
C THR C 294 25.92 -26.24 -3.67
N GLY C 295 26.57 -27.04 -2.83
CA GLY C 295 27.84 -26.69 -2.25
C GLY C 295 27.78 -26.21 -0.82
N TRP C 296 26.64 -25.71 -0.38
CA TRP C 296 26.50 -25.25 0.99
C TRP C 296 26.74 -26.39 1.96
N LYS C 297 27.14 -26.03 3.18
CA LYS C 297 27.20 -26.99 4.28
C LYS C 297 27.36 -26.24 5.58
N PRO C 298 26.67 -26.64 6.65
CA PRO C 298 26.86 -25.93 7.92
C PRO C 298 28.30 -26.07 8.38
N ARG C 299 28.91 -24.94 8.71
CA ARG C 299 30.23 -24.97 9.33
C ARG C 299 30.14 -25.15 10.84
N MET C 300 28.95 -24.99 11.41
CA MET C 300 28.70 -25.31 12.81
C MET C 300 27.57 -26.32 12.90
N ASN C 301 27.66 -27.20 13.89
CA ASN C 301 26.60 -28.14 14.22
C ASN C 301 25.67 -27.50 15.25
N SER C 302 24.62 -28.23 15.64
CA SER C 302 23.61 -27.64 16.52
C SER C 302 24.23 -27.23 17.84
N TYR C 303 25.09 -28.06 18.40
CA TYR C 303 25.72 -27.74 19.69
C TYR C 303 26.64 -26.53 19.56
N GLU C 304 27.44 -26.50 18.50
CA GLU C 304 28.29 -25.33 18.25
C GLU C 304 27.44 -24.09 18.06
N ALA C 305 26.35 -24.19 17.30
CA ALA C 305 25.49 -23.03 17.09
C ALA C 305 24.92 -22.51 18.41
N VAL C 306 24.45 -23.42 19.27
CA VAL C 306 23.85 -23.00 20.54
C VAL C 306 24.90 -22.31 21.41
N ARG C 307 26.10 -22.90 21.50
CA ARG C 307 27.13 -22.30 22.34
C ARG C 307 27.54 -20.93 21.83
N LYS C 308 27.76 -20.80 20.52
CA LYS C 308 28.14 -19.50 19.98
C LYS C 308 27.03 -18.47 20.21
N THR C 309 25.77 -18.88 20.06
CA THR C 309 24.67 -17.95 20.29
C THR C 309 24.68 -17.43 21.72
N VAL C 310 24.84 -18.34 22.68
CA VAL C 310 24.88 -17.92 24.09
C VAL C 310 26.03 -16.93 24.30
N ARG C 311 27.21 -17.24 23.76
CA ARG C 311 28.37 -16.37 23.95
C ARG C 311 28.13 -14.97 23.35
N GLU C 312 27.81 -14.92 22.06
CA GLU C 312 27.48 -13.64 21.43
C GLU C 312 26.48 -12.86 22.26
N MET C 313 25.44 -13.54 22.76
CA MET C 313 24.42 -12.84 23.52
C MET C 313 25.00 -12.25 24.81
N LEU C 314 25.87 -13.01 25.47
CA LEU C 314 26.42 -12.54 26.74
C LEU C 314 27.45 -11.43 26.58
N GLU C 315 28.07 -11.29 25.41
CA GLU C 315 28.93 -10.12 25.20
C GLU C 315 28.15 -8.83 25.40
N GLU C 316 26.90 -8.81 24.96
CA GLU C 316 26.05 -7.65 25.14
C GLU C 316 25.50 -7.61 26.56
N MET D 1 -28.13 -35.95 14.32
CA MET D 1 -26.93 -35.05 14.33
C MET D 1 -27.19 -33.79 13.51
N ARG D 2 -26.82 -32.64 14.06
CA ARG D 2 -26.96 -31.37 13.37
C ARG D 2 -25.69 -31.00 12.61
N VAL D 3 -25.88 -30.65 11.33
CA VAL D 3 -24.79 -30.29 10.44
C VAL D 3 -25.14 -29.00 9.72
N LEU D 4 -24.15 -28.13 9.58
CA LEU D 4 -24.23 -26.94 8.73
C LEU D 4 -23.59 -27.30 7.38
N VAL D 5 -24.21 -26.85 6.30
CA VAL D 5 -23.69 -27.07 4.95
C VAL D 5 -23.49 -25.70 4.31
N THR D 6 -22.27 -25.16 4.40
CA THR D 6 -21.98 -23.91 3.72
C THR D 6 -21.93 -24.15 2.21
N GLY D 7 -22.41 -23.17 1.44
CA GLY D 7 -22.57 -23.39 0.02
C GLY D 7 -23.65 -24.38 -0.35
N GLY D 8 -24.54 -24.72 0.58
CA GLY D 8 -25.54 -25.74 0.36
C GLY D 8 -26.57 -25.42 -0.69
N ALA D 9 -26.56 -24.21 -1.25
CA ALA D 9 -27.39 -23.90 -2.39
C ALA D 9 -26.66 -24.08 -3.70
N GLY D 10 -25.43 -24.59 -3.67
CA GLY D 10 -24.64 -24.79 -4.85
C GLY D 10 -24.89 -26.12 -5.50
N PHE D 11 -24.07 -26.42 -6.51
CA PHE D 11 -24.19 -27.67 -7.26
C PHE D 11 -23.95 -28.87 -6.34
N ILE D 12 -22.73 -29.04 -5.84
CA ILE D 12 -22.44 -30.18 -4.97
C ILE D 12 -23.09 -30.01 -3.59
N GLY D 13 -23.18 -28.77 -3.11
CA GLY D 13 -23.73 -28.55 -1.77
C GLY D 13 -25.18 -28.97 -1.65
N SER D 14 -25.98 -28.67 -2.68
CA SER D 14 -27.40 -29.00 -2.62
C SER D 14 -27.62 -30.51 -2.74
N HIS D 15 -26.78 -31.22 -3.49
CA HIS D 15 -26.86 -32.67 -3.50
C HIS D 15 -26.47 -33.26 -2.15
N LEU D 16 -25.41 -32.72 -1.54
CA LEU D 16 -25.07 -33.15 -0.20
C LEU D 16 -26.23 -32.90 0.75
N VAL D 17 -26.94 -31.78 0.57
CA VAL D 17 -28.08 -31.43 1.41
C VAL D 17 -29.22 -32.44 1.20
N ASP D 18 -29.55 -32.73 -0.05
CA ASP D 18 -30.55 -33.76 -0.31
C ASP D 18 -30.21 -35.02 0.46
N ARG D 19 -28.95 -35.48 0.33
CA ARG D 19 -28.53 -36.71 1.00
C ARG D 19 -28.70 -36.61 2.51
N LEU D 20 -28.18 -35.53 3.10
CA LEU D 20 -28.24 -35.37 4.56
C LEU D 20 -29.68 -35.30 5.06
N MET D 21 -30.52 -34.52 4.38
CA MET D 21 -31.92 -34.42 4.76
C MET D 21 -32.61 -35.79 4.69
N GLU D 22 -32.36 -36.52 3.61
CA GLU D 22 -33.00 -37.82 3.43
C GLU D 22 -32.56 -38.81 4.50
N GLU D 23 -31.31 -38.70 4.97
CA GLU D 23 -30.83 -39.57 6.03
C GLU D 23 -31.29 -39.13 7.41
N GLY D 24 -32.13 -38.10 7.50
CA GLY D 24 -32.66 -37.66 8.78
C GLY D 24 -31.78 -36.70 9.55
N TYR D 25 -30.79 -36.10 8.90
CA TYR D 25 -30.01 -35.06 9.55
C TYR D 25 -30.81 -33.77 9.68
N LYS D 26 -30.46 -32.98 10.69
CA LYS D 26 -30.90 -31.60 10.80
C LYS D 26 -29.89 -30.74 10.06
N VAL D 27 -30.31 -30.16 8.94
CA VAL D 27 -29.40 -29.48 8.02
C VAL D 27 -29.69 -27.99 8.06
N ARG D 28 -28.66 -27.21 8.36
CA ARG D 28 -28.67 -25.78 8.08
C ARG D 28 -27.82 -25.54 6.83
N VAL D 29 -28.31 -24.66 5.97
CA VAL D 29 -27.58 -24.23 4.78
C VAL D 29 -27.21 -22.77 4.98
N LEU D 30 -25.96 -22.43 4.71
CA LEU D 30 -25.48 -21.05 4.74
C LEU D 30 -24.98 -20.70 3.37
N ASP D 31 -25.62 -19.75 2.71
CA ASP D 31 -25.24 -19.48 1.33
C ASP D 31 -25.73 -18.10 0.93
N ASP D 32 -24.81 -17.29 0.39
CA ASP D 32 -25.14 -15.94 -0.06
C ASP D 32 -25.74 -15.93 -1.47
N LEU D 33 -25.90 -17.09 -2.10
CA LEU D 33 -26.52 -17.20 -3.41
C LEU D 33 -25.80 -16.36 -4.45
N SER D 34 -24.49 -16.21 -4.31
CA SER D 34 -23.69 -15.56 -5.35
C SER D 34 -23.48 -16.50 -6.54
N ALA D 35 -23.54 -17.81 -6.31
CA ALA D 35 -23.45 -18.80 -7.37
C ALA D 35 -24.46 -19.94 -7.25
N GLY D 36 -24.83 -20.36 -6.04
CA GLY D 36 -25.87 -21.34 -5.87
C GLY D 36 -27.23 -20.73 -6.12
N SER D 37 -28.26 -21.56 -5.97
CA SER D 37 -29.62 -21.14 -6.29
C SER D 37 -30.60 -21.70 -5.27
N LEU D 38 -31.60 -20.89 -4.94
CA LEU D 38 -32.64 -21.34 -4.02
C LEU D 38 -33.43 -22.50 -4.61
N LYS D 39 -33.68 -22.50 -5.92
CA LYS D 39 -34.36 -23.63 -6.55
C LYS D 39 -33.69 -24.94 -6.19
N ASN D 40 -32.36 -24.97 -6.23
CA ASN D 40 -31.58 -26.18 -6.01
C ASN D 40 -31.94 -26.84 -4.68
N ILE D 41 -32.67 -26.14 -3.81
CA ILE D 41 -33.09 -26.73 -2.55
C ILE D 41 -34.53 -26.37 -2.17
N GLU D 42 -35.32 -25.85 -3.12
CA GLU D 42 -36.65 -25.39 -2.73
C GLU D 42 -37.50 -26.52 -2.16
N GLY D 43 -37.20 -27.77 -2.50
CA GLY D 43 -37.94 -28.87 -1.94
C GLY D 43 -37.83 -28.96 -0.43
N TRP D 44 -36.70 -28.51 0.13
CA TRP D 44 -36.48 -28.60 1.56
C TRP D 44 -36.91 -27.35 2.30
N LEU D 45 -37.09 -26.24 1.59
CA LEU D 45 -37.67 -25.06 2.21
C LEU D 45 -39.06 -25.45 2.71
N GLY D 46 -39.33 -25.16 3.98
CA GLY D 46 -40.56 -25.58 4.60
C GLY D 46 -40.47 -26.87 5.39
N ASN D 47 -39.38 -27.62 5.23
CA ASN D 47 -39.15 -28.79 6.07
C ASN D 47 -38.67 -28.37 7.47
N GLU D 48 -39.14 -29.10 8.48
CA GLU D 48 -38.77 -28.79 9.86
C GLU D 48 -37.32 -29.14 10.18
N ASN D 49 -36.70 -30.03 9.41
CA ASN D 49 -35.30 -30.37 9.64
C ASN D 49 -34.36 -29.53 8.80
N PHE D 50 -34.88 -28.54 8.09
CA PHE D 50 -34.10 -27.72 7.19
C PHE D 50 -34.20 -26.27 7.62
N GLU D 51 -33.05 -25.62 7.68
CA GLU D 51 -32.97 -24.19 7.95
C GLU D 51 -32.09 -23.59 6.87
N PHE D 52 -32.51 -22.48 6.30
CA PHE D 52 -31.71 -21.78 5.32
C PHE D 52 -31.35 -20.41 5.88
N ILE D 53 -30.11 -20.01 5.65
CA ILE D 53 -29.63 -18.69 6.00
C ILE D 53 -28.90 -18.11 4.81
N LYS D 54 -29.42 -17.01 4.28
CA LYS D 54 -28.75 -16.26 3.24
C LYS D 54 -27.77 -15.32 3.92
N GLY D 55 -26.49 -15.53 3.67
CA GLY D 55 -25.44 -14.75 4.31
C GLY D 55 -24.12 -14.92 3.59
N ASP D 56 -23.31 -13.86 3.60
CA ASP D 56 -21.98 -13.88 3.00
C ASP D 56 -20.97 -14.28 4.08
N MET D 57 -20.21 -15.35 3.80
CA MET D 57 -19.25 -15.85 4.79
C MET D 57 -18.08 -14.91 5.00
N ARG D 58 -17.96 -13.84 4.21
CA ARG D 58 -17.01 -12.79 4.54
C ARG D 58 -17.37 -12.13 5.87
N ASP D 59 -18.65 -12.11 6.23
CA ASP D 59 -19.12 -11.44 7.44
C ASP D 59 -18.97 -12.37 8.63
N VAL D 60 -18.15 -11.97 9.60
CA VAL D 60 -17.83 -12.85 10.72
C VAL D 60 -19.03 -13.06 11.63
N GLU D 61 -19.88 -12.03 11.80
CA GLU D 61 -21.05 -12.18 12.65
C GLU D 61 -21.95 -13.30 12.13
N ILE D 62 -22.23 -13.27 10.83
CA ILE D 62 -23.03 -14.31 10.17
C ILE D 62 -22.48 -15.70 10.48
N VAL D 63 -21.17 -15.87 10.30
CA VAL D 63 -20.57 -17.19 10.41
C VAL D 63 -20.54 -17.65 11.86
N SER D 64 -20.30 -16.71 12.80
CA SER D 64 -20.38 -17.07 14.21
C SER D 64 -21.78 -17.55 14.56
N LYS D 65 -22.79 -16.92 13.97
CA LYS D 65 -24.16 -17.37 14.23
C LYS D 65 -24.42 -18.74 13.61
N ALA D 66 -23.94 -18.98 12.39
CA ALA D 66 -24.28 -20.21 11.68
C ALA D 66 -23.66 -21.44 12.34
N VAL D 67 -22.45 -21.32 12.88
CA VAL D 67 -21.83 -22.49 13.53
C VAL D 67 -22.38 -22.73 14.93
N LYS D 68 -23.25 -21.86 15.42
CA LYS D 68 -23.90 -22.08 16.70
C LYS D 68 -24.83 -23.29 16.62
N ASP D 69 -24.69 -24.20 17.57
CA ASP D 69 -25.58 -25.36 17.68
C ASP D 69 -25.43 -26.32 16.50
N VAL D 70 -24.20 -26.53 16.05
CA VAL D 70 -23.89 -27.44 14.95
C VAL D 70 -22.89 -28.47 15.44
N ASP D 71 -23.13 -29.74 15.13
CA ASP D 71 -22.20 -30.80 15.49
C ASP D 71 -21.17 -31.07 14.40
N ALA D 72 -21.53 -30.85 13.14
CA ALA D 72 -20.57 -31.00 12.05
C ALA D 72 -20.78 -29.90 11.03
N VAL D 73 -19.68 -29.45 10.41
CA VAL D 73 -19.73 -28.45 9.35
C VAL D 73 -19.17 -29.07 8.07
N PHE D 74 -19.90 -28.89 6.97
CA PHE D 74 -19.44 -29.23 5.62
C PHE D 74 -19.20 -27.91 4.90
N HIS D 75 -17.92 -27.55 4.73
CA HIS D 75 -17.54 -26.25 4.20
C HIS D 75 -17.35 -26.35 2.69
N LEU D 76 -18.45 -26.23 1.97
CA LEU D 76 -18.44 -26.28 0.51
C LEU D 76 -18.49 -24.90 -0.13
N ALA D 77 -18.55 -23.83 0.67
CA ALA D 77 -18.59 -22.49 0.12
C ALA D 77 -17.27 -22.15 -0.52
N ALA D 78 -17.31 -21.67 -1.77
CA ALA D 78 -16.11 -21.28 -2.50
C ALA D 78 -16.53 -20.77 -3.87
N ASN D 79 -15.58 -20.12 -4.53
CA ASN D 79 -15.66 -19.85 -5.97
C ASN D 79 -14.78 -20.87 -6.68
N PRO D 80 -15.34 -21.84 -7.40
CA PRO D 80 -14.51 -22.91 -7.99
C PRO D 80 -13.89 -22.58 -9.34
N GLU D 81 -14.14 -21.41 -9.90
CA GLU D 81 -13.75 -21.11 -11.28
C GLU D 81 -12.26 -20.79 -11.32
N VAL D 82 -11.46 -21.71 -11.86
CA VAL D 82 -10.04 -21.44 -12.05
C VAL D 82 -9.81 -20.37 -13.11
N ARG D 83 -10.69 -20.29 -14.10
CA ARG D 83 -10.49 -19.39 -15.24
C ARG D 83 -10.19 -17.96 -14.80
N ILE D 84 -10.74 -17.56 -13.66
CA ILE D 84 -10.70 -16.16 -13.25
C ILE D 84 -9.46 -15.86 -12.42
N GLY D 85 -8.54 -16.82 -12.33
CA GLY D 85 -7.40 -16.65 -11.43
C GLY D 85 -6.47 -15.55 -11.86
N SER D 86 -6.33 -15.34 -13.18
CA SER D 86 -5.48 -14.28 -13.71
C SER D 86 -6.20 -12.94 -13.78
N GLN D 87 -7.53 -12.94 -13.75
CA GLN D 87 -8.32 -11.71 -13.77
C GLN D 87 -8.66 -11.22 -12.36
N SER D 88 -9.18 -12.12 -11.54
CA SER D 88 -9.75 -11.77 -10.23
C SER D 88 -9.20 -12.71 -9.16
N PRO D 89 -7.88 -12.68 -8.92
CA PRO D 89 -7.33 -13.49 -7.82
C PRO D 89 -7.82 -13.08 -6.45
N GLU D 90 -8.15 -11.80 -6.27
CA GLU D 90 -8.71 -11.36 -5.00
C GLU D 90 -10.01 -12.10 -4.69
N LEU D 91 -10.83 -12.35 -5.71
CA LEU D 91 -12.08 -13.05 -5.49
C LEU D 91 -11.83 -14.46 -4.98
N LEU D 92 -10.86 -15.17 -5.57
CA LEU D 92 -10.52 -16.51 -5.11
C LEU D 92 -9.91 -16.47 -3.71
N TYR D 93 -9.04 -15.51 -3.44
CA TYR D 93 -8.52 -15.36 -2.08
C TYR D 93 -9.65 -15.24 -1.08
N GLU D 94 -10.61 -14.37 -1.37
CA GLU D 94 -11.71 -14.14 -0.43
C GLU D 94 -12.56 -15.40 -0.27
N THR D 95 -13.08 -15.92 -1.39
CA THR D 95 -14.04 -17.01 -1.32
C THR D 95 -13.41 -18.37 -1.05
N ASN D 96 -12.08 -18.47 -0.92
CA ASN D 96 -11.45 -19.74 -0.56
C ASN D 96 -10.65 -19.65 0.73
N VAL D 97 -9.76 -18.69 0.87
CA VAL D 97 -8.97 -18.56 2.09
C VAL D 97 -9.71 -17.77 3.15
N LEU D 98 -10.24 -16.60 2.80
CA LEU D 98 -10.80 -15.69 3.78
C LEU D 98 -12.03 -16.29 4.47
N ILE D 99 -12.98 -16.81 3.69
CA ILE D 99 -14.20 -17.30 4.33
C ILE D 99 -13.90 -18.58 5.12
N THR D 100 -12.93 -19.39 4.67
CA THR D 100 -12.53 -20.56 5.45
C THR D 100 -11.87 -20.15 6.77
N TYR D 101 -11.01 -19.13 6.72
CA TYR D 101 -10.40 -18.61 7.94
C TYR D 101 -11.46 -18.10 8.92
N ASN D 102 -12.46 -17.38 8.39
CA ASN D 102 -13.55 -16.89 9.23
C ASN D 102 -14.36 -18.04 9.81
N LEU D 103 -14.66 -19.05 9.00
CA LEU D 103 -15.33 -20.25 9.49
C LEU D 103 -14.55 -20.88 10.63
N LEU D 104 -13.24 -21.00 10.50
CA LEU D 104 -12.45 -21.65 11.54
C LEU D 104 -12.48 -20.82 12.83
N ASN D 105 -12.34 -19.50 12.71
CA ASN D 105 -12.43 -18.65 13.89
C ASN D 105 -13.80 -18.75 14.55
N ALA D 106 -14.86 -18.85 13.76
CA ALA D 106 -16.18 -19.11 14.32
C ALA D 106 -16.18 -20.43 15.07
N VAL D 107 -15.63 -21.48 14.43
CA VAL D 107 -15.65 -22.81 14.99
C VAL D 107 -14.97 -22.86 16.34
N ARG D 108 -13.92 -22.05 16.53
CA ARG D 108 -13.18 -22.10 17.78
C ARG D 108 -14.07 -21.79 18.97
N ASN D 109 -15.01 -20.87 18.82
CA ASN D 109 -15.89 -20.45 19.91
C ASN D 109 -17.25 -21.12 19.82
N SER D 110 -17.27 -22.41 19.47
CA SER D 110 -18.50 -23.18 19.30
C SER D 110 -18.22 -24.61 19.73
N GLY D 111 -19.18 -25.50 19.44
CA GLY D 111 -19.02 -26.91 19.74
C GLY D 111 -18.91 -27.78 18.51
N VAL D 112 -18.50 -27.19 17.38
CA VAL D 112 -18.31 -27.97 16.16
C VAL D 112 -17.26 -29.05 16.40
N LYS D 113 -17.65 -30.30 16.11
CA LYS D 113 -16.79 -31.45 16.32
C LYS D 113 -16.04 -31.90 15.08
N TYR D 114 -16.64 -31.73 13.90
CA TYR D 114 -16.08 -32.24 12.65
C TYR D 114 -16.22 -31.15 11.59
N LEU D 115 -15.18 -31.00 10.77
CA LEU D 115 -15.20 -30.09 9.64
C LEU D 115 -14.80 -30.88 8.41
N VAL D 116 -15.71 -30.97 7.43
CA VAL D 116 -15.45 -31.68 6.18
C VAL D 116 -15.31 -30.62 5.09
N PHE D 117 -14.17 -30.63 4.41
CA PHE D 117 -13.82 -29.58 3.46
C PHE D 117 -13.64 -30.19 2.07
N THR D 118 -14.27 -29.56 1.08
CA THR D 118 -14.14 -29.95 -0.32
C THR D 118 -12.94 -29.23 -0.90
N SER D 119 -11.78 -29.85 -0.79
CA SER D 119 -10.59 -29.32 -1.42
C SER D 119 -10.57 -29.83 -2.86
N SER D 120 -9.54 -29.49 -3.63
CA SER D 120 -9.53 -29.78 -5.05
C SER D 120 -8.20 -30.41 -5.44
N SER D 121 -8.25 -31.17 -6.55
CA SER D 121 -7.04 -31.75 -7.12
C SER D 121 -5.99 -30.69 -7.45
N THR D 122 -6.40 -29.45 -7.70
CA THR D 122 -5.46 -28.44 -8.15
C THR D 122 -4.36 -28.16 -7.13
N VAL D 123 -4.55 -28.58 -5.88
CA VAL D 123 -3.48 -28.43 -4.89
C VAL D 123 -2.21 -29.14 -5.35
N TYR D 124 -2.35 -30.18 -6.16
CA TYR D 124 -1.19 -30.88 -6.71
C TYR D 124 -0.53 -30.13 -7.86
N GLY D 125 -1.20 -29.13 -8.43
CA GLY D 125 -0.66 -28.45 -9.60
C GLY D 125 -0.50 -29.42 -10.75
N ASP D 126 0.61 -29.27 -11.48
CA ASP D 126 0.98 -30.24 -12.52
C ASP D 126 1.68 -31.41 -11.81
N ALA D 127 0.85 -32.32 -11.30
CA ALA D 127 1.38 -33.44 -10.52
C ALA D 127 2.23 -34.34 -11.41
N LYS D 128 3.43 -34.65 -10.92
CA LYS D 128 4.42 -35.45 -11.62
C LYS D 128 4.24 -36.95 -11.41
N VAL D 129 3.37 -37.34 -10.48
CA VAL D 129 3.03 -38.73 -10.21
C VAL D 129 1.59 -39.00 -10.64
N ILE D 130 1.38 -40.03 -11.45
CA ILE D 130 0.05 -40.41 -11.90
C ILE D 130 -0.16 -41.92 -11.74
N PRO D 131 -1.26 -42.36 -11.10
CA PRO D 131 -2.28 -41.55 -10.42
C PRO D 131 -1.71 -40.90 -9.17
N THR D 132 -2.13 -39.68 -8.84
CA THR D 132 -1.49 -38.92 -7.77
C THR D 132 -2.05 -39.34 -6.42
N PRO D 133 -1.23 -39.83 -5.50
CA PRO D 133 -1.73 -40.16 -4.17
C PRO D 133 -1.92 -38.91 -3.33
N GLU D 134 -2.62 -39.09 -2.22
CA GLU D 134 -2.90 -37.96 -1.33
C GLU D 134 -1.63 -37.40 -0.71
N ASP D 135 -0.54 -38.18 -0.67
CA ASP D 135 0.72 -37.74 -0.07
C ASP D 135 1.74 -37.26 -1.09
N TYR D 136 1.36 -37.10 -2.35
CA TYR D 136 2.26 -36.49 -3.33
C TYR D 136 2.68 -35.10 -2.87
N ALA D 137 3.93 -34.75 -3.18
CA ALA D 137 4.52 -33.51 -2.70
C ALA D 137 5.90 -33.32 -3.31
N PRO D 138 6.50 -32.12 -3.23
CA PRO D 138 6.00 -30.88 -2.62
C PRO D 138 4.81 -30.33 -3.37
N LEU D 139 3.82 -29.79 -2.68
CA LEU D 139 2.62 -29.28 -3.33
C LEU D 139 2.91 -27.93 -3.97
N GLU D 140 2.89 -27.88 -5.29
CA GLU D 140 3.25 -26.71 -6.07
C GLU D 140 2.11 -26.40 -7.04
N PRO D 141 0.99 -25.88 -6.52
CA PRO D 141 -0.12 -25.53 -7.41
C PRO D 141 0.27 -24.45 -8.41
N ILE D 142 -0.31 -24.55 -9.62
CA ILE D 142 0.03 -23.66 -10.71
C ILE D 142 -1.05 -22.62 -10.95
N SER D 143 -2.13 -22.65 -10.19
CA SER D 143 -3.21 -21.68 -10.31
C SER D 143 -3.43 -21.01 -8.96
N VAL D 144 -3.87 -19.75 -9.02
CA VAL D 144 -4.27 -19.04 -7.81
C VAL D 144 -5.37 -19.79 -7.06
N PHE D 145 -6.30 -20.40 -7.79
CA PHE D 145 -7.37 -21.16 -7.13
C PHE D 145 -6.80 -22.33 -6.34
N GLY D 146 -5.98 -23.16 -6.99
CA GLY D 146 -5.40 -24.29 -6.28
C GLY D 146 -4.60 -23.85 -5.07
N ALA D 147 -3.89 -22.73 -5.20
CA ALA D 147 -3.16 -22.19 -4.06
C ALA D 147 -4.11 -21.82 -2.93
N ALA D 148 -5.25 -21.20 -3.26
CA ALA D 148 -6.19 -20.82 -2.22
C ALA D 148 -6.77 -22.05 -1.53
N LYS D 149 -7.05 -23.10 -2.30
CA LYS D 149 -7.55 -24.34 -1.69
C LYS D 149 -6.49 -24.99 -0.80
N LEU D 150 -5.22 -24.98 -1.24
CA LEU D 150 -4.17 -25.53 -0.39
C LEU D 150 -4.04 -24.74 0.91
N ALA D 151 -4.06 -23.40 0.80
CA ALA D 151 -4.02 -22.56 1.99
C ALA D 151 -5.19 -22.86 2.92
N ALA D 152 -6.38 -23.04 2.35
CA ALA D 152 -7.53 -23.45 3.16
C ALA D 152 -7.23 -24.75 3.90
N GLU D 153 -6.70 -25.76 3.20
CA GLU D 153 -6.32 -27.01 3.85
C GLU D 153 -5.39 -26.75 5.02
N ALA D 154 -4.36 -25.94 4.80
CA ALA D 154 -3.36 -25.69 5.83
C ALA D 154 -4.00 -25.07 7.06
N LEU D 155 -4.81 -24.04 6.86
CA LEU D 155 -5.46 -23.39 7.99
C LEU D 155 -6.40 -24.35 8.72
N ILE D 156 -7.15 -25.17 7.97
CA ILE D 156 -8.02 -26.15 8.60
C ILE D 156 -7.22 -27.06 9.51
N SER D 157 -6.10 -27.59 9.00
CA SER D 157 -5.33 -28.54 9.79
C SER D 157 -4.75 -27.88 11.04
N GLY D 158 -4.16 -26.69 10.88
CA GLY D 158 -3.57 -26.00 12.01
C GLY D 158 -4.60 -25.71 13.08
N TYR D 159 -5.78 -25.21 12.68
CA TYR D 159 -6.84 -24.96 13.64
C TYR D 159 -7.36 -26.27 14.24
N ALA D 160 -7.45 -27.33 13.44
CA ALA D 160 -7.93 -28.60 13.96
C ALA D 160 -7.06 -29.08 15.12
N HIS D 161 -5.74 -29.03 14.94
CA HIS D 161 -4.86 -29.46 16.02
C HIS D 161 -4.88 -28.48 17.19
N THR D 162 -4.89 -27.17 16.91
CA THR D 162 -4.77 -26.20 18.00
C THR D 162 -6.03 -26.15 18.85
N PHE D 163 -7.21 -26.16 18.22
CA PHE D 163 -8.48 -25.96 18.92
C PHE D 163 -9.32 -27.23 18.97
N ASP D 164 -8.70 -28.39 18.75
CA ASP D 164 -9.27 -29.68 19.09
C ASP D 164 -10.65 -29.89 18.47
N PHE D 165 -10.70 -29.80 17.15
CA PHE D 165 -11.74 -30.46 16.37
C PHE D 165 -11.09 -31.34 15.31
N ARG D 166 -11.89 -32.22 14.72
CA ARG D 166 -11.42 -33.14 13.70
C ARG D 166 -11.81 -32.65 12.33
N ALA D 167 -10.95 -32.93 11.34
CA ALA D 167 -11.14 -32.38 10.00
C ALA D 167 -10.89 -33.45 8.94
N LEU D 168 -11.81 -33.53 7.99
CA LEU D 168 -11.76 -34.46 6.87
C LEU D 168 -11.65 -33.64 5.59
N ILE D 169 -10.51 -33.74 4.93
CA ILE D 169 -10.21 -32.95 3.73
C ILE D 169 -10.33 -33.88 2.53
N ILE D 170 -11.20 -33.54 1.59
CA ILE D 170 -11.53 -34.39 0.46
C ILE D 170 -11.19 -33.64 -0.81
N ARG D 171 -10.13 -34.06 -1.49
CA ARG D 171 -9.66 -33.42 -2.72
C ARG D 171 -10.44 -34.00 -3.89
N LEU D 172 -11.39 -33.23 -4.41
CA LEU D 172 -12.29 -33.70 -5.46
C LEU D 172 -11.66 -33.56 -6.84
N ALA D 173 -11.94 -34.52 -7.71
CA ALA D 173 -11.63 -34.40 -9.13
C ALA D 173 -12.66 -33.46 -9.75
N ASN D 174 -12.71 -33.42 -11.08
CA ASN D 174 -13.78 -32.69 -11.76
C ASN D 174 -15.11 -33.38 -11.49
N ILE D 175 -16.06 -32.66 -10.91
CA ILE D 175 -17.35 -33.22 -10.53
C ILE D 175 -18.42 -32.66 -11.47
N ILE D 176 -19.26 -33.55 -12.00
CA ILE D 176 -20.26 -33.17 -12.99
C ILE D 176 -21.60 -33.83 -12.64
N GLY D 177 -22.67 -33.16 -13.05
CA GLY D 177 -24.00 -33.68 -12.86
C GLY D 177 -25.03 -32.57 -12.89
N LYS D 178 -26.28 -32.96 -12.61
CA LYS D 178 -27.38 -32.00 -12.63
C LYS D 178 -27.12 -30.84 -11.67
N ARG D 179 -27.54 -29.65 -12.09
CA ARG D 179 -27.44 -28.37 -11.37
C ARG D 179 -26.11 -27.66 -11.51
N SER D 180 -25.13 -28.23 -12.22
CA SER D 180 -23.87 -27.52 -12.42
C SER D 180 -24.06 -26.33 -13.36
N ASN D 181 -23.67 -25.14 -12.91
CA ASN D 181 -23.72 -23.93 -13.72
C ASN D 181 -22.33 -23.44 -14.12
N HIS D 182 -21.34 -24.34 -14.09
CA HIS D 182 -19.98 -24.03 -14.49
C HIS D 182 -19.37 -25.30 -15.09
N GLY D 183 -18.24 -25.13 -15.76
CA GLY D 183 -17.49 -26.25 -16.32
C GLY D 183 -17.57 -26.33 -17.83
N VAL D 184 -16.92 -27.37 -18.35
CA VAL D 184 -16.71 -27.48 -19.79
C VAL D 184 -17.94 -28.02 -20.51
N ILE D 185 -18.66 -28.98 -19.91
CA ILE D 185 -19.88 -29.48 -20.54
C ILE D 185 -20.93 -28.38 -20.59
N TYR D 186 -21.14 -27.72 -19.45
CA TYR D 186 -22.04 -26.57 -19.38
C TYR D 186 -21.73 -25.55 -20.48
N ASP D 187 -20.47 -25.15 -20.58
CA ASP D 187 -20.09 -24.10 -21.51
C ASP D 187 -20.19 -24.57 -22.96
N PHE D 188 -19.87 -25.84 -23.22
CA PHE D 188 -20.04 -26.37 -24.58
C PHE D 188 -21.51 -26.39 -24.98
N ILE D 189 -22.38 -26.84 -24.08
CA ILE D 189 -23.81 -26.90 -24.39
C ILE D 189 -24.37 -25.51 -24.66
N ASN D 190 -24.00 -24.51 -23.86
CA ASN D 190 -24.54 -23.19 -24.15
C ASN D 190 -23.88 -22.55 -25.37
N LYS D 191 -22.59 -22.83 -25.62
CA LYS D 191 -21.97 -22.40 -26.86
C LYS D 191 -22.74 -22.93 -28.06
N LEU D 192 -23.13 -24.20 -28.01
CA LEU D 192 -23.88 -24.81 -29.10
C LEU D 192 -25.36 -24.38 -29.09
N LYS D 193 -25.88 -23.91 -27.95
CA LYS D 193 -27.18 -23.24 -27.97
C LYS D 193 -27.11 -21.94 -28.77
N ALA D 194 -26.04 -21.15 -28.58
CA ALA D 194 -25.97 -19.86 -29.25
C ALA D 194 -25.63 -19.99 -30.73
N ASN D 195 -24.80 -20.97 -31.09
CA ASN D 195 -24.51 -21.27 -32.48
C ASN D 195 -24.24 -22.77 -32.57
N PRO D 196 -25.16 -23.57 -33.14
CA PRO D 196 -24.93 -25.03 -33.19
C PRO D 196 -23.93 -25.45 -34.25
N ASN D 197 -23.48 -24.55 -35.11
CA ASN D 197 -22.66 -24.90 -36.26
C ASN D 197 -21.18 -24.94 -35.94
N GLU D 198 -20.76 -24.24 -34.90
CA GLU D 198 -19.35 -24.08 -34.57
C GLU D 198 -19.17 -24.26 -33.07
N LEU D 199 -17.98 -24.72 -32.68
CA LEU D 199 -17.63 -24.88 -31.27
C LEU D 199 -16.22 -24.36 -31.06
N GLU D 200 -16.10 -23.24 -30.34
CA GLU D 200 -14.80 -22.76 -29.91
C GLU D 200 -14.38 -23.56 -28.68
N ILE D 201 -13.31 -24.34 -28.80
CA ILE D 201 -12.80 -25.17 -27.72
C ILE D 201 -11.55 -24.49 -27.18
N LEU D 202 -11.55 -24.21 -25.88
CA LEU D 202 -10.40 -23.55 -25.27
C LEU D 202 -9.25 -24.53 -25.13
N GLY D 203 -8.07 -24.11 -25.60
CA GLY D 203 -6.90 -24.96 -25.59
C GLY D 203 -6.75 -25.74 -26.89
N ASP D 204 -6.04 -26.86 -26.78
CA ASP D 204 -5.81 -27.75 -27.91
C ASP D 204 -6.68 -29.00 -27.87
N GLY D 205 -7.57 -29.11 -26.88
CA GLY D 205 -8.46 -30.23 -26.79
C GLY D 205 -7.89 -31.50 -26.20
N THR D 206 -6.61 -31.50 -25.81
CA THR D 206 -5.94 -32.70 -25.33
C THR D 206 -5.89 -32.80 -23.81
N GLN D 207 -6.41 -31.81 -23.10
CA GLN D 207 -6.43 -31.84 -21.63
C GLN D 207 -7.21 -33.05 -21.14
N ARG D 208 -6.56 -33.90 -20.35
CA ARG D 208 -7.13 -35.17 -19.90
C ARG D 208 -7.30 -35.16 -18.39
N LYS D 209 -8.52 -35.38 -17.91
CA LYS D 209 -8.84 -35.23 -16.50
C LYS D 209 -9.79 -36.32 -16.05
N SER D 210 -9.78 -36.59 -14.74
CA SER D 210 -10.65 -37.57 -14.12
C SER D 210 -11.95 -36.89 -13.72
N TYR D 211 -13.07 -37.39 -14.23
CA TYR D 211 -14.38 -36.84 -13.95
C TYR D 211 -15.22 -37.81 -13.13
N LEU D 212 -15.89 -37.27 -12.10
CA LEU D 212 -16.77 -38.03 -11.23
C LEU D 212 -18.18 -37.47 -11.36
N HIS D 213 -19.16 -38.35 -11.55
CA HIS D 213 -20.55 -37.90 -11.53
C HIS D 213 -20.95 -37.54 -10.11
N ILE D 214 -21.86 -36.57 -10.00
CA ILE D 214 -22.23 -36.05 -8.68
C ILE D 214 -22.80 -37.15 -7.80
N SER D 215 -23.42 -38.17 -8.39
CA SER D 215 -23.97 -39.27 -7.59
C SER D 215 -22.87 -40.04 -6.87
N ASP D 216 -21.88 -40.51 -7.61
CA ASP D 216 -20.73 -41.16 -6.97
C ASP D 216 -19.99 -40.20 -6.06
N THR D 217 -19.92 -38.92 -6.42
CA THR D 217 -19.22 -37.95 -5.58
C THR D 217 -19.85 -37.86 -4.20
N ILE D 218 -21.18 -37.79 -4.13
CA ILE D 218 -21.84 -37.70 -2.82
C ILE D 218 -21.78 -39.04 -2.11
N ASP D 219 -21.92 -40.14 -2.86
CA ASP D 219 -21.73 -41.45 -2.25
C ASP D 219 -20.39 -41.51 -1.54
N GLY D 220 -19.35 -41.01 -2.20
CA GLY D 220 -18.03 -41.03 -1.60
C GLY D 220 -17.90 -40.09 -0.43
N ILE D 221 -18.48 -38.88 -0.54
CA ILE D 221 -18.42 -37.94 0.57
C ILE D 221 -19.03 -38.56 1.82
N MET D 222 -20.19 -39.20 1.68
CA MET D 222 -20.84 -39.79 2.86
C MET D 222 -20.09 -41.03 3.35
N LYS D 223 -19.58 -41.85 2.43
CA LYS D 223 -18.80 -43.01 2.82
C LYS D 223 -17.58 -42.59 3.64
N LEU D 224 -16.88 -41.57 3.16
CA LEU D 224 -15.71 -41.05 3.85
C LEU D 224 -16.07 -40.40 5.19
N PHE D 225 -17.15 -39.62 5.23
CA PHE D 225 -17.58 -39.01 6.48
C PHE D 225 -17.88 -40.08 7.53
N GLU D 226 -18.57 -41.14 7.11
CA GLU D 226 -18.87 -42.26 7.99
C GLU D 226 -17.59 -42.91 8.50
N HIS D 227 -16.67 -43.25 7.58
CA HIS D 227 -15.41 -43.86 7.96
C HIS D 227 -14.61 -42.97 8.91
N PHE D 228 -14.59 -41.67 8.62
CA PHE D 228 -13.83 -40.71 9.43
C PHE D 228 -14.39 -40.58 10.83
N LEU D 229 -15.73 -40.55 10.94
CA LEU D 229 -16.34 -40.54 12.27
C LEU D 229 -15.98 -41.80 13.05
N ASN D 230 -15.98 -42.95 12.38
CA ASN D 230 -15.60 -44.17 13.09
C ASN D 230 -14.08 -44.32 13.27
N GLY D 231 -13.28 -43.52 12.58
CA GLY D 231 -11.84 -43.60 12.69
C GLY D 231 -11.31 -42.71 13.82
N GLU D 232 -9.99 -42.71 13.95
CA GLU D 232 -9.30 -41.92 14.98
C GLU D 232 -8.53 -40.74 14.41
N GLU D 233 -8.43 -40.62 13.09
CA GLU D 233 -7.54 -39.63 12.51
C GLU D 233 -8.03 -38.23 12.88
N ARG D 234 -7.14 -37.43 13.47
CA ARG D 234 -7.48 -36.03 13.75
C ARG D 234 -7.71 -35.25 12.46
N VAL D 235 -6.84 -35.45 11.49
CA VAL D 235 -6.95 -34.85 10.15
C VAL D 235 -6.65 -35.94 9.15
N ASP D 236 -7.53 -36.10 8.16
CA ASP D 236 -7.41 -37.15 7.17
C ASP D 236 -7.63 -36.55 5.80
N PHE D 237 -6.85 -37.03 4.84
CA PHE D 237 -6.87 -36.52 3.47
C PHE D 237 -7.30 -37.64 2.55
N TYR D 238 -8.29 -37.37 1.71
CA TYR D 238 -8.78 -38.34 0.73
C TYR D 238 -8.93 -37.66 -0.62
N ASN D 239 -8.47 -38.34 -1.66
CA ASN D 239 -8.84 -37.99 -3.02
C ASN D 239 -10.24 -38.52 -3.34
N LEU D 240 -10.91 -37.86 -4.28
CA LEU D 240 -12.18 -38.36 -4.80
C LEU D 240 -12.22 -38.00 -6.28
N GLY D 241 -11.97 -39.01 -7.13
CA GLY D 241 -12.02 -38.86 -8.56
C GLY D 241 -12.41 -40.17 -9.21
N ASN D 242 -12.27 -40.28 -10.53
CA ASN D 242 -12.59 -41.50 -11.23
C ASN D 242 -11.35 -42.36 -11.44
N GLU D 243 -11.59 -43.59 -11.91
CA GLU D 243 -10.51 -44.52 -12.18
C GLU D 243 -9.77 -44.13 -13.47
N ASP D 244 -10.42 -43.40 -14.37
CA ASP D 244 -9.85 -43.11 -15.68
C ASP D 244 -9.96 -41.61 -15.95
N TRP D 245 -9.83 -41.23 -17.22
CA TRP D 245 -9.93 -39.82 -17.62
C TRP D 245 -10.33 -39.74 -19.09
N ILE D 246 -10.56 -38.50 -19.53
CA ILE D 246 -11.10 -38.22 -20.85
C ILE D 246 -10.62 -36.85 -21.30
N THR D 247 -10.45 -36.69 -22.61
CA THR D 247 -9.92 -35.45 -23.16
C THR D 247 -11.04 -34.43 -23.39
N VAL D 248 -10.63 -33.16 -23.55
CA VAL D 248 -11.58 -32.10 -23.86
C VAL D 248 -12.23 -32.32 -25.22
N LYS D 249 -11.48 -32.83 -26.19
CA LYS D 249 -12.07 -33.06 -27.51
C LYS D 249 -13.09 -34.19 -27.45
N GLU D 250 -12.82 -35.22 -26.65
CA GLU D 250 -13.81 -36.29 -26.49
C GLU D 250 -15.05 -35.78 -25.78
N ILE D 251 -14.90 -34.86 -24.83
CA ILE D 251 -16.07 -34.25 -24.20
C ILE D 251 -16.85 -33.42 -25.20
N ALA D 252 -16.15 -32.64 -26.03
CA ALA D 252 -16.83 -31.90 -27.08
C ALA D 252 -17.59 -32.83 -28.00
N GLU D 253 -16.98 -33.97 -28.36
CA GLU D 253 -17.66 -34.90 -29.25
C GLU D 253 -18.88 -35.54 -28.58
N ILE D 254 -18.78 -35.91 -27.31
CA ILE D 254 -19.97 -36.47 -26.65
C ILE D 254 -21.07 -35.42 -26.57
N VAL D 255 -20.71 -34.16 -26.28
CA VAL D 255 -21.72 -33.11 -26.19
C VAL D 255 -22.38 -32.89 -27.55
N SER D 256 -21.58 -32.88 -28.62
CA SER D 256 -22.13 -32.77 -29.97
C SER D 256 -23.02 -33.96 -30.29
N GLU D 257 -22.54 -35.17 -30.01
CA GLU D 257 -23.31 -36.39 -30.24
C GLU D 257 -24.69 -36.29 -29.60
N GLU D 258 -24.73 -35.93 -28.31
CA GLU D 258 -25.98 -35.93 -27.57
C GLU D 258 -26.90 -34.78 -27.98
N MET D 259 -26.36 -33.70 -28.53
CA MET D 259 -27.19 -32.63 -29.06
C MET D 259 -27.63 -32.88 -30.50
N ASN D 260 -27.28 -34.04 -31.07
CA ASN D 260 -27.57 -34.35 -32.46
C ASN D 260 -27.05 -33.28 -33.41
N LEU D 261 -25.90 -32.70 -33.06
CA LEU D 261 -25.16 -31.82 -33.93
C LEU D 261 -23.83 -32.47 -34.27
N ASN D 262 -23.22 -32.00 -35.35
CA ASN D 262 -21.86 -32.37 -35.73
C ASN D 262 -21.17 -31.08 -36.15
N PRO D 263 -20.89 -30.21 -35.20
CA PRO D 263 -20.40 -28.86 -35.52
C PRO D 263 -18.93 -28.84 -35.91
N ARG D 264 -18.49 -27.65 -36.33
CA ARG D 264 -17.12 -27.41 -36.72
C ARG D 264 -16.27 -27.08 -35.49
N PHE D 265 -15.27 -27.91 -35.21
CA PHE D 265 -14.36 -27.64 -34.09
C PHE D 265 -13.41 -26.52 -34.45
N LYS D 266 -13.31 -25.51 -33.57
CA LYS D 266 -12.38 -24.39 -33.73
C LYS D 266 -11.59 -24.25 -32.43
N PHE D 267 -10.39 -24.81 -32.40
CA PHE D 267 -9.56 -24.74 -31.21
C PHE D 267 -8.78 -23.43 -31.18
N THR D 268 -8.70 -22.82 -30.00
CA THR D 268 -7.99 -21.55 -29.87
C THR D 268 -6.49 -21.75 -29.64
N GLY D 269 -6.03 -22.98 -29.47
CA GLY D 269 -4.63 -23.27 -29.28
C GLY D 269 -4.09 -23.02 -27.89
N GLY D 270 -4.74 -22.17 -27.09
CA GLY D 270 -4.44 -22.05 -25.68
C GLY D 270 -3.15 -21.27 -25.39
N VAL D 271 -2.62 -21.50 -24.20
CA VAL D 271 -1.40 -20.86 -23.72
C VAL D 271 -0.60 -21.87 -22.91
N ASP D 272 0.63 -21.50 -22.57
CA ASP D 272 1.54 -22.35 -21.82
C ASP D 272 1.53 -23.78 -22.36
N GLY D 273 1.35 -23.93 -23.67
CA GLY D 273 1.40 -25.23 -24.31
C GLY D 273 0.02 -25.83 -24.49
N GLY D 274 -0.96 -24.99 -24.81
CA GLY D 274 -2.29 -25.46 -25.11
C GLY D 274 -3.25 -25.52 -23.94
N ARG D 275 -2.88 -24.98 -22.79
CA ARG D 275 -3.83 -24.91 -21.68
C ARG D 275 -5.02 -24.03 -22.06
N GLY D 276 -6.16 -24.31 -21.43
CA GLY D 276 -7.33 -23.47 -21.64
C GLY D 276 -7.17 -22.07 -21.10
N TRP D 277 -6.38 -21.91 -20.04
CA TRP D 277 -6.12 -20.58 -19.47
C TRP D 277 -4.89 -20.67 -18.58
N LYS D 278 -4.40 -19.50 -18.17
CA LYS D 278 -3.34 -19.41 -17.17
C LYS D 278 -3.69 -20.20 -15.92
N GLY D 279 -2.88 -21.23 -15.64
CA GLY D 279 -3.05 -22.04 -14.44
C GLY D 279 -3.89 -23.28 -14.60
N ASP D 280 -4.33 -23.61 -15.81
CA ASP D 280 -5.14 -24.81 -16.05
C ASP D 280 -4.25 -26.03 -16.17
N VAL D 281 -4.28 -26.90 -15.15
CA VAL D 281 -3.52 -28.14 -15.22
C VAL D 281 -4.02 -28.97 -16.40
N LYS D 282 -3.08 -29.60 -17.12
CA LYS D 282 -3.40 -30.30 -18.36
C LYS D 282 -3.82 -31.75 -18.13
N LEU D 283 -3.13 -32.48 -17.25
CA LEU D 283 -3.46 -33.87 -16.95
C LEU D 283 -3.77 -34.00 -15.47
N MET D 284 -4.90 -34.63 -15.16
CA MET D 284 -5.30 -34.88 -13.78
C MET D 284 -5.87 -36.28 -13.68
N LEU D 285 -5.40 -37.03 -12.69
CA LEU D 285 -5.94 -38.36 -12.41
C LEU D 285 -5.51 -38.71 -11.00
N LEU D 286 -6.45 -38.71 -10.06
CA LEU D 286 -6.16 -38.92 -8.66
C LEU D 286 -6.21 -40.41 -8.31
N SER D 287 -5.26 -40.84 -7.48
CA SER D 287 -5.32 -42.18 -6.91
C SER D 287 -6.44 -42.25 -5.87
N ILE D 288 -7.41 -43.11 -6.12
CA ILE D 288 -8.57 -43.26 -5.25
C ILE D 288 -8.53 -44.59 -4.50
N GLU D 289 -7.35 -45.21 -4.39
CA GLU D 289 -7.20 -46.44 -3.62
C GLU D 289 -7.58 -46.24 -2.16
N LYS D 290 -7.11 -45.15 -1.56
CA LYS D 290 -7.43 -44.88 -0.16
C LYS D 290 -8.93 -44.73 0.03
N ALA D 291 -9.60 -44.08 -0.93
CA ALA D 291 -11.05 -43.97 -0.87
C ALA D 291 -11.71 -45.34 -0.98
N LYS D 292 -11.12 -46.22 -1.81
CA LYS D 292 -11.67 -47.56 -2.00
C LYS D 292 -11.48 -48.44 -0.78
N ARG D 293 -10.52 -48.14 0.10
CA ARG D 293 -10.42 -48.96 1.31
C ARG D 293 -11.66 -48.83 2.18
N THR D 294 -12.48 -47.81 1.97
CA THR D 294 -13.73 -47.65 2.71
C THR D 294 -14.88 -48.43 2.08
N GLY D 295 -14.65 -49.05 0.93
CA GLY D 295 -15.68 -49.74 0.19
C GLY D 295 -16.23 -48.95 -0.99
N TRP D 296 -16.09 -47.63 -0.97
CA TRP D 296 -16.62 -46.82 -2.05
C TRP D 296 -15.98 -47.23 -3.38
N LYS D 297 -16.73 -47.00 -4.48
CA LYS D 297 -16.23 -47.16 -5.83
C LYS D 297 -17.19 -46.47 -6.79
N PRO D 298 -16.69 -45.76 -7.80
CA PRO D 298 -17.60 -45.16 -8.79
C PRO D 298 -18.32 -46.23 -9.59
N ARG D 299 -19.63 -46.09 -9.70
CA ARG D 299 -20.39 -46.99 -10.57
C ARG D 299 -20.32 -46.53 -12.03
N MET D 300 -19.83 -45.32 -12.27
CA MET D 300 -19.62 -44.80 -13.61
C MET D 300 -18.16 -44.39 -13.79
N ASN D 301 -17.67 -44.56 -15.01
CA ASN D 301 -16.36 -44.08 -15.41
C ASN D 301 -16.52 -42.67 -15.98
N SER D 302 -15.40 -42.06 -16.37
CA SER D 302 -15.43 -40.66 -16.80
C SER D 302 -16.33 -40.47 -18.03
N TYR D 303 -16.23 -41.39 -19.00
CA TYR D 303 -17.04 -41.26 -20.22
C TYR D 303 -18.52 -41.43 -19.92
N GLU D 304 -18.86 -42.44 -19.12
CA GLU D 304 -20.25 -42.64 -18.71
C GLU D 304 -20.76 -41.43 -17.94
N ALA D 305 -19.95 -40.91 -17.02
CA ALA D 305 -20.37 -39.74 -16.25
C ALA D 305 -20.65 -38.55 -17.16
N VAL D 306 -19.77 -38.31 -18.14
CA VAL D 306 -19.95 -37.19 -19.05
C VAL D 306 -21.24 -37.36 -19.86
N ARG D 307 -21.47 -38.55 -20.38
CA ARG D 307 -22.68 -38.77 -21.18
C ARG D 307 -23.93 -38.59 -20.33
N LYS D 308 -23.95 -39.19 -19.13
CA LYS D 308 -25.08 -39.05 -18.23
C LYS D 308 -25.31 -37.58 -17.88
N THR D 309 -24.23 -36.84 -17.66
CA THR D 309 -24.35 -35.42 -17.34
C THR D 309 -25.00 -34.66 -18.49
N VAL D 310 -24.52 -34.89 -19.72
CA VAL D 310 -25.10 -34.18 -20.85
C VAL D 310 -26.58 -34.49 -20.97
N ARG D 311 -26.96 -35.77 -20.87
CA ARG D 311 -28.37 -36.11 -21.01
C ARG D 311 -29.21 -35.45 -19.93
N GLU D 312 -28.87 -35.71 -18.66
CA GLU D 312 -29.58 -35.08 -17.54
C GLU D 312 -29.76 -33.59 -17.76
N MET D 313 -28.70 -32.92 -18.21
CA MET D 313 -28.80 -31.48 -18.42
C MET D 313 -29.77 -31.17 -19.56
N LEU D 314 -29.79 -32.00 -20.59
CA LEU D 314 -30.65 -31.74 -21.73
C LEU D 314 -32.12 -31.97 -21.40
N GLU D 315 -32.41 -32.72 -20.34
CA GLU D 315 -33.81 -32.83 -19.91
C GLU D 315 -34.38 -31.45 -19.58
N GLU D 316 -33.59 -30.59 -18.94
CA GLU D 316 -34.00 -29.22 -18.65
C GLU D 316 -33.78 -28.33 -19.87
PA NAD E . -18.48 25.20 -9.76
O1A NAD E . -17.99 26.60 -9.97
O2A NAD E . -19.69 24.77 -10.50
O5B NAD E . -18.66 24.92 -8.19
C5B NAD E . -17.76 25.58 -7.27
C4B NAD E . -18.55 26.45 -6.32
O4B NAD E . -17.67 27.38 -5.65
C3B NAD E . -19.65 27.31 -6.98
O3B NAD E . -20.90 27.08 -6.32
C2B NAD E . -19.16 28.74 -6.75
O2B NAD E . -20.16 29.71 -6.64
C1B NAD E . -18.39 28.57 -5.44
N9A NAD E . -17.50 29.68 -5.14
C8A NAD E . -16.71 30.35 -6.03
N7A NAD E . -16.02 31.33 -5.51
C5A NAD E . -16.40 31.32 -4.17
C6A NAD E . -16.02 32.12 -3.08
N6A NAD E . -15.14 33.12 -3.17
N1A NAD E . -16.58 31.85 -1.87
C2A NAD E . -17.46 30.85 -1.80
N3A NAD E . -17.89 30.03 -2.75
C4A NAD E . -17.31 30.32 -3.93
O3 NAD E . -17.28 24.19 -10.07
PN NAD E . -17.27 22.60 -9.90
O1N NAD E . -17.03 21.99 -11.24
O2N NAD E . -18.49 22.20 -9.13
O5D NAD E . -15.98 22.38 -8.96
C5D NAD E . -16.23 21.92 -7.61
C4D NAD E . -14.93 21.63 -6.91
O4D NAD E . -14.32 20.47 -7.53
C3D NAD E . -13.87 22.75 -7.00
O3D NAD E . -13.03 22.74 -5.85
C2D NAD E . -13.09 22.35 -8.26
O2D NAD E . -11.78 22.88 -8.33
C1D NAD E . -13.03 20.83 -8.03
N1N NAD E . -12.76 20.03 -9.22
C2N NAD E . -13.60 20.09 -10.31
C3N NAD E . -13.33 19.32 -11.43
C7N NAD E . -14.19 19.34 -12.66
O7N NAD E . -13.86 18.66 -13.64
N7N NAD E . -15.28 20.10 -12.67
C4N NAD E . -12.21 18.50 -11.46
C5N NAD E . -11.36 18.45 -10.37
C6N NAD E . -11.65 19.22 -9.25
O1P GFB F . -13.16 20.64 -20.36
P GFB F . -11.93 21.45 -20.10
O3P GFB F . -12.10 22.89 -19.74
O2P GFB F . -11.09 20.72 -18.95
O5' GFB F . -10.94 21.31 -21.36
P1 GFB F . -9.70 21.04 -18.23
C5' GFB F . -10.54 19.96 -21.69
C4' GFB F . -9.65 19.94 -22.92
O4' GFB F . -10.37 20.44 -24.08
C3' GFB F . -8.40 20.84 -22.85
C1' GFB F . -9.65 21.52 -24.63
O3' GFB F . -7.41 20.36 -23.74
C2' GFB F . -8.97 22.15 -23.42
O2' GFB F . -7.99 23.11 -23.74
N9 GFB F . -10.56 22.37 -25.39
C8 GFB F . -10.63 22.45 -26.75
C4 GFB F . -11.49 23.26 -24.90
N7 GFB F . -11.52 23.32 -27.18
C5 GFB F . -12.08 23.83 -26.02
C6 GFB F . -13.10 24.80 -25.85
O6 GFB F . -13.73 25.40 -26.73
N1 GFB F . -13.36 25.03 -24.50
C2 GFB F . -12.72 24.42 -23.46
N2 GFB F . -13.10 24.77 -22.22
N3 GFB F . -11.76 23.51 -23.60
C1 GFB F . -10.62 20.86 -15.72
C2A GFB F . -10.98 21.82 -14.60
O1 GFB F . -10.16 21.64 -16.81
O5 GFB F . -9.57 19.98 -15.35
C3 GFB F . -11.14 21.13 -13.26
O2 GFB F . -12.20 22.49 -14.92
C4A GFB F . -9.97 20.20 -13.00
O3 GFB F . -11.24 22.09 -12.20
C5A GFB F . -9.86 19.22 -14.16
O4 GFB F . -8.75 20.95 -12.90
C6A GFB F . -8.76 18.20 -13.98
O1X GFB F . -8.94 19.78 -17.99
O2X GFB F . -9.01 22.13 -18.99
PA NAD G . 16.58 34.28 8.43
O1A NAD G . 15.30 34.68 9.09
O2A NAD G . 17.83 34.51 9.21
O5B NAD G . 16.70 35.02 7.02
C5B NAD G . 15.48 35.33 6.29
C4B NAD G . 15.40 36.82 6.08
O4B NAD G . 14.07 37.17 5.62
C3B NAD G . 15.63 37.70 7.33
O3B NAD G . 16.61 38.70 7.08
C2B NAD G . 14.27 38.36 7.57
O2B NAD G . 14.35 39.62 8.19
C1B NAD G . 13.75 38.44 6.14
N9A NAD G . 12.34 38.67 6.02
C8A NAD G . 11.35 38.18 6.84
N7A NAD G . 10.14 38.56 6.49
C5A NAD G . 10.35 39.36 5.37
C6A NAD G . 9.46 40.06 4.54
N6A NAD G . 8.14 40.08 4.72
N1A NAD G . 9.99 40.76 3.51
C2A NAD G . 11.32 40.74 3.34
N3A NAD G . 12.25 40.12 4.05
C4A NAD G . 11.70 39.43 5.07
O3 NAD G . 16.54 32.74 8.01
PN NAD G . 17.57 31.80 7.23
O1N NAD G . 18.05 30.77 8.20
O2N NAD G . 18.59 32.67 6.56
O5D NAD G . 16.65 31.09 6.13
C5D NAD G . 16.86 31.38 4.73
C4D NAD G . 15.97 30.49 3.87
O4D NAD G . 16.40 29.12 3.98
C3D NAD G . 14.49 30.49 4.24
O3D NAD G . 13.66 30.27 3.10
C2D NAD G . 14.39 29.29 5.20
O2D NAD G . 13.08 28.76 5.34
C1D NAD G . 15.31 28.32 4.45
N1N NAD G . 15.84 27.21 5.26
C2N NAD G . 16.59 27.46 6.38
C3N NAD G . 17.07 26.40 7.14
C7N NAD G . 17.90 26.58 8.38
O7N NAD G . 18.22 25.58 9.05
N7N NAD G . 18.27 27.81 8.73
C4N NAD G . 16.81 25.10 6.75
C5N NAD G . 16.05 24.86 5.63
C6N NAD G . 15.57 25.92 4.89
O1P GFB H . 17.17 23.84 15.59
P GFB H . 15.69 23.66 15.51
O3P GFB H . 14.82 24.81 15.84
O2P GFB H . 15.33 23.14 14.03
O5' GFB H . 15.26 22.38 16.40
P1 GFB H . 13.96 22.74 13.29
C5' GFB H . 15.90 21.13 16.05
C4' GFB H . 15.49 20.02 17.00
O4' GFB H . 15.94 20.36 18.34
C3' GFB H . 13.97 19.78 17.15
C1' GFB H . 14.82 20.37 19.21
O3' GFB H . 13.73 18.44 17.56
C2' GFB H . 13.67 20.77 18.27
O2' GFB H . 12.39 20.62 18.85
N9 GFB H . 15.06 21.25 20.34
C8 GFB H . 15.34 20.83 21.61
C4 GFB H . 15.04 22.62 20.38
N7 GFB H . 15.51 21.81 22.46
C5 GFB H . 15.32 22.96 21.69
C6 GFB H . 15.39 24.32 22.07
O6 GFB H . 15.63 24.80 23.18
N1 GFB H . 15.14 25.16 20.98
C2 GFB H . 14.87 24.75 19.70
N2 GFB H . 14.66 25.70 18.79
N3 GFB H . 14.81 23.46 19.34
C1 GFB H . 14.33 24.23 11.14
C2A GFB H . 13.77 25.51 10.52
O1 GFB H . 13.65 24.00 12.35
O5 GFB H . 14.10 23.10 10.31
C3 GFB H . 14.18 25.67 9.07
O2 GFB H . 14.26 26.64 11.27
C4A GFB H . 13.94 24.39 8.29
O3 GFB H . 13.44 26.74 8.47
C5A GFB H . 14.66 23.24 8.98
O4 GFB H . 12.54 24.11 8.24
C6A GFB H . 14.52 21.92 8.29
O1X GFB H . 14.21 21.56 12.43
O2X GFB H . 12.89 22.64 14.32
PA NAD I . 12.01 -11.04 13.31
O1A NAD I . 10.71 -10.75 13.98
O2A NAD I . 13.25 -10.66 14.02
O5B NAD I . 12.02 -10.40 11.83
C5B NAD I . 10.79 -10.29 11.08
C4B NAD I . 10.56 -8.83 10.74
O4B NAD I . 9.21 -8.64 10.25
C3B NAD I . 10.71 -7.84 11.92
O3B NAD I . 11.62 -6.80 11.57
C2B NAD I . 9.30 -7.27 12.08
O2B NAD I . 9.29 -5.95 12.58
C1B NAD I . 8.80 -7.35 10.64
N9A NAD I . 7.36 -7.24 10.49
C8A NAD I . 6.38 -7.73 11.31
N7A NAD I . 5.17 -7.45 10.90
C5A NAD I . 5.36 -6.72 9.73
C6A NAD I . 4.47 -6.14 8.82
N6A NAD I . 3.15 -6.19 8.95
N1A NAD I . 5.00 -5.48 7.76
C2A NAD I . 6.33 -5.43 7.64
N3A NAD I . 7.27 -5.95 8.42
C4A NAD I . 6.72 -6.59 9.47
O3 NAD I . 12.08 -12.59 12.93
PN NAD I . 13.21 -13.43 12.15
O1N NAD I . 13.76 -14.46 13.08
O2N NAD I . 14.18 -12.46 11.54
O5D NAD I . 12.37 -14.14 10.98
C5D NAD I . 12.64 -13.75 9.60
C4D NAD I . 11.86 -14.62 8.65
O4D NAD I . 12.34 -15.98 8.75
C3D NAD I . 10.35 -14.70 8.89
O3D NAD I . 9.64 -14.92 7.67
C2D NAD I . 10.23 -15.93 9.79
O2D NAD I . 8.94 -16.52 9.80
C1D NAD I . 11.25 -16.84 9.10
N1N NAD I . 11.77 -17.93 9.94
C2N NAD I . 12.36 -17.66 11.15
C3N NAD I . 12.86 -18.71 11.92
C7N NAD I . 13.50 -18.48 13.26
O7N NAD I . 13.91 -19.47 13.91
N7N NAD I . 13.55 -17.26 13.75
C4N NAD I . 12.74 -20.01 11.47
C5N NAD I . 12.14 -20.27 10.26
C6N NAD I . 11.66 -19.23 9.50
O1P GFB J . 13.48 -21.52 20.32
P GFB J . 12.03 -21.86 20.16
O3P GFB J . 11.03 -20.78 20.42
O2P GFB J . 11.80 -22.45 18.69
O5' GFB J . 11.69 -23.14 21.07
P1 GFB J . 10.47 -23.00 17.97
C5' GFB J . 12.43 -24.35 20.81
C4' GFB J . 12.02 -25.46 21.74
O4' GFB J . 12.30 -25.09 23.11
C3' GFB J . 10.53 -25.82 21.76
C1' GFB J . 11.10 -25.16 23.86
O3' GFB J . 10.31 -27.15 22.23
C2' GFB J . 10.01 -24.85 22.84
O2' GFB J . 8.71 -25.09 23.29
N9 GFB J . 11.18 -24.29 25.02
C8 GFB J . 11.36 -24.70 26.31
C4 GFB J . 11.07 -22.92 25.05
N7 GFB J . 11.39 -23.71 27.17
C5 GFB J . 11.20 -22.58 26.38
C6 GFB J . 11.15 -21.21 26.75
O6 GFB J . 11.24 -20.73 27.90
N1 GFB J . 10.95 -20.39 25.65
C2 GFB J . 10.83 -20.82 24.36
N2 GFB J . 10.65 -19.87 23.42
N3 GFB J . 10.89 -22.10 23.99
C1 GFB J . 10.69 -21.52 15.77
C2A GFB J . 10.00 -20.30 15.19
O1 GFB J . 10.06 -21.79 16.99
O5 GFB J . 10.56 -22.65 14.93
C3 GFB J . 10.30 -20.08 13.72
O2 GFB J . 10.39 -19.14 15.94
C4A GFB J . 10.15 -21.38 12.95
O3 GFB J . 9.43 -19.08 13.20
C5A GFB J . 11.04 -22.44 13.59
O4 GFB J . 8.79 -21.80 12.99
C6A GFB J . 11.05 -23.76 12.87
O1X GFB J . 10.82 -24.18 17.13
O2X GFB J . 9.41 -23.16 19.00
PA NAD K . -20.97 -23.83 -6.54
O1A NAD K . -20.52 -22.42 -6.74
O2A NAD K . -22.10 -24.31 -7.39
O5B NAD K . -21.33 -24.04 -4.99
C5B NAD K . -20.59 -23.28 -4.00
C4B NAD K . -21.57 -22.39 -3.26
O4B NAD K . -20.83 -21.42 -2.48
C3B NAD K . -22.54 -21.58 -4.13
O3B NAD K . -23.88 -21.78 -3.73
C2B NAD K . -22.13 -20.13 -3.86
O2B NAD K . -23.18 -19.20 -3.97
C1B NAD K . -21.59 -20.24 -2.43
N9A NAD K . -20.77 -19.11 -2.03
C8A NAD K . -19.85 -18.46 -2.81
N7A NAD K . -19.27 -17.47 -2.19
C5A NAD K . -19.86 -17.45 -0.93
C6A NAD K . -19.67 -16.63 0.19
N6A NAD K . -18.80 -15.61 0.23
N1A NAD K . -20.42 -16.88 1.29
C2A NAD K . -21.29 -17.90 1.25
N3A NAD K . -21.55 -18.73 0.25
C4A NAD K . -20.79 -18.47 -0.82
O3 NAD K . -19.73 -24.82 -6.75
PN NAD K . -19.63 -26.41 -6.60
O1N NAD K . -19.31 -26.97 -7.94
O2N NAD K . -20.85 -26.91 -5.90
O5D NAD K . -18.37 -26.57 -5.62
C5D NAD K . -18.61 -27.05 -4.28
C4D NAD K . -17.28 -27.23 -3.58
O4D NAD K . -16.57 -28.33 -4.19
C3D NAD K . -16.33 -26.03 -3.65
O3D NAD K . -15.49 -25.95 -2.50
C2D NAD K . -15.53 -26.35 -4.92
O2D NAD K . -14.30 -25.65 -5.01
C1D NAD K . -15.32 -27.85 -4.70
N1N NAD K . -14.99 -28.61 -5.91
C2N NAD K . -15.86 -28.62 -6.98
C3N NAD K . -15.53 -29.32 -8.13
C7N NAD K . -16.40 -29.37 -9.34
O7N NAD K . -15.99 -29.95 -10.36
N7N NAD K . -17.60 -28.81 -9.30
C4N NAD K . -14.35 -30.05 -8.18
C5N NAD K . -13.49 -30.05 -7.09
C6N NAD K . -13.83 -29.33 -5.96
O1P GFB L . -14.99 -28.29 -16.87
P GFB L . -13.82 -27.40 -16.62
O3P GFB L . -14.06 -25.97 -16.31
O2P GFB L . -12.95 -28.04 -15.43
O5' GFB L . -12.79 -27.52 -17.86
P1 GFB L . -11.57 -27.53 -14.76
C5' GFB L . -12.31 -28.85 -18.17
C4' GFB L . -11.39 -28.82 -19.37
O4' GFB L . -12.12 -28.33 -20.53
C3' GFB L . -10.18 -27.89 -19.27
C1' GFB L . -11.44 -27.21 -21.05
O3' GFB L . -9.15 -28.30 -20.15
C2' GFB L . -10.79 -26.58 -19.81
O2' GFB L . -9.85 -25.58 -20.10
N9 GFB L . -12.35 -26.36 -21.79
C8 GFB L . -12.42 -26.26 -23.15
C4 GFB L . -13.31 -25.50 -21.29
N7 GFB L . -13.33 -25.40 -23.57
C5 GFB L . -13.90 -24.94 -22.39
C6 GFB L . -14.95 -24.00 -22.21
O6 GFB L . -15.59 -23.38 -23.08
N1 GFB L . -15.22 -23.79 -20.86
C2 GFB L . -14.58 -24.41 -19.82
N2 GFB L . -14.99 -24.09 -18.59
N3 GFB L . -13.60 -25.31 -19.99
C1 GFB L . -12.50 -27.63 -12.28
C2A GFB L . -13.02 -26.65 -11.23
O1 GFB L . -12.12 -26.88 -13.40
O5 GFB L . -11.39 -28.37 -11.81
C3 GFB L . -13.19 -27.30 -9.86
O2 GFB L . -14.27 -26.11 -11.67
C4A GFB L . -11.96 -28.10 -9.48
O3 GFB L . -13.46 -26.30 -8.88
C5A GFB L . -11.66 -29.10 -10.59
O4 GFB L . -10.84 -27.22 -9.32
C6A GFB L . -10.45 -29.97 -10.30
O1X GFB L . -10.70 -28.70 -14.44
O2X GFB L . -11.01 -26.44 -15.62
#